data_5M2I
#
_entry.id   5M2I
#
_cell.length_a   110.330
_cell.length_b   117.410
_cell.length_c   141.890
_cell.angle_alpha   90.00
_cell.angle_beta   90.00
_cell.angle_gamma   90.00
#
_symmetry.space_group_name_H-M   'P 21 21 21'
#
loop_
_entity.id
_entity.type
_entity.pdbx_description
1 polymer 'Tumor necrosis factor'
2 polymer VHH1
3 water water
#
loop_
_entity_poly.entity_id
_entity_poly.type
_entity_poly.pdbx_seq_one_letter_code
_entity_poly.pdbx_strand_id
1 'polypeptide(L)'
;VRSSSRTPSDKPVAHVVANPQAEGQLQWLNRRANALLANGVELRDNQLVVPSEGLYLIYSQVLFKGQGCPSTHVLLTHTI
SRIAVSYQTKVNLLSAIKSPCQRETPEGAEAKPWYEPIYLGGVFQLEKGDRLSAEINRPDYLDFAESGQVYFGIIAL
;
A,B,C,D,E,F
2 'polypeptide(L)'
;VQLVESGGGLVQAGGSLSLSCSASGRSLSNYYMGWFRQAPGKERELLGNISWRGYNIYYKDSVKGRFTISRDDAKNTIYL
QMNRLKPEDTAVYYCAASILPLSDDPGWNTYWGQGTQVTVS
;
G,H,I,J,K,L
#
# COMPACT_ATOMS: atom_id res chain seq x y z
N ASP A 10 13.51 -31.60 -5.19
CA ASP A 10 12.38 -31.92 -6.05
C ASP A 10 11.02 -31.38 -5.57
N LYS A 11 10.70 -31.66 -4.29
CA LYS A 11 9.46 -31.28 -3.66
C LYS A 11 9.58 -29.88 -3.07
N PRO A 12 8.49 -29.10 -3.06
CA PRO A 12 8.49 -27.79 -2.43
C PRO A 12 8.95 -27.84 -0.98
N VAL A 13 10.02 -27.08 -0.69
CA VAL A 13 10.69 -26.97 0.59
C VAL A 13 10.97 -25.55 0.98
N ALA A 14 11.09 -25.36 2.31
CA ALA A 14 11.45 -24.13 3.00
C ALA A 14 11.93 -24.51 4.40
N HIS A 15 12.95 -23.79 4.87
CA HIS A 15 13.50 -23.83 6.22
C HIS A 15 14.19 -22.49 6.38
N VAL A 16 13.41 -21.54 6.87
CA VAL A 16 13.84 -20.16 7.08
C VAL A 16 14.20 -19.94 8.52
N VAL A 17 15.19 -19.09 8.74
CA VAL A 17 15.76 -18.82 10.04
C VAL A 17 15.57 -17.34 10.44
N ALA A 18 15.58 -17.03 11.75
CA ALA A 18 15.44 -15.65 12.20
C ALA A 18 16.68 -14.83 11.83
N ASN A 19 16.45 -13.62 11.31
CA ASN A 19 17.48 -12.68 10.90
C ASN A 19 18.15 -12.13 12.16
N PRO A 20 19.46 -12.41 12.41
CA PRO A 20 20.12 -11.86 13.60
C PRO A 20 20.35 -10.34 13.51
N GLN A 21 20.39 -9.80 12.27
CA GLN A 21 20.55 -8.38 11.98
C GLN A 21 19.31 -7.56 12.36
N ALA A 22 18.09 -8.17 12.30
CA ALA A 22 16.83 -7.53 12.65
C ALA A 22 16.71 -7.46 14.18
N GLU A 23 16.80 -6.24 14.73
CA GLU A 23 16.75 -5.97 16.16
C GLU A 23 15.33 -6.01 16.74
N GLY A 24 15.18 -6.84 17.78
CA GLY A 24 13.96 -7.04 18.56
C GLY A 24 12.70 -7.42 17.80
N GLN A 25 12.86 -8.07 16.63
CA GLN A 25 11.74 -8.50 15.79
C GLN A 25 12.03 -9.82 15.07
N LEU A 26 10.96 -10.56 14.73
CA LEU A 26 11.07 -11.85 14.05
C LEU A 26 10.93 -11.73 12.53
N GLN A 27 12.08 -11.65 11.84
CA GLN A 27 12.16 -11.54 10.38
C GLN A 27 12.79 -12.81 9.82
N TRP A 28 12.03 -13.54 8.99
CA TRP A 28 12.46 -14.78 8.36
C TRP A 28 13.45 -14.55 7.24
N LEU A 29 14.50 -15.39 7.17
CA LEU A 29 15.57 -15.28 6.20
C LEU A 29 15.95 -16.66 5.64
N ASN A 30 16.18 -16.72 4.31
CA ASN A 30 16.58 -17.94 3.62
C ASN A 30 18.00 -17.86 3.04
N ARG A 31 18.48 -16.63 2.73
CA ARG A 31 19.81 -16.38 2.15
C ARG A 31 20.90 -16.54 3.22
N ARG A 32 21.05 -17.78 3.68
CA ARG A 32 21.99 -18.23 4.70
C ARG A 32 22.28 -19.70 4.46
N ALA A 33 23.45 -20.17 4.93
CA ALA A 33 23.83 -21.57 4.84
C ALA A 33 22.94 -22.34 5.84
N ASN A 34 22.57 -23.59 5.47
CA ASN A 34 21.70 -24.50 6.24
C ASN A 34 20.25 -23.98 6.37
N ALA A 35 19.81 -23.19 5.36
CA ALA A 35 18.49 -22.61 5.22
C ALA A 35 17.97 -22.95 3.82
N LEU A 36 16.66 -23.16 3.67
CA LEU A 36 16.05 -23.58 2.40
C LEU A 36 14.86 -22.73 2.01
N LEU A 37 14.64 -22.63 0.69
CA LEU A 37 13.54 -21.96 0.01
C LEU A 37 13.69 -22.36 -1.45
N ALA A 38 12.98 -23.42 -1.85
CA ALA A 38 13.09 -23.97 -3.20
C ALA A 38 11.83 -24.70 -3.69
N ASN A 39 11.81 -25.02 -5.01
CA ASN A 39 10.78 -25.76 -5.74
C ASN A 39 9.40 -25.11 -5.64
N GLY A 40 9.37 -23.80 -5.83
CA GLY A 40 8.13 -23.02 -5.83
C GLY A 40 7.83 -22.24 -4.56
N VAL A 41 8.34 -22.70 -3.39
CA VAL A 41 8.09 -22.01 -2.12
C VAL A 41 8.73 -20.63 -2.13
N GLU A 42 7.92 -19.62 -1.78
CA GLU A 42 8.35 -18.23 -1.75
C GLU A 42 8.17 -17.59 -0.39
N LEU A 43 9.02 -16.59 -0.08
CA LEU A 43 8.97 -15.84 1.17
C LEU A 43 8.59 -14.41 0.81
N ARG A 44 7.30 -14.08 1.01
CA ARG A 44 6.72 -12.78 0.71
C ARG A 44 6.12 -12.20 1.97
N ASP A 45 6.50 -10.95 2.31
CA ASP A 45 6.02 -10.21 3.48
C ASP A 45 6.10 -11.03 4.77
N ASN A 46 7.27 -11.69 4.97
CA ASN A 46 7.61 -12.53 6.11
C ASN A 46 6.77 -13.81 6.21
N GLN A 47 6.04 -14.17 5.14
CA GLN A 47 5.19 -15.35 5.09
C GLN A 47 5.68 -16.35 4.05
N LEU A 48 5.42 -17.64 4.28
CA LEU A 48 5.77 -18.65 3.30
C LEU A 48 4.57 -18.87 2.41
N VAL A 49 4.76 -18.78 1.09
CA VAL A 49 3.69 -18.94 0.09
C VAL A 49 3.70 -20.36 -0.46
N VAL A 50 2.56 -21.04 -0.38
CA VAL A 50 2.37 -22.41 -0.87
C VAL A 50 2.34 -22.41 -2.43
N PRO A 51 3.26 -23.14 -3.10
CA PRO A 51 3.25 -23.11 -4.58
C PRO A 51 2.22 -23.99 -5.27
N SER A 52 1.83 -25.09 -4.61
CA SER A 52 0.89 -26.07 -5.17
C SER A 52 0.05 -26.74 -4.09
N GLU A 53 -1.12 -27.25 -4.48
CA GLU A 53 -2.06 -27.97 -3.62
C GLU A 53 -1.40 -29.27 -3.15
N GLY A 54 -1.68 -29.65 -1.90
CA GLY A 54 -1.15 -30.88 -1.34
C GLY A 54 -0.92 -30.88 0.15
N LEU A 55 -0.41 -32.00 0.65
CA LEU A 55 -0.08 -32.19 2.06
C LEU A 55 1.30 -31.61 2.30
N TYR A 56 1.43 -30.87 3.40
CA TYR A 56 2.69 -30.26 3.80
C TYR A 56 2.93 -30.50 5.26
N LEU A 57 4.19 -30.80 5.60
CA LEU A 57 4.60 -30.88 6.99
C LEU A 57 5.06 -29.47 7.29
N ILE A 58 4.46 -28.85 8.29
CA ILE A 58 4.78 -27.47 8.68
C ILE A 58 5.37 -27.54 10.07
N TYR A 59 6.41 -26.75 10.33
CA TYR A 59 7.06 -26.74 11.62
C TYR A 59 7.70 -25.40 11.89
N SER A 60 7.90 -25.10 13.17
CA SER A 60 8.55 -23.88 13.61
C SER A 60 9.03 -24.02 15.02
N GLN A 61 10.16 -23.38 15.31
CA GLN A 61 10.67 -23.29 16.66
C GLN A 61 11.08 -21.88 16.94
N VAL A 62 10.83 -21.48 18.16
CA VAL A 62 11.12 -20.17 18.69
C VAL A 62 11.78 -20.40 20.08
N LEU A 63 12.74 -19.54 20.44
CA LEU A 63 13.43 -19.61 21.71
C LEU A 63 13.26 -18.25 22.36
N PHE A 64 12.71 -18.23 23.58
CA PHE A 64 12.52 -17.00 24.34
C PHE A 64 13.54 -16.93 25.45
N LYS A 65 13.99 -15.72 25.78
CA LYS A 65 14.95 -15.48 26.84
C LYS A 65 14.60 -14.17 27.54
N GLY A 66 14.78 -14.15 28.85
CA GLY A 66 14.56 -12.96 29.66
C GLY A 66 15.51 -12.95 30.82
N GLN A 67 15.64 -11.79 31.46
CA GLN A 67 16.53 -11.63 32.61
C GLN A 67 15.67 -11.31 33.82
N GLY A 68 15.45 -12.32 34.66
CA GLY A 68 14.59 -12.22 35.84
C GLY A 68 13.12 -12.22 35.48
N CYS A 69 12.26 -11.80 36.43
CA CYS A 69 10.81 -11.78 36.20
C CYS A 69 10.18 -10.42 36.44
N PRO A 70 9.35 -9.90 35.49
CA PRO A 70 8.74 -8.58 35.70
C PRO A 70 7.47 -8.65 36.54
N SER A 71 6.90 -7.48 36.88
CA SER A 71 5.66 -7.43 37.66
C SER A 71 4.49 -7.96 36.83
N THR A 72 4.50 -7.72 35.49
CA THR A 72 3.44 -8.18 34.58
C THR A 72 3.54 -9.67 34.31
N HIS A 73 2.39 -10.38 34.35
CA HIS A 73 2.36 -11.81 34.08
C HIS A 73 2.46 -12.03 32.59
N VAL A 74 3.70 -12.23 32.14
CA VAL A 74 4.05 -12.45 30.75
C VAL A 74 3.56 -13.82 30.27
N LEU A 75 2.86 -13.84 29.14
CA LEU A 75 2.41 -15.07 28.47
C LEU A 75 2.99 -15.01 27.07
N LEU A 76 3.90 -15.92 26.76
CA LEU A 76 4.60 -16.03 25.48
C LEU A 76 3.82 -16.95 24.58
N THR A 77 3.44 -16.48 23.38
CA THR A 77 2.70 -17.34 22.45
C THR A 77 3.42 -17.44 21.13
N HIS A 78 3.22 -18.56 20.47
CA HIS A 78 3.83 -18.86 19.19
C HIS A 78 2.80 -19.61 18.37
N THR A 79 2.51 -19.14 17.15
CA THR A 79 1.53 -19.82 16.31
C THR A 79 1.93 -19.83 14.85
N ILE A 80 1.42 -20.83 14.11
CA ILE A 80 1.55 -20.91 12.66
C ILE A 80 0.13 -20.71 12.14
N SER A 81 -0.09 -19.59 11.45
CA SER A 81 -1.40 -19.27 10.90
C SER A 81 -1.46 -19.48 9.40
N ARG A 82 -2.66 -19.79 8.87
CA ARG A 82 -2.88 -19.98 7.43
C ARG A 82 -3.83 -18.91 6.90
N ILE A 83 -3.40 -18.20 5.83
CA ILE A 83 -4.28 -17.30 5.12
C ILE A 83 -4.68 -18.13 3.88
N ALA A 84 -5.90 -18.66 3.89
CA ALA A 84 -6.43 -19.47 2.79
C ALA A 84 -6.98 -18.50 1.75
N VAL A 85 -6.29 -18.37 0.60
CA VAL A 85 -6.63 -17.43 -0.48
C VAL A 85 -8.00 -17.69 -1.14
N SER A 86 -8.44 -18.96 -1.20
CA SER A 86 -9.74 -19.35 -1.77
C SER A 86 -10.93 -18.75 -1.00
N TYR A 87 -10.82 -18.65 0.34
CA TYR A 87 -11.89 -18.13 1.20
C TYR A 87 -11.57 -16.77 1.82
N GLN A 88 -10.32 -16.27 1.66
CA GLN A 88 -9.81 -15.00 2.23
C GLN A 88 -10.03 -14.99 3.77
N THR A 89 -9.66 -16.10 4.39
CA THR A 89 -9.79 -16.42 5.80
C THR A 89 -8.38 -16.56 6.40
N LYS A 90 -8.23 -16.21 7.70
CA LYS A 90 -6.99 -16.37 8.45
C LYS A 90 -7.30 -17.17 9.72
N VAL A 91 -6.64 -18.33 9.90
CA VAL A 91 -6.83 -19.21 11.07
C VAL A 91 -5.50 -19.65 11.64
N ASN A 92 -5.49 -20.10 12.91
CA ASN A 92 -4.32 -20.64 13.59
C ASN A 92 -4.32 -22.15 13.43
N LEU A 93 -3.33 -22.68 12.70
CA LEU A 93 -3.19 -24.12 12.45
C LEU A 93 -2.59 -24.83 13.65
N LEU A 94 -1.53 -24.22 14.24
CA LEU A 94 -0.78 -24.74 15.38
C LEU A 94 -0.52 -23.59 16.32
N SER A 95 -0.68 -23.78 17.63
CA SER A 95 -0.45 -22.73 18.61
C SER A 95 0.03 -23.32 19.92
N ALA A 96 0.88 -22.57 20.63
CA ALA A 96 1.35 -22.98 21.95
C ALA A 96 1.60 -21.75 22.79
N ILE A 97 1.38 -21.90 24.11
CA ILE A 97 1.52 -20.84 25.11
C ILE A 97 2.44 -21.35 26.17
N LYS A 98 3.27 -20.48 26.74
CA LYS A 98 4.16 -20.78 27.82
C LYS A 98 4.12 -19.60 28.81
N SER A 99 4.16 -19.89 30.12
CA SER A 99 4.22 -18.89 31.18
C SER A 99 5.64 -19.01 31.79
N PRO A 100 6.60 -18.10 31.51
CA PRO A 100 7.95 -18.29 32.05
C PRO A 100 8.11 -17.92 33.52
N CYS A 101 7.28 -17.00 34.02
CA CYS A 101 7.37 -16.50 35.39
C CYS A 101 6.11 -16.68 36.21
N GLN A 102 6.24 -17.44 37.29
CA GLN A 102 5.17 -17.67 38.24
C GLN A 102 5.24 -16.53 39.26
N ARG A 103 6.46 -16.22 39.76
CA ARG A 103 6.67 -15.15 40.74
C ARG A 103 7.79 -14.19 40.32
N GLU A 104 7.51 -12.87 40.46
CA GLU A 104 8.44 -11.79 40.16
C GLU A 104 9.68 -11.89 41.07
N THR A 105 10.89 -11.58 40.53
CA THR A 105 12.15 -11.62 41.28
C THR A 105 12.02 -10.79 42.60
N PRO A 106 12.13 -11.44 43.79
CA PRO A 106 11.87 -10.71 45.06
C PRO A 106 13.02 -9.90 45.66
N GLU A 107 12.77 -8.57 45.80
CA GLU A 107 13.60 -7.51 46.40
C GLU A 107 15.12 -7.65 46.24
N GLY A 108 15.66 -6.88 45.29
CA GLY A 108 17.09 -6.81 44.96
C GLY A 108 17.77 -8.14 44.67
N ALA A 109 16.99 -9.13 44.22
CA ALA A 109 17.50 -10.46 43.91
C ALA A 109 18.20 -10.49 42.54
N GLU A 110 18.92 -11.59 42.28
CA GLU A 110 19.65 -11.82 41.03
C GLU A 110 18.64 -12.03 39.91
N ALA A 111 18.70 -11.19 38.88
CA ALA A 111 17.82 -11.32 37.73
C ALA A 111 18.43 -12.45 36.87
N LYS A 112 18.20 -13.70 37.32
CA LYS A 112 18.73 -14.91 36.69
C LYS A 112 18.12 -15.11 35.29
N PRO A 113 18.96 -15.40 34.27
CA PRO A 113 18.41 -15.60 32.92
C PRO A 113 17.53 -16.84 32.84
N TRP A 114 16.42 -16.73 32.11
CA TRP A 114 15.54 -17.86 31.84
C TRP A 114 15.46 -18.05 30.36
N TYR A 115 15.16 -19.29 29.94
CA TYR A 115 15.03 -19.68 28.54
C TYR A 115 13.83 -20.58 28.37
N GLU A 116 13.04 -20.30 27.34
CA GLU A 116 11.85 -21.09 27.03
C GLU A 116 11.74 -21.45 25.55
N PRO A 117 11.96 -22.74 25.17
CA PRO A 117 11.76 -23.13 23.77
C PRO A 117 10.29 -23.50 23.48
N ILE A 118 9.80 -23.21 22.28
CA ILE A 118 8.47 -23.63 21.84
C ILE A 118 8.60 -24.27 20.47
N TYR A 119 8.10 -25.51 20.32
CA TYR A 119 8.11 -26.21 19.04
C TYR A 119 6.67 -26.50 18.59
N LEU A 120 6.42 -26.26 17.30
CA LEU A 120 5.14 -26.53 16.64
C LEU A 120 5.42 -27.34 15.39
N GLY A 121 4.58 -28.31 15.10
CA GLY A 121 4.70 -29.15 13.92
C GLY A 121 3.44 -29.94 13.62
N GLY A 122 3.10 -30.03 12.35
CA GLY A 122 1.93 -30.79 11.92
C GLY A 122 1.81 -30.94 10.42
N VAL A 123 0.93 -31.85 9.99
CA VAL A 123 0.67 -32.12 8.57
C VAL A 123 -0.70 -31.52 8.21
N PHE A 124 -0.70 -30.68 7.16
CA PHE A 124 -1.88 -29.96 6.71
C PHE A 124 -2.05 -29.99 5.20
N GLN A 125 -3.29 -30.11 4.75
CA GLN A 125 -3.65 -30.04 3.35
C GLN A 125 -3.75 -28.55 3.06
N LEU A 126 -2.88 -28.06 2.17
CA LEU A 126 -2.83 -26.65 1.78
C LEU A 126 -3.16 -26.46 0.31
N GLU A 127 -3.56 -25.25 -0.06
CA GLU A 127 -3.93 -24.87 -1.43
C GLU A 127 -2.89 -23.91 -2.00
N LYS A 128 -2.72 -23.91 -3.34
CA LYS A 128 -1.79 -23.02 -4.03
C LYS A 128 -2.14 -21.54 -3.74
N GLY A 129 -1.13 -20.79 -3.32
CA GLY A 129 -1.29 -19.37 -2.99
C GLY A 129 -1.45 -19.07 -1.51
N ASP A 130 -1.72 -20.11 -0.67
CA ASP A 130 -1.86 -19.94 0.78
C ASP A 130 -0.61 -19.37 1.43
N ARG A 131 -0.80 -18.47 2.40
CA ARG A 131 0.30 -17.83 3.12
C ARG A 131 0.36 -18.29 4.57
N LEU A 132 1.50 -18.85 4.97
CA LEU A 132 1.74 -19.32 6.34
C LEU A 132 2.60 -18.30 7.06
N SER A 133 2.22 -17.98 8.30
CA SER A 133 2.97 -17.06 9.15
C SER A 133 3.35 -17.74 10.46
N ALA A 134 4.59 -17.58 10.91
CA ALA A 134 5.02 -18.09 12.21
C ALA A 134 5.12 -16.82 13.04
N GLU A 135 4.12 -16.62 13.92
CA GLU A 135 3.89 -15.41 14.72
C GLU A 135 4.10 -15.57 16.22
N ILE A 136 4.68 -14.55 16.86
CA ILE A 136 4.88 -14.51 18.30
C ILE A 136 4.29 -13.21 18.85
N ASN A 137 3.62 -13.25 20.00
CA ASN A 137 2.99 -12.05 20.57
C ASN A 137 4.01 -11.09 21.16
N ARG A 138 5.14 -11.63 21.67
CA ARG A 138 6.21 -10.87 22.30
C ARG A 138 7.57 -11.08 21.61
N PRO A 139 7.82 -10.40 20.47
CA PRO A 139 9.11 -10.56 19.78
C PRO A 139 10.31 -10.02 20.52
N ASP A 140 10.08 -9.11 21.49
CA ASP A 140 11.13 -8.52 22.33
C ASP A 140 11.78 -9.55 23.27
N TYR A 141 11.11 -10.70 23.50
CA TYR A 141 11.63 -11.79 24.32
C TYR A 141 12.36 -12.86 23.50
N LEU A 142 12.34 -12.74 22.16
CA LEU A 142 12.99 -13.67 21.23
C LEU A 142 14.52 -13.67 21.32
N ASP A 143 15.11 -14.86 21.26
CA ASP A 143 16.56 -15.02 21.33
C ASP A 143 17.09 -15.66 20.05
N PHE A 144 17.83 -14.88 19.25
CA PHE A 144 18.49 -15.39 18.05
C PHE A 144 20.01 -15.14 18.11
N ALA A 145 20.57 -15.14 19.35
CA ALA A 145 22.00 -14.94 19.65
C ALA A 145 22.85 -15.96 18.92
N GLU A 146 22.34 -17.20 18.83
CA GLU A 146 23.04 -18.30 18.20
C GLU A 146 22.15 -18.97 17.16
N SER A 147 22.76 -19.56 16.12
CA SER A 147 22.07 -20.25 15.03
C SER A 147 21.35 -21.50 15.51
N GLY A 148 20.22 -21.80 14.85
CA GLY A 148 19.41 -22.98 15.12
C GLY A 148 18.35 -22.85 16.18
N GLN A 149 18.27 -21.69 16.83
CA GLN A 149 17.34 -21.41 17.94
C GLN A 149 15.95 -21.01 17.50
N VAL A 150 15.85 -20.33 16.35
CA VAL A 150 14.55 -19.88 15.85
C VAL A 150 14.48 -20.12 14.35
N TYR A 151 13.50 -20.95 13.93
CA TYR A 151 13.29 -21.38 12.54
C TYR A 151 11.82 -21.67 12.24
N PHE A 152 11.49 -21.79 10.95
CA PHE A 152 10.13 -22.02 10.44
C PHE A 152 10.29 -22.67 9.08
N GLY A 153 9.66 -23.81 8.89
CA GLY A 153 9.76 -24.50 7.61
C GLY A 153 8.55 -25.30 7.20
N ILE A 154 8.52 -25.68 5.91
CA ILE A 154 7.47 -26.49 5.28
C ILE A 154 8.10 -27.45 4.29
N ILE A 155 7.45 -28.60 4.07
CA ILE A 155 7.89 -29.57 3.08
C ILE A 155 6.69 -30.33 2.53
N ALA A 156 6.55 -30.37 1.20
CA ALA A 156 5.47 -31.10 0.54
C ALA A 156 5.74 -32.59 0.65
N LEU A 157 4.70 -33.38 0.98
CA LEU A 157 4.83 -34.84 1.13
C LEU A 157 4.05 -35.63 0.07
N ASP B 10 -1.58 -39.26 -1.78
CA ASP B 10 -1.94 -40.68 -1.89
C ASP B 10 -1.39 -41.51 -0.71
N LYS B 11 -0.49 -40.93 0.11
CA LYS B 11 0.11 -41.62 1.25
C LYS B 11 -0.79 -41.61 2.49
N PRO B 12 -0.87 -42.72 3.26
CA PRO B 12 -1.67 -42.75 4.50
C PRO B 12 -1.35 -41.57 5.44
N VAL B 13 -2.40 -40.80 5.80
CA VAL B 13 -2.32 -39.58 6.61
C VAL B 13 -3.32 -39.48 7.71
N ALA B 14 -2.94 -38.71 8.73
CA ALA B 14 -3.75 -38.35 9.88
C ALA B 14 -3.23 -37.09 10.53
N HIS B 15 -4.17 -36.25 10.97
CA HIS B 15 -3.98 -35.03 11.78
C HIS B 15 -5.31 -34.76 12.48
N VAL B 16 -5.56 -35.54 13.53
CA VAL B 16 -6.77 -35.39 14.32
C VAL B 16 -6.55 -34.30 15.38
N VAL B 17 -7.61 -33.60 15.73
CA VAL B 17 -7.61 -32.47 16.65
C VAL B 17 -8.55 -32.77 17.85
N ALA B 18 -8.29 -32.15 19.03
CA ALA B 18 -9.14 -32.36 20.19
C ALA B 18 -10.52 -31.75 19.97
N ASN B 19 -11.56 -32.49 20.35
CA ASN B 19 -12.96 -32.09 20.26
C ASN B 19 -13.22 -31.01 21.32
N PRO B 20 -13.50 -29.74 20.92
CA PRO B 20 -13.79 -28.70 21.93
C PRO B 20 -15.12 -28.92 22.66
N GLN B 21 -16.05 -29.66 22.03
CA GLN B 21 -17.37 -30.02 22.58
C GLN B 21 -17.26 -31.02 23.73
N ALA B 22 -16.22 -31.91 23.73
CA ALA B 22 -15.99 -32.90 24.78
C ALA B 22 -15.35 -32.22 26.00
N GLU B 23 -16.12 -32.13 27.09
CA GLU B 23 -15.75 -31.45 28.33
C GLU B 23 -14.81 -32.28 29.23
N GLY B 24 -13.64 -31.71 29.57
CA GLY B 24 -12.60 -32.27 30.44
C GLY B 24 -11.98 -33.60 30.04
N GLN B 25 -12.06 -33.93 28.75
CA GLN B 25 -11.54 -35.18 28.22
C GLN B 25 -10.93 -35.03 26.83
N LEU B 26 -9.98 -35.91 26.48
CA LEU B 26 -9.29 -35.89 25.19
C LEU B 26 -9.96 -36.81 24.16
N GLN B 27 -10.82 -36.23 23.31
CA GLN B 27 -11.52 -36.95 22.25
C GLN B 27 -11.05 -36.42 20.89
N TRP B 28 -10.38 -37.27 20.11
CA TRP B 28 -9.87 -36.93 18.78
C TRP B 28 -10.97 -36.80 17.76
N LEU B 29 -10.81 -35.84 16.85
CA LEU B 29 -11.78 -35.51 15.83
C LEU B 29 -11.10 -35.17 14.50
N ASN B 30 -11.65 -35.68 13.40
CA ASN B 30 -11.14 -35.44 12.05
C ASN B 30 -12.12 -34.65 11.18
N ARG B 31 -13.44 -34.74 11.49
CA ARG B 31 -14.51 -34.05 10.74
C ARG B 31 -14.54 -32.56 11.10
N ARG B 32 -13.47 -31.86 10.69
CA ARG B 32 -13.20 -30.45 10.91
C ARG B 32 -12.27 -29.96 9.80
N ALA B 33 -12.27 -28.64 9.54
CA ALA B 33 -11.38 -27.99 8.59
C ALA B 33 -9.96 -28.02 9.20
N ASN B 34 -8.92 -28.19 8.35
CA ASN B 34 -7.50 -28.26 8.73
C ASN B 34 -7.17 -29.51 9.59
N ALA B 35 -7.97 -30.58 9.39
CA ALA B 35 -7.81 -31.88 10.03
C ALA B 35 -7.81 -32.95 8.93
N LEU B 36 -7.04 -34.02 9.12
CA LEU B 36 -6.92 -35.08 8.11
C LEU B 36 -7.14 -36.47 8.67
N LEU B 37 -7.62 -37.38 7.81
CA LEU B 37 -7.82 -38.80 8.03
C LEU B 37 -8.11 -39.38 6.67
N ALA B 38 -7.05 -39.88 6.00
CA ALA B 38 -7.16 -40.39 4.63
C ALA B 38 -6.17 -41.52 4.29
N ASN B 39 -6.41 -42.17 3.13
CA ASN B 39 -5.64 -43.24 2.48
C ASN B 39 -5.41 -44.46 3.40
N GLY B 40 -6.50 -45.00 3.94
CA GLY B 40 -6.46 -46.18 4.78
C GLY B 40 -6.49 -45.91 6.28
N VAL B 41 -5.88 -44.79 6.72
CA VAL B 41 -5.81 -44.41 8.14
C VAL B 41 -7.21 -44.24 8.73
N GLU B 42 -7.47 -44.94 9.84
CA GLU B 42 -8.75 -44.89 10.51
C GLU B 42 -8.61 -44.48 11.97
N LEU B 43 -9.67 -43.82 12.49
CA LEU B 43 -9.77 -43.36 13.87
C LEU B 43 -10.92 -44.11 14.55
N ARG B 44 -10.57 -45.11 15.37
CA ARG B 44 -11.56 -45.89 16.09
C ARG B 44 -11.15 -46.09 17.53
N ASP B 45 -12.14 -45.88 18.44
CA ASP B 45 -12.00 -45.94 19.89
C ASP B 45 -10.90 -44.97 20.39
N ASN B 46 -10.87 -43.77 19.74
CA ASN B 46 -9.98 -42.64 19.97
C ASN B 46 -8.48 -42.93 19.71
N GLN B 47 -8.19 -43.93 18.85
CA GLN B 47 -6.84 -44.32 18.48
C GLN B 47 -6.69 -44.26 16.95
N LEU B 48 -5.45 -44.26 16.46
CA LEU B 48 -5.20 -44.30 15.03
C LEU B 48 -4.73 -45.71 14.68
N VAL B 49 -5.42 -46.35 13.73
CA VAL B 49 -5.09 -47.70 13.27
C VAL B 49 -4.22 -47.59 12.02
N VAL B 50 -3.05 -48.25 12.04
CA VAL B 50 -2.09 -48.29 10.93
C VAL B 50 -2.68 -49.13 9.78
N PRO B 51 -2.87 -48.58 8.56
CA PRO B 51 -3.47 -49.39 7.47
C PRO B 51 -2.54 -50.36 6.75
N SER B 52 -1.25 -50.04 6.72
CA SER B 52 -0.25 -50.84 6.01
C SER B 52 1.12 -50.73 6.66
N GLU B 53 1.96 -51.76 6.43
CA GLU B 53 3.35 -51.84 6.92
C GLU B 53 4.18 -50.73 6.30
N GLY B 54 5.09 -50.15 7.08
CA GLY B 54 5.99 -49.13 6.60
C GLY B 54 6.46 -48.13 7.64
N LEU B 55 7.23 -47.15 7.17
CA LEU B 55 7.76 -46.07 8.00
C LEU B 55 6.71 -45.00 8.09
N TYR B 56 6.51 -44.48 9.31
CA TYR B 56 5.55 -43.41 9.55
C TYR B 56 6.18 -42.34 10.41
N LEU B 57 5.90 -41.08 10.10
CA LEU B 57 6.28 -39.96 10.94
C LEU B 57 5.08 -39.80 11.85
N ILE B 58 5.31 -39.88 13.15
CA ILE B 58 4.26 -39.78 14.15
C ILE B 58 4.53 -38.52 14.94
N TYR B 59 3.47 -37.78 15.27
CA TYR B 59 3.59 -36.55 16.04
C TYR B 59 2.33 -36.26 16.83
N SER B 60 2.47 -35.49 17.90
CA SER B 60 1.38 -35.09 18.75
C SER B 60 1.77 -33.90 19.58
N GLN B 61 0.81 -33.02 19.82
CA GLN B 61 0.97 -31.92 20.73
C GLN B 61 -0.21 -31.82 21.63
N VAL B 62 0.09 -31.48 22.87
CA VAL B 62 -0.84 -31.31 23.92
C VAL B 62 -0.47 -29.99 24.63
N LEU B 63 -1.48 -29.23 25.09
CA LEU B 63 -1.29 -27.97 25.81
C LEU B 63 -2.02 -28.16 27.12
N PHE B 64 -1.29 -27.99 28.21
CA PHE B 64 -1.83 -28.08 29.55
C PHE B 64 -1.94 -26.66 30.12
N LYS B 65 -3.01 -26.41 30.88
CA LYS B 65 -3.27 -25.13 31.53
C LYS B 65 -3.85 -25.38 32.92
N GLY B 66 -3.55 -24.45 33.82
CA GLY B 66 -4.04 -24.43 35.19
C GLY B 66 -4.07 -23.02 35.74
N GLN B 67 -4.86 -22.82 36.80
CA GLN B 67 -5.03 -21.54 37.49
C GLN B 67 -4.41 -21.69 38.87
N GLY B 68 -3.12 -21.39 38.95
CA GLY B 68 -2.35 -21.53 40.18
C GLY B 68 -1.86 -22.94 40.40
N CYS B 69 -1.33 -23.21 41.62
CA CYS B 69 -0.74 -24.49 41.99
C CYS B 69 -1.46 -25.22 43.16
N PRO B 70 -1.82 -26.52 43.00
CA PRO B 70 -2.48 -27.23 44.11
C PRO B 70 -1.49 -27.75 45.17
N SER B 71 -2.00 -28.52 46.13
CA SER B 71 -1.20 -29.14 47.20
C SER B 71 -0.43 -30.36 46.63
N THR B 72 -1.06 -31.12 45.70
CA THR B 72 -0.44 -32.30 45.11
C THR B 72 0.66 -31.88 44.10
N HIS B 73 1.80 -32.59 44.08
CA HIS B 73 2.84 -32.28 43.11
C HIS B 73 2.45 -32.93 41.78
N VAL B 74 1.84 -32.13 40.90
CA VAL B 74 1.36 -32.56 39.60
C VAL B 74 2.51 -32.85 38.63
N LEU B 75 2.44 -34.01 37.99
CA LEU B 75 3.33 -34.43 36.94
C LEU B 75 2.44 -34.73 35.76
N LEU B 76 2.61 -33.95 34.70
CA LEU B 76 1.82 -34.04 33.49
C LEU B 76 2.61 -34.88 32.50
N THR B 77 2.01 -35.95 31.99
CA THR B 77 2.69 -36.81 31.03
C THR B 77 1.90 -36.93 29.75
N HIS B 78 2.62 -37.11 28.66
CA HIS B 78 2.04 -37.25 27.34
C HIS B 78 2.87 -38.28 26.60
N THR B 79 2.22 -39.31 26.07
CA THR B 79 2.95 -40.35 25.34
C THR B 79 2.19 -40.82 24.12
N ILE B 80 2.93 -41.34 23.12
CA ILE B 80 2.37 -42.02 21.97
C ILE B 80 2.75 -43.48 22.16
N SER B 81 1.77 -44.34 22.39
CA SER B 81 2.01 -45.77 22.58
C SER B 81 1.61 -46.58 21.36
N ARG B 82 2.27 -47.75 21.17
CA ARG B 82 1.98 -48.65 20.06
C ARG B 82 1.51 -49.99 20.59
N ILE B 83 0.34 -50.43 20.12
CA ILE B 83 -0.14 -51.78 20.39
C ILE B 83 0.22 -52.52 19.10
N ALA B 84 1.28 -53.36 19.15
CA ALA B 84 1.74 -54.16 18.02
C ALA B 84 0.89 -55.42 17.98
N VAL B 85 -0.03 -55.51 17.00
CA VAL B 85 -1.00 -56.60 16.86
C VAL B 85 -0.37 -57.99 16.64
N SER B 86 0.81 -58.05 15.99
CA SER B 86 1.54 -59.30 15.73
C SER B 86 1.98 -60.00 17.01
N TYR B 87 2.38 -59.22 18.03
CA TYR B 87 2.87 -59.76 19.30
C TYR B 87 1.93 -59.53 20.49
N GLN B 88 0.86 -58.72 20.28
CA GLN B 88 -0.13 -58.33 21.29
C GLN B 88 0.57 -57.70 22.52
N THR B 89 1.48 -56.78 22.21
CA THR B 89 2.36 -56.03 23.10
C THR B 89 2.00 -54.54 23.03
N LYS B 90 2.20 -53.81 24.13
CA LYS B 90 1.97 -52.36 24.20
C LYS B 90 3.22 -51.69 24.74
N VAL B 91 3.77 -50.72 24.00
CA VAL B 91 4.97 -49.98 24.37
C VAL B 91 4.80 -48.49 24.15
N ASN B 92 5.59 -47.67 24.84
CA ASN B 92 5.61 -46.22 24.67
C ASN B 92 6.69 -45.89 23.64
N LEU B 93 6.28 -45.36 22.47
CA LEU B 93 7.20 -44.99 21.40
C LEU B 93 7.88 -43.66 21.70
N LEU B 94 7.09 -42.67 22.17
CA LEU B 94 7.53 -41.30 22.47
C LEU B 94 6.88 -40.91 23.77
N SER B 95 7.62 -40.28 24.69
CA SER B 95 7.07 -39.86 25.97
C SER B 95 7.74 -38.61 26.47
N ALA B 96 7.00 -37.76 27.18
CA ALA B 96 7.55 -36.56 27.80
C ALA B 96 6.79 -36.28 29.08
N ILE B 97 7.51 -35.72 30.06
CA ILE B 97 6.95 -35.41 31.38
C ILE B 97 7.24 -33.94 31.65
N LYS B 98 6.29 -33.25 32.32
CA LYS B 98 6.42 -31.85 32.72
C LYS B 98 5.92 -31.69 34.14
N SER B 99 6.63 -30.91 34.94
CA SER B 99 6.26 -30.60 36.32
C SER B 99 5.82 -29.11 36.31
N PRO B 100 4.51 -28.82 36.22
CA PRO B 100 4.08 -27.41 36.11
C PRO B 100 4.32 -26.55 37.35
N CYS B 101 4.27 -27.16 38.54
CA CYS B 101 4.40 -26.48 39.82
C CYS B 101 5.59 -26.97 40.61
N GLN B 102 6.76 -26.33 40.40
CA GLN B 102 7.97 -26.67 41.17
C GLN B 102 7.77 -26.00 42.52
N ARG B 103 7.01 -26.71 43.41
CA ARG B 103 6.53 -26.27 44.73
C ARG B 103 5.58 -25.10 44.50
N GLU B 104 6.12 -23.86 44.35
CA GLU B 104 5.50 -22.56 44.06
C GLU B 104 3.96 -22.52 44.20
N THR B 105 3.46 -22.93 45.38
CA THR B 105 2.03 -22.98 45.72
C THR B 105 1.59 -21.56 46.11
N PRO B 106 0.48 -21.04 45.51
CA PRO B 106 0.05 -19.67 45.86
C PRO B 106 -0.49 -19.58 47.29
N GLU B 107 0.38 -19.15 48.21
CA GLU B 107 0.11 -19.00 49.63
C GLU B 107 0.02 -17.51 49.99
N GLY B 108 -1.20 -17.05 50.27
CA GLY B 108 -1.48 -15.66 50.62
C GLY B 108 -2.39 -14.96 49.63
N ALA B 109 -1.88 -14.72 48.41
CA ALA B 109 -2.59 -14.04 47.32
C ALA B 109 -3.38 -15.02 46.42
N GLU B 110 -3.94 -14.53 45.29
CA GLU B 110 -4.72 -15.35 44.36
C GLU B 110 -3.97 -15.69 43.05
N ALA B 111 -4.20 -16.92 42.59
CA ALA B 111 -3.65 -17.63 41.44
C ALA B 111 -3.55 -16.85 40.12
N LYS B 112 -2.52 -17.22 39.33
CA LYS B 112 -2.23 -16.71 37.98
C LYS B 112 -2.09 -17.91 37.04
N PRO B 113 -2.66 -17.82 35.81
CA PRO B 113 -2.61 -18.98 34.89
C PRO B 113 -1.24 -19.40 34.42
N TRP B 114 -1.02 -20.72 34.33
CA TRP B 114 0.18 -21.31 33.79
C TRP B 114 -0.19 -22.12 32.56
N TYR B 115 0.76 -22.28 31.64
CA TYR B 115 0.61 -23.04 30.40
C TYR B 115 1.84 -23.87 30.17
N GLU B 116 1.63 -25.15 29.80
CA GLU B 116 2.73 -26.06 29.50
C GLU B 116 2.50 -26.81 28.19
N PRO B 117 3.23 -26.49 27.10
CA PRO B 117 3.09 -27.28 25.86
C PRO B 117 4.00 -28.50 25.86
N ILE B 118 3.56 -29.60 25.25
CA ILE B 118 4.39 -30.81 25.09
C ILE B 118 4.27 -31.26 23.65
N TYR B 119 5.42 -31.39 22.97
CA TYR B 119 5.47 -31.87 21.60
C TYR B 119 6.26 -33.18 21.51
N LEU B 120 5.71 -34.16 20.77
CA LEU B 120 6.32 -35.46 20.54
C LEU B 120 6.33 -35.69 19.03
N GLY B 121 7.42 -36.23 18.51
CA GLY B 121 7.57 -36.53 17.09
C GLY B 121 8.69 -37.49 16.79
N GLY B 122 8.46 -38.43 15.88
CA GLY B 122 9.48 -39.41 15.51
C GLY B 122 9.08 -40.29 14.35
N VAL B 123 10.06 -40.98 13.77
CA VAL B 123 9.87 -41.90 12.65
C VAL B 123 9.97 -43.34 13.17
N PHE B 124 8.95 -44.15 12.86
CA PHE B 124 8.84 -45.53 13.33
C PHE B 124 8.35 -46.47 12.24
N GLN B 125 8.91 -47.68 12.24
CA GLN B 125 8.47 -48.75 11.35
C GLN B 125 7.27 -49.39 12.06
N LEU B 126 6.10 -49.31 11.42
CA LEU B 126 4.85 -49.84 11.96
C LEU B 126 4.31 -50.96 11.09
N GLU B 127 3.43 -51.82 11.66
CA GLU B 127 2.80 -52.95 10.97
C GLU B 127 1.32 -52.69 10.79
N LYS B 128 0.70 -53.30 9.76
CA LYS B 128 -0.72 -53.15 9.48
C LYS B 128 -1.56 -53.67 10.67
N GLY B 129 -2.49 -52.84 11.12
CA GLY B 129 -3.38 -53.16 12.23
C GLY B 129 -2.95 -52.59 13.57
N ASP B 130 -1.70 -52.10 13.67
CA ASP B 130 -1.17 -51.50 14.89
C ASP B 130 -1.97 -50.31 15.33
N ARG B 131 -2.18 -50.17 16.64
CA ARG B 131 -2.98 -49.10 17.20
C ARG B 131 -2.11 -48.14 17.98
N LEU B 132 -2.21 -46.86 17.61
CA LEU B 132 -1.45 -45.77 18.20
C LEU B 132 -2.35 -44.92 19.08
N SER B 133 -1.90 -44.66 20.31
CA SER B 133 -2.66 -43.85 21.24
C SER B 133 -1.84 -42.67 21.71
N ALA B 134 -2.48 -41.50 21.78
CA ALA B 134 -1.90 -40.27 22.32
C ALA B 134 -2.53 -40.16 23.70
N GLU B 135 -1.77 -40.58 24.70
CA GLU B 135 -2.22 -40.70 26.09
C GLU B 135 -1.66 -39.65 27.01
N ILE B 136 -2.53 -39.13 27.88
CA ILE B 136 -2.16 -38.17 28.89
C ILE B 136 -2.66 -38.69 30.24
N ASN B 137 -1.82 -38.59 31.28
CA ASN B 137 -2.20 -39.09 32.61
C ASN B 137 -3.26 -38.23 33.26
N ARG B 138 -3.26 -36.91 32.96
CA ARG B 138 -4.18 -35.90 33.51
C ARG B 138 -4.95 -35.13 32.43
N PRO B 139 -6.03 -35.73 31.86
CA PRO B 139 -6.84 -35.03 30.81
C PRO B 139 -7.56 -33.77 31.28
N ASP B 140 -7.80 -33.65 32.60
CA ASP B 140 -8.46 -32.50 33.23
C ASP B 140 -7.60 -31.22 33.17
N TYR B 141 -6.28 -31.35 32.88
CA TYR B 141 -5.39 -30.20 32.75
C TYR B 141 -5.27 -29.72 31.31
N LEU B 142 -5.81 -30.49 30.37
CA LEU B 142 -5.81 -30.18 28.96
C LEU B 142 -6.55 -28.85 28.63
N ASP B 143 -6.03 -28.10 27.64
CA ASP B 143 -6.60 -26.85 27.17
C ASP B 143 -6.87 -26.92 25.67
N PHE B 144 -8.14 -26.91 25.27
CA PHE B 144 -8.53 -26.87 23.85
C PHE B 144 -9.46 -25.67 23.58
N ALA B 145 -9.26 -24.57 24.35
CA ALA B 145 -9.99 -23.29 24.26
C ALA B 145 -9.87 -22.67 22.87
N GLU B 146 -8.71 -22.85 22.24
CA GLU B 146 -8.43 -22.33 20.91
C GLU B 146 -7.91 -23.43 20.00
N SER B 147 -8.15 -23.30 18.69
CA SER B 147 -7.71 -24.24 17.66
C SER B 147 -6.17 -24.31 17.56
N GLY B 148 -5.64 -25.51 17.25
CA GLY B 148 -4.22 -25.74 17.03
C GLY B 148 -3.40 -26.08 18.26
N GLN B 149 -4.05 -26.12 19.43
CA GLN B 149 -3.37 -26.37 20.72
C GLN B 149 -3.14 -27.85 21.06
N VAL B 150 -4.06 -28.72 20.63
CA VAL B 150 -3.96 -30.16 20.91
C VAL B 150 -4.30 -30.95 19.63
N TYR B 151 -3.33 -31.77 19.18
CA TYR B 151 -3.41 -32.56 17.95
C TYR B 151 -2.55 -33.82 18.02
N PHE B 152 -2.82 -34.75 17.10
CA PHE B 152 -2.18 -36.07 17.00
C PHE B 152 -2.24 -36.52 15.55
N GLY B 153 -1.11 -36.93 14.99
CA GLY B 153 -1.08 -37.33 13.59
C GLY B 153 0.02 -38.29 13.20
N ILE B 154 -0.14 -38.86 12.00
CA ILE B 154 0.79 -39.81 11.38
C ILE B 154 0.80 -39.61 9.87
N ILE B 155 1.93 -39.90 9.24
CA ILE B 155 2.06 -39.84 7.79
C ILE B 155 3.06 -40.89 7.32
N ALA B 156 2.65 -41.73 6.35
CA ALA B 156 3.50 -42.76 5.77
C ALA B 156 4.55 -42.10 4.88
N LEU B 157 5.81 -42.54 4.99
CA LEU B 157 6.93 -42.00 4.21
C LEU B 157 7.51 -43.00 3.21
N ASP C 10 13.47 -48.74 -0.47
CA ASP C 10 13.38 -47.84 0.67
C ASP C 10 14.48 -46.76 0.69
N LYS C 11 14.34 -45.80 1.61
CA LYS C 11 15.18 -44.61 1.77
C LYS C 11 16.01 -44.54 3.07
N PRO C 12 17.13 -43.74 3.12
CA PRO C 12 17.90 -43.57 4.35
C PRO C 12 17.11 -43.22 5.61
N VAL C 13 17.21 -44.08 6.64
CA VAL C 13 16.51 -43.94 7.92
C VAL C 13 17.37 -44.17 9.14
N ALA C 14 17.00 -43.46 10.22
CA ALA C 14 17.56 -43.56 11.56
C ALA C 14 16.58 -43.04 12.59
N HIS C 15 16.52 -43.73 13.74
CA HIS C 15 15.80 -43.38 14.97
C HIS C 15 16.53 -44.13 16.04
N VAL C 16 17.57 -43.48 16.55
CA VAL C 16 18.43 -44.00 17.59
C VAL C 16 17.96 -43.50 18.93
N VAL C 17 18.09 -44.35 19.93
CA VAL C 17 17.61 -44.10 21.27
C VAL C 17 18.80 -44.02 22.27
N ALA C 18 18.62 -43.32 23.40
CA ALA C 18 19.69 -43.19 24.37
C ALA C 18 19.92 -44.52 25.07
N ASN C 19 21.19 -44.86 25.27
CA ASN C 19 21.61 -46.07 25.95
C ASN C 19 21.42 -45.85 27.45
N PRO C 20 20.46 -46.55 28.12
CA PRO C 20 20.27 -46.32 29.57
C PRO C 20 21.42 -46.94 30.36
N GLN C 21 22.17 -47.77 29.65
CA GLN C 21 23.31 -48.60 29.99
C GLN C 21 24.60 -47.81 30.15
N ALA C 22 24.66 -46.66 29.50
CA ALA C 22 25.78 -45.74 29.55
C ALA C 22 25.50 -44.75 30.67
N GLU C 23 26.31 -44.80 31.75
CA GLU C 23 26.12 -43.94 32.92
C GLU C 23 26.63 -42.51 32.74
N GLY C 24 25.74 -41.57 33.01
CA GLY C 24 26.00 -40.14 32.98
C GLY C 24 26.39 -39.54 31.64
N GLN C 25 26.14 -40.25 30.53
CA GLN C 25 26.50 -39.79 29.18
C GLN C 25 25.43 -40.14 28.14
N LEU C 26 25.36 -39.35 27.04
CA LEU C 26 24.39 -39.59 25.98
C LEU C 26 25.01 -40.36 24.82
N GLN C 27 24.77 -41.69 24.82
CA GLN C 27 25.25 -42.63 23.82
C GLN C 27 24.07 -43.16 23.03
N TRP C 28 24.09 -42.93 21.72
CA TRP C 28 23.06 -43.37 20.79
C TRP C 28 23.14 -44.85 20.49
N LEU C 29 21.98 -45.50 20.44
CA LEU C 29 21.85 -46.93 20.24
C LEU C 29 20.74 -47.28 19.26
N ASN C 30 21.00 -48.23 18.35
CA ASN C 30 20.02 -48.66 17.33
C ASN C 30 19.60 -50.12 17.53
N ARG C 31 20.49 -50.94 18.16
CA ARG C 31 20.27 -52.37 18.42
C ARG C 31 19.27 -52.57 19.57
N ARG C 32 18.01 -52.19 19.26
CA ARG C 32 16.86 -52.24 20.12
C ARG C 32 15.62 -52.31 19.24
N ALA C 33 14.47 -52.72 19.85
CA ALA C 33 13.16 -52.78 19.20
C ALA C 33 12.66 -51.33 19.11
N ASN C 34 11.89 -50.99 18.04
CA ASN C 34 11.33 -49.65 17.76
C ASN C 34 12.43 -48.58 17.51
N ALA C 35 13.61 -49.02 17.03
CA ALA C 35 14.77 -48.17 16.71
C ALA C 35 15.20 -48.53 15.29
N LEU C 36 15.72 -47.52 14.56
CA LEU C 36 16.10 -47.70 13.17
C LEU C 36 17.49 -47.19 12.86
N LEU C 37 18.11 -47.81 11.87
CA LEU C 37 19.42 -47.51 11.26
C LEU C 37 19.49 -48.40 10.03
N ALA C 38 19.06 -47.84 8.89
CA ALA C 38 18.95 -48.58 7.64
C ALA C 38 19.11 -47.71 6.38
N ASN C 39 19.25 -48.41 5.22
CA ASN C 39 19.40 -47.89 3.86
C ASN C 39 20.55 -46.85 3.73
N GLY C 40 21.73 -47.23 4.24
CA GLY C 40 22.93 -46.43 4.16
C GLY C 40 23.31 -45.62 5.39
N VAL C 41 22.31 -45.25 6.24
CA VAL C 41 22.60 -44.46 7.45
C VAL C 41 23.43 -45.30 8.42
N GLU C 42 24.52 -44.70 8.91
CA GLU C 42 25.45 -45.34 9.82
C GLU C 42 25.63 -44.54 11.09
N LEU C 43 25.89 -45.24 12.20
CA LEU C 43 26.15 -44.62 13.51
C LEU C 43 27.63 -44.89 13.81
N ARG C 44 28.46 -43.84 13.69
CA ARG C 44 29.91 -43.88 13.90
C ARG C 44 30.30 -42.77 14.89
N ASP C 45 31.11 -43.08 15.93
CA ASP C 45 31.56 -42.10 16.95
C ASP C 45 30.35 -41.31 17.52
N ASN C 46 29.22 -42.02 17.74
CA ASN C 46 27.97 -41.47 18.26
C ASN C 46 27.19 -40.55 17.27
N GLN C 47 27.77 -40.35 16.09
CA GLN C 47 27.20 -39.49 15.07
C GLN C 47 26.49 -40.26 13.99
N LEU C 48 25.42 -39.68 13.45
CA LEU C 48 24.74 -40.30 12.31
C LEU C 48 25.45 -39.80 11.06
N VAL C 49 25.85 -40.73 10.18
CA VAL C 49 26.56 -40.39 8.95
C VAL C 49 25.59 -40.45 7.79
N VAL C 50 25.46 -39.35 7.06
CA VAL C 50 24.60 -39.19 5.89
C VAL C 50 25.10 -40.06 4.72
N PRO C 51 24.30 -41.00 4.17
CA PRO C 51 24.79 -41.86 3.08
C PRO C 51 24.78 -41.24 1.69
N SER C 52 23.86 -40.31 1.44
CA SER C 52 23.71 -39.68 0.14
C SER C 52 23.22 -38.24 0.26
N GLU C 53 23.50 -37.43 -0.77
CA GLU C 53 23.06 -36.04 -0.88
C GLU C 53 21.53 -35.98 -0.95
N GLY C 54 20.95 -34.98 -0.32
CA GLY C 54 19.51 -34.79 -0.36
C GLY C 54 18.93 -34.10 0.85
N LEU C 55 17.60 -33.97 0.82
CA LEU C 55 16.83 -33.37 1.90
C LEU C 55 16.57 -34.42 2.95
N TYR C 56 16.75 -34.06 4.22
CA TYR C 56 16.51 -34.96 5.33
C TYR C 56 15.72 -34.25 6.39
N LEU C 57 14.76 -34.97 6.99
CA LEU C 57 14.05 -34.48 8.15
C LEU C 57 14.90 -34.98 9.30
N ILE C 58 15.36 -34.06 10.14
CA ILE C 58 16.20 -34.38 11.30
C ILE C 58 15.40 -34.04 12.52
N TYR C 59 15.48 -34.89 13.55
CA TYR C 59 14.74 -34.67 14.79
C TYR C 59 15.43 -35.32 15.95
N SER C 60 15.18 -34.78 17.15
CA SER C 60 15.73 -35.30 18.38
C SER C 60 14.93 -34.81 19.55
N GLN C 61 14.81 -35.67 20.56
CA GLN C 61 14.18 -35.32 21.81
C GLN C 61 15.03 -35.79 22.94
N VAL C 62 15.08 -34.97 23.97
CA VAL C 62 15.82 -35.18 25.19
C VAL C 62 14.87 -34.84 26.36
N LEU C 63 14.98 -35.58 27.47
CA LEU C 63 14.19 -35.34 28.66
C LEU C 63 15.19 -35.14 29.80
N PHE C 64 15.10 -34.00 30.50
CA PHE C 64 15.97 -33.73 31.64
C PHE C 64 15.16 -33.89 32.92
N LYS C 65 15.83 -34.29 34.00
CA LYS C 65 15.21 -34.47 35.31
C LYS C 65 16.21 -34.10 36.39
N GLY C 66 15.70 -33.52 37.45
CA GLY C 66 16.48 -33.17 38.63
C GLY C 66 15.67 -33.31 39.89
N GLN C 67 16.36 -33.42 41.04
CA GLN C 67 15.69 -33.51 42.33
C GLN C 67 15.98 -32.21 43.06
N GLY C 68 15.04 -31.28 42.95
CA GLY C 68 15.16 -29.95 43.50
C GLY C 68 16.08 -29.07 42.68
N CYS C 69 16.47 -27.94 43.25
CA CYS C 69 17.31 -26.96 42.57
C CYS C 69 18.62 -26.70 43.28
N PRO C 70 19.78 -26.75 42.57
CA PRO C 70 21.06 -26.48 43.25
C PRO C 70 21.36 -24.98 43.35
N SER C 71 22.43 -24.63 44.07
CA SER C 71 22.88 -23.25 44.22
C SER C 71 23.32 -22.67 42.88
N THR C 72 23.98 -23.48 42.03
CA THR C 72 24.42 -23.04 40.70
C THR C 72 23.23 -22.94 39.75
N HIS C 73 23.18 -21.88 38.93
CA HIS C 73 22.12 -21.69 37.95
C HIS C 73 22.42 -22.54 36.73
N VAL C 74 21.68 -23.65 36.61
CA VAL C 74 21.81 -24.64 35.55
C VAL C 74 21.10 -24.18 34.29
N LEU C 75 21.76 -24.37 33.16
CA LEU C 75 21.22 -24.10 31.85
C LEU C 75 21.43 -25.38 31.07
N LEU C 76 20.32 -25.97 30.63
CA LEU C 76 20.32 -27.23 29.89
C LEU C 76 20.22 -26.93 28.45
N THR C 77 21.16 -27.45 27.63
CA THR C 77 21.14 -27.20 26.19
C THR C 77 21.07 -28.49 25.41
N HIS C 78 20.46 -28.43 24.25
CA HIS C 78 20.32 -29.58 23.37
C HIS C 78 20.44 -29.07 21.95
N THR C 79 21.37 -29.64 21.17
CA THR C 79 21.54 -29.21 19.79
C THR C 79 21.82 -30.36 18.86
N ILE C 80 21.48 -30.18 17.57
CA ILE C 80 21.82 -31.11 16.48
C ILE C 80 22.83 -30.33 15.64
N SER C 81 24.08 -30.80 15.63
CA SER C 81 25.15 -30.17 14.89
C SER C 81 25.49 -30.93 13.62
N ARG C 82 25.97 -30.22 12.58
CA ARG C 82 26.38 -30.82 11.32
C ARG C 82 27.88 -30.62 11.12
N ILE C 83 28.61 -31.73 10.85
CA ILE C 83 30.00 -31.65 10.43
C ILE C 83 29.90 -31.85 8.92
N ALA C 84 30.07 -30.75 8.16
CA ALA C 84 30.02 -30.78 6.70
C ALA C 84 31.43 -31.16 6.22
N VAL C 85 31.57 -32.38 5.69
CA VAL C 85 32.84 -32.96 5.24
C VAL C 85 33.52 -32.19 4.11
N SER C 86 32.75 -31.59 3.20
CA SER C 86 33.27 -30.80 2.07
C SER C 86 34.05 -29.57 2.51
N TYR C 87 33.61 -28.91 3.60
CA TYR C 87 34.22 -27.70 4.12
C TYR C 87 34.99 -27.88 5.42
N GLN C 88 34.85 -29.07 6.05
CA GLN C 88 35.45 -29.43 7.36
C GLN C 88 35.09 -28.39 8.42
N THR C 89 33.79 -28.10 8.46
CA THR C 89 33.11 -27.13 9.31
C THR C 89 32.14 -27.87 10.24
N LYS C 90 31.92 -27.33 11.46
CA LYS C 90 30.94 -27.83 12.41
C LYS C 90 30.02 -26.69 12.84
N VAL C 91 28.71 -26.83 12.59
CA VAL C 91 27.70 -25.81 12.92
C VAL C 91 26.51 -26.42 13.63
N ASN C 92 25.73 -25.58 14.33
CA ASN C 92 24.52 -26.01 15.03
C ASN C 92 23.34 -25.76 14.13
N LEU C 93 22.67 -26.84 13.66
CA LEU C 93 21.51 -26.77 12.78
C LEU C 93 20.25 -26.38 13.55
N LEU C 94 20.04 -27.02 14.71
CA LEU C 94 18.89 -26.84 15.58
C LEU C 94 19.40 -26.76 17.00
N SER C 95 18.90 -25.82 17.83
CA SER C 95 19.36 -25.67 19.21
C SER C 95 18.24 -25.15 20.08
N ALA C 96 18.22 -25.59 21.35
CA ALA C 96 17.26 -25.10 22.33
C ALA C 96 17.90 -25.08 23.70
N ILE C 97 17.50 -24.11 24.53
CA ILE C 97 18.02 -23.90 25.88
C ILE C 97 16.84 -23.88 26.82
N LYS C 98 17.01 -24.46 28.01
CA LYS C 98 16.01 -24.47 29.08
C LYS C 98 16.70 -24.19 30.40
N SER C 99 16.06 -23.41 31.26
CA SER C 99 16.54 -23.07 32.61
C SER C 99 15.54 -23.73 33.56
N PRO C 100 15.84 -24.89 34.14
CA PRO C 100 14.83 -25.57 34.97
C PRO C 100 14.54 -24.92 36.32
N CYS C 101 15.48 -24.10 36.79
CA CYS C 101 15.38 -23.47 38.12
C CYS C 101 15.52 -21.96 38.07
N GLN C 102 15.00 -21.29 39.10
CA GLN C 102 15.09 -19.84 39.28
C GLN C 102 15.63 -19.50 40.68
N ARG C 103 15.40 -20.41 41.65
CA ARG C 103 15.84 -20.34 43.05
C ARG C 103 16.17 -21.74 43.57
N GLU C 104 17.29 -21.88 44.31
CA GLU C 104 17.66 -23.16 44.89
C GLU C 104 16.67 -23.58 45.98
N THR C 105 16.38 -24.90 46.09
CA THR C 105 15.45 -25.42 47.08
C THR C 105 15.96 -25.05 48.48
N PRO C 106 15.14 -24.36 49.33
CA PRO C 106 15.63 -24.01 50.67
C PRO C 106 15.78 -25.25 51.55
N GLU C 107 16.76 -25.22 52.49
CA GLU C 107 17.04 -26.33 53.42
C GLU C 107 15.78 -26.63 54.23
N GLY C 108 15.46 -27.90 54.40
CA GLY C 108 14.26 -28.33 55.12
C GLY C 108 13.13 -28.65 54.18
N ALA C 109 12.88 -27.74 53.20
CA ALA C 109 11.88 -27.91 52.16
C ALA C 109 12.47 -28.95 51.22
N GLU C 110 11.81 -30.12 51.10
CA GLU C 110 12.32 -31.24 50.29
C GLU C 110 12.41 -30.91 48.80
N ALA C 111 13.42 -31.51 48.16
CA ALA C 111 13.75 -31.38 46.77
C ALA C 111 12.74 -32.16 45.89
N LYS C 112 11.72 -31.45 45.37
CA LYS C 112 10.67 -32.03 44.51
C LYS C 112 11.26 -32.30 43.13
N PRO C 113 10.89 -33.40 42.45
CA PRO C 113 11.43 -33.65 41.09
C PRO C 113 10.90 -32.69 40.04
N TRP C 114 11.78 -32.25 39.14
CA TRP C 114 11.42 -31.42 38.00
C TRP C 114 11.78 -32.18 36.73
N TYR C 115 11.03 -31.93 35.66
CA TYR C 115 11.21 -32.57 34.35
C TYR C 115 11.14 -31.52 33.27
N GLU C 116 12.07 -31.58 32.31
CA GLU C 116 12.12 -30.65 31.19
C GLU C 116 12.31 -31.35 29.85
N PRO C 117 11.27 -31.44 28.99
CA PRO C 117 11.48 -32.03 27.65
C PRO C 117 11.96 -30.99 26.64
N ILE C 118 12.80 -31.39 25.69
CA ILE C 118 13.28 -30.50 24.62
C ILE C 118 13.12 -31.26 23.30
N TYR C 119 12.41 -30.67 22.35
CA TYR C 119 12.25 -31.27 21.02
C TYR C 119 12.86 -30.36 19.95
N LEU C 120 13.60 -30.97 19.02
CA LEU C 120 14.22 -30.30 17.87
C LEU C 120 13.83 -31.05 16.61
N GLY C 121 13.51 -30.33 15.56
CA GLY C 121 13.16 -30.93 14.29
C GLY C 121 13.19 -29.95 13.14
N GLY C 122 13.71 -30.38 11.99
CA GLY C 122 13.81 -29.54 10.81
C GLY C 122 14.23 -30.29 9.57
N VAL C 123 14.05 -29.65 8.42
CA VAL C 123 14.41 -30.19 7.11
C VAL C 123 15.67 -29.48 6.63
N PHE C 124 16.69 -30.26 6.29
CA PHE C 124 17.98 -29.76 5.85
C PHE C 124 18.52 -30.50 4.64
N GLN C 125 19.17 -29.76 3.75
CA GLN C 125 19.86 -30.31 2.60
C GLN C 125 21.23 -30.73 3.13
N LEU C 126 21.51 -32.04 3.08
CA LEU C 126 22.76 -32.61 3.56
C LEU C 126 23.55 -33.25 2.44
N GLU C 127 24.85 -33.45 2.68
CA GLU C 127 25.79 -34.03 1.70
C GLU C 127 26.24 -35.40 2.17
N LYS C 128 26.61 -36.28 1.22
CA LYS C 128 27.10 -37.61 1.55
C LYS C 128 28.38 -37.51 2.41
N GLY C 129 28.37 -38.21 3.54
CA GLY C 129 29.48 -38.22 4.48
C GLY C 129 29.35 -37.27 5.65
N ASP C 130 28.37 -36.33 5.62
CA ASP C 130 28.13 -35.39 6.72
C ASP C 130 27.76 -36.12 8.01
N ARG C 131 28.29 -35.66 9.14
CA ARG C 131 28.04 -36.26 10.43
C ARG C 131 27.17 -35.37 11.32
N LEU C 132 26.03 -35.92 11.76
CA LEU C 132 25.11 -35.22 12.66
C LEU C 132 25.30 -35.72 14.08
N SER C 133 25.32 -34.79 15.04
CA SER C 133 25.43 -35.12 16.45
C SER C 133 24.28 -34.50 17.22
N ALA C 134 23.68 -35.23 18.13
CA ALA C 134 22.65 -34.68 19.02
C ALA C 134 23.36 -34.56 20.36
N GLU C 135 23.72 -33.33 20.73
CA GLU C 135 24.56 -32.98 21.88
C GLU C 135 23.85 -32.23 22.99
N ILE C 136 24.20 -32.56 24.24
CA ILE C 136 23.69 -31.88 25.42
C ILE C 136 24.87 -31.43 26.30
N ASN C 137 24.82 -30.21 26.88
CA ASN C 137 25.92 -29.71 27.70
C ASN C 137 26.03 -30.43 29.03
N ARG C 138 24.87 -30.85 29.59
CA ARG C 138 24.76 -31.51 30.90
C ARG C 138 24.11 -32.90 30.80
N PRO C 139 24.88 -33.93 30.37
CA PRO C 139 24.31 -35.27 30.26
C PRO C 139 23.91 -35.93 31.57
N ASP C 140 24.46 -35.43 32.70
CA ASP C 140 24.16 -35.92 34.05
C ASP C 140 22.72 -35.60 34.48
N TYR C 141 22.05 -34.65 33.78
CA TYR C 141 20.67 -34.26 34.05
C TYR C 141 19.68 -35.01 33.16
N LEU C 142 20.19 -35.83 32.23
CA LEU C 142 19.39 -36.62 31.31
C LEU C 142 18.65 -37.74 32.04
N ASP C 143 17.42 -37.97 31.58
CA ASP C 143 16.58 -39.03 32.13
C ASP C 143 16.27 -40.04 31.05
N PHE C 144 16.84 -41.24 31.22
CA PHE C 144 16.60 -42.40 30.34
C PHE C 144 16.05 -43.57 31.16
N ALA C 145 15.30 -43.26 32.26
CA ALA C 145 14.64 -44.24 33.13
C ALA C 145 13.65 -45.09 32.34
N GLU C 146 13.00 -44.48 31.37
CA GLU C 146 12.02 -45.17 30.54
C GLU C 146 12.30 -44.94 29.08
N SER C 147 11.93 -45.92 28.22
CA SER C 147 12.10 -45.79 26.77
C SER C 147 11.13 -44.74 26.17
N GLY C 148 11.53 -44.12 25.07
CA GLY C 148 10.74 -43.11 24.38
C GLY C 148 10.99 -41.67 24.80
N GLN C 149 11.78 -41.48 25.86
CA GLN C 149 12.11 -40.18 26.46
C GLN C 149 13.25 -39.44 25.76
N VAL C 150 14.23 -40.19 25.23
CA VAL C 150 15.38 -39.56 24.58
C VAL C 150 15.72 -40.33 23.30
N TYR C 151 15.67 -39.61 22.16
CA TYR C 151 15.88 -40.15 20.82
C TYR C 151 16.46 -39.11 19.85
N PHE C 152 16.98 -39.59 18.70
CA PHE C 152 17.63 -38.82 17.63
C PHE C 152 17.44 -39.58 16.34
N GLY C 153 16.92 -38.91 15.33
CA GLY C 153 16.71 -39.59 14.05
C GLY C 153 16.77 -38.70 12.85
N ILE C 154 16.85 -39.33 11.67
CA ILE C 154 16.88 -38.68 10.35
C ILE C 154 16.12 -39.55 9.35
N ILE C 155 15.56 -38.91 8.34
CA ILE C 155 14.87 -39.62 7.26
C ILE C 155 15.00 -38.82 5.97
N ALA C 156 15.45 -39.47 4.89
CA ALA C 156 15.57 -38.83 3.57
C ALA C 156 14.20 -38.64 2.98
N LEU C 157 13.94 -37.47 2.39
CA LEU C 157 12.64 -37.15 1.77
C LEU C 157 12.72 -36.97 0.26
N ASP D 10 -24.29 3.89 -25.15
CA ASP D 10 -23.81 5.27 -25.23
C ASP D 10 -22.30 5.37 -24.99
N LYS D 11 -21.73 6.52 -25.39
CA LYS D 11 -20.30 6.78 -25.33
C LYS D 11 -19.77 7.02 -23.90
N PRO D 12 -18.57 6.49 -23.57
CA PRO D 12 -17.93 6.78 -22.30
C PRO D 12 -17.78 8.29 -22.06
N VAL D 13 -18.21 8.74 -20.85
CA VAL D 13 -18.22 10.13 -20.43
C VAL D 13 -17.84 10.31 -19.00
N ALA D 14 -17.34 11.51 -18.72
CA ALA D 14 -16.98 12.04 -17.43
C ALA D 14 -16.95 13.56 -17.49
N HIS D 15 -17.42 14.18 -16.42
CA HIS D 15 -17.34 15.61 -16.15
C HIS D 15 -17.35 15.68 -14.63
N VAL D 16 -16.15 15.68 -14.06
CA VAL D 16 -15.94 15.67 -12.62
C VAL D 16 -15.60 17.07 -12.14
N VAL D 17 -16.00 17.38 -10.92
CA VAL D 17 -15.87 18.71 -10.34
C VAL D 17 -15.05 18.67 -9.05
N ALA D 18 -14.42 19.81 -8.67
CA ALA D 18 -13.65 19.86 -7.43
C ALA D 18 -14.57 19.76 -6.21
N ASN D 19 -14.16 18.96 -5.23
CA ASN D 19 -14.86 18.76 -3.97
C ASN D 19 -14.71 20.02 -3.10
N PRO D 20 -15.81 20.77 -2.82
CA PRO D 20 -15.69 21.97 -1.96
C PRO D 20 -15.38 21.64 -0.50
N GLN D 21 -15.74 20.40 -0.06
CA GLN D 21 -15.50 19.88 1.29
C GLN D 21 -14.01 19.63 1.55
N ALA D 22 -13.24 19.26 0.49
CA ALA D 22 -11.80 18.99 0.59
C ALA D 22 -11.04 20.31 0.71
N GLU D 23 -10.46 20.56 1.89
CA GLU D 23 -9.73 21.79 2.21
C GLU D 23 -8.31 21.83 1.64
N GLY D 24 -8.04 22.90 0.89
CA GLY D 24 -6.76 23.21 0.25
C GLY D 24 -6.16 22.16 -0.66
N GLN D 25 -7.01 21.31 -1.26
CA GLN D 25 -6.57 20.25 -2.16
C GLN D 25 -7.57 20.00 -3.29
N LEU D 26 -7.08 19.47 -4.42
CA LEU D 26 -7.89 19.18 -5.60
C LEU D 26 -8.37 17.73 -5.62
N GLN D 27 -9.60 17.49 -5.13
CA GLN D 27 -10.21 16.16 -5.10
C GLN D 27 -11.40 16.15 -6.05
N TRP D 28 -11.32 15.30 -7.09
CA TRP D 28 -12.38 15.15 -8.10
C TRP D 28 -13.59 14.41 -7.57
N LEU D 29 -14.78 14.90 -7.93
CA LEU D 29 -16.06 14.37 -7.47
C LEU D 29 -17.08 14.29 -8.60
N ASN D 30 -17.84 13.19 -8.64
CA ASN D 30 -18.89 12.96 -9.65
C ASN D 30 -20.29 12.93 -9.03
N ARG D 31 -20.41 12.54 -7.73
CA ARG D 31 -21.68 12.45 -7.00
C ARG D 31 -22.21 13.83 -6.63
N ARG D 32 -22.57 14.58 -7.67
CA ARG D 32 -23.09 15.93 -7.63
C ARG D 32 -23.94 16.14 -8.87
N ALA D 33 -24.91 17.08 -8.79
CA ALA D 33 -25.77 17.43 -9.91
C ALA D 33 -24.89 18.19 -10.93
N ASN D 34 -25.17 18.00 -12.24
CA ASN D 34 -24.44 18.59 -13.39
C ASN D 34 -22.98 18.08 -13.48
N ALA D 35 -22.74 16.84 -13.00
CA ALA D 35 -21.47 16.14 -13.02
C ALA D 35 -21.73 14.75 -13.62
N LEU D 36 -20.76 14.24 -14.40
CA LEU D 36 -20.91 12.96 -15.10
C LEU D 36 -19.75 12.00 -14.82
N LEU D 37 -20.06 10.70 -14.92
CA LEU D 37 -19.18 9.53 -14.79
C LEU D 37 -20.07 8.34 -15.17
N ALA D 38 -20.01 7.94 -16.45
CA ALA D 38 -20.85 6.85 -16.97
C ALA D 38 -20.21 6.14 -18.15
N ASN D 39 -20.87 5.05 -18.59
CA ASN D 39 -20.55 4.20 -19.73
C ASN D 39 -19.10 3.67 -19.69
N GLY D 40 -18.70 3.17 -18.52
CA GLY D 40 -17.39 2.57 -18.31
C GLY D 40 -16.34 3.44 -17.65
N VAL D 41 -16.44 4.78 -17.79
CA VAL D 41 -15.45 5.70 -17.18
C VAL D 41 -15.53 5.60 -15.66
N GLU D 42 -14.37 5.41 -15.02
CA GLU D 42 -14.27 5.28 -13.58
C GLU D 42 -13.33 6.33 -13.00
N LEU D 43 -13.60 6.72 -11.74
CA LEU D 43 -12.79 7.69 -10.99
C LEU D 43 -12.14 6.89 -9.87
N ARG D 44 -10.84 6.57 -10.05
CA ARG D 44 -10.04 5.79 -9.12
C ARG D 44 -8.78 6.55 -8.77
N ASP D 45 -8.49 6.67 -7.46
CA ASP D 45 -7.34 7.38 -6.89
C ASP D 45 -7.19 8.80 -7.48
N ASN D 46 -8.32 9.54 -7.59
CA ASN D 46 -8.42 10.91 -8.13
C ASN D 46 -8.13 11.00 -9.65
N GLN D 47 -8.10 9.86 -10.34
CA GLN D 47 -7.81 9.78 -11.77
C GLN D 47 -8.98 9.23 -12.55
N LEU D 48 -9.12 9.64 -13.81
CA LEU D 48 -10.17 9.08 -14.65
C LEU D 48 -9.58 7.89 -15.41
N VAL D 49 -10.24 6.72 -15.30
CA VAL D 49 -9.79 5.47 -15.95
C VAL D 49 -10.53 5.29 -17.27
N VAL D 50 -9.77 5.11 -18.36
CA VAL D 50 -10.26 4.91 -19.73
C VAL D 50 -10.88 3.48 -19.85
N PRO D 51 -12.17 3.33 -20.21
CA PRO D 51 -12.76 1.98 -20.29
C PRO D 51 -12.46 1.19 -21.57
N SER D 52 -12.22 1.90 -22.67
CA SER D 52 -11.97 1.27 -23.97
C SER D 52 -11.05 2.12 -24.84
N GLU D 53 -10.38 1.45 -25.79
CA GLU D 53 -9.47 2.07 -26.77
C GLU D 53 -10.28 3.01 -27.67
N GLY D 54 -9.66 4.12 -28.03
CA GLY D 54 -10.29 5.09 -28.92
C GLY D 54 -9.89 6.53 -28.71
N LEU D 55 -10.51 7.41 -29.50
CA LEU D 55 -10.28 8.85 -29.44
C LEU D 55 -11.15 9.43 -28.36
N TYR D 56 -10.57 10.32 -27.57
CA TYR D 56 -11.28 10.99 -26.49
C TYR D 56 -10.99 12.46 -26.51
N LEU D 57 -12.01 13.28 -26.26
CA LEU D 57 -11.83 14.71 -26.08
C LEU D 57 -11.61 14.83 -24.59
N ILE D 58 -10.49 15.42 -24.20
CA ILE D 58 -10.13 15.58 -22.79
C ILE D 58 -10.09 17.06 -22.54
N TYR D 59 -10.59 17.49 -21.37
CA TYR D 59 -10.61 18.90 -21.02
C TYR D 59 -10.59 19.07 -19.52
N SER D 60 -10.14 20.23 -19.07
CA SER D 60 -10.09 20.58 -17.66
C SER D 60 -9.95 22.07 -17.49
N GLN D 61 -10.57 22.57 -16.43
CA GLN D 61 -10.44 23.95 -16.03
C GLN D 61 -10.18 24.03 -14.55
N VAL D 62 -9.33 24.97 -14.21
CA VAL D 62 -8.91 25.26 -12.87
C VAL D 62 -8.97 26.80 -12.71
N LEU D 63 -9.34 27.28 -11.51
CA LEU D 63 -9.42 28.71 -11.20
C LEU D 63 -8.52 28.95 -9.99
N PHE D 64 -7.58 29.89 -10.13
CA PHE D 64 -6.65 30.25 -9.05
C PHE D 64 -7.03 31.59 -8.48
N LYS D 65 -6.86 31.77 -7.17
CA LYS D 65 -7.18 33.02 -6.47
C LYS D 65 -6.15 33.28 -5.36
N GLY D 66 -5.79 34.54 -5.17
CA GLY D 66 -4.87 34.98 -4.13
C GLY D 66 -5.24 36.37 -3.65
N GLN D 67 -4.77 36.76 -2.46
CA GLN D 67 -5.02 38.08 -1.88
C GLN D 67 -3.70 38.84 -1.87
N GLY D 68 -3.53 39.68 -2.88
CA GLY D 68 -2.29 40.43 -3.08
C GLY D 68 -1.22 39.57 -3.69
N CYS D 69 -0.01 40.11 -3.83
CA CYS D 69 1.08 39.37 -4.45
C CYS D 69 2.29 39.16 -3.52
N PRO D 70 2.81 37.90 -3.37
CA PRO D 70 3.95 37.70 -2.46
C PRO D 70 5.29 38.06 -3.10
N SER D 71 6.32 38.15 -2.24
CA SER D 71 7.71 38.45 -2.62
C SER D 71 8.32 37.31 -3.46
N THR D 72 7.65 36.14 -3.48
CA THR D 72 8.09 34.94 -4.18
C THR D 72 7.46 34.83 -5.56
N HIS D 73 8.24 34.46 -6.59
CA HIS D 73 7.71 34.34 -7.95
C HIS D 73 6.88 33.07 -8.08
N VAL D 74 5.58 33.22 -7.85
CA VAL D 74 4.60 32.14 -7.91
C VAL D 74 4.30 31.81 -9.37
N LEU D 75 4.44 30.53 -9.73
CA LEU D 75 4.14 30.00 -11.05
C LEU D 75 3.10 28.91 -10.87
N LEU D 76 1.91 29.17 -11.38
CA LEU D 76 0.75 28.30 -11.29
C LEU D 76 0.73 27.38 -12.50
N THR D 77 0.76 26.05 -12.28
CA THR D 77 0.71 25.13 -13.42
C THR D 77 -0.47 24.20 -13.31
N HIS D 78 -0.97 23.77 -14.47
CA HIS D 78 -2.10 22.89 -14.58
C HIS D 78 -1.82 21.96 -15.75
N THR D 79 -1.91 20.64 -15.51
CA THR D 79 -1.65 19.69 -16.58
C THR D 79 -2.59 18.50 -16.53
N ILE D 80 -2.81 17.87 -17.69
CA ILE D 80 -3.53 16.62 -17.81
C ILE D 80 -2.47 15.59 -18.22
N SER D 81 -2.18 14.65 -17.33
CA SER D 81 -1.18 13.63 -17.58
C SER D 81 -1.82 12.28 -17.90
N ARG D 82 -1.13 11.44 -18.69
CA ARG D 82 -1.57 10.10 -19.04
C ARG D 82 -0.64 9.06 -18.47
N ILE D 83 -1.19 8.08 -17.72
CA ILE D 83 -0.42 6.92 -17.29
C ILE D 83 -0.86 5.84 -18.29
N ALA D 84 0.01 5.53 -19.27
CA ALA D 84 -0.26 4.53 -20.29
C ALA D 84 0.12 3.18 -19.70
N VAL D 85 -0.89 2.36 -19.37
CA VAL D 85 -0.73 1.05 -18.72
C VAL D 85 0.08 0.03 -19.54
N SER D 86 0.00 0.09 -20.89
CA SER D 86 0.74 -0.80 -21.79
C SER D 86 2.26 -0.65 -21.67
N TYR D 87 2.75 0.58 -21.45
CA TYR D 87 4.18 0.88 -21.34
C TYR D 87 4.63 1.26 -19.92
N GLN D 88 3.67 1.44 -18.97
CA GLN D 88 3.90 1.87 -17.58
C GLN D 88 4.71 3.19 -17.55
N THR D 89 4.28 4.13 -18.39
CA THR D 89 4.84 5.44 -18.64
C THR D 89 3.85 6.52 -18.17
N LYS D 90 4.36 7.67 -17.70
CA LYS D 90 3.56 8.82 -17.31
C LYS D 90 4.05 10.04 -18.08
N VAL D 91 3.17 10.68 -18.88
CA VAL D 91 3.50 11.86 -19.69
C VAL D 91 2.46 12.96 -19.52
N ASN D 92 2.83 14.20 -19.85
CA ASN D 92 1.92 15.35 -19.83
C ASN D 92 1.34 15.51 -21.23
N LEU D 93 0.01 15.31 -21.36
CA LEU D 93 -0.70 15.46 -22.64
C LEU D 93 -0.97 16.92 -22.96
N LEU D 94 -1.41 17.68 -21.94
CA LEU D 94 -1.77 19.10 -22.06
C LEU D 94 -1.20 19.80 -20.84
N SER D 95 -0.60 20.98 -21.01
CA SER D 95 -0.03 21.73 -19.88
C SER D 95 -0.10 23.20 -20.14
N ALA D 96 -0.29 24.00 -19.08
CA ALA D 96 -0.28 25.44 -19.16
C ALA D 96 0.30 26.02 -17.88
N ILE D 97 0.98 27.17 -18.01
CA ILE D 97 1.62 27.88 -16.90
C ILE D 97 1.09 29.29 -16.93
N LYS D 98 0.88 29.89 -15.74
CA LYS D 98 0.46 31.26 -15.57
C LYS D 98 1.29 31.93 -14.46
N SER D 99 1.78 33.17 -14.71
CA SER D 99 2.51 33.99 -13.75
C SER D 99 1.53 35.06 -13.24
N PRO D 100 0.92 34.89 -12.05
CA PRO D 100 -0.09 35.87 -11.61
C PRO D 100 0.50 37.19 -11.08
N CYS D 101 1.76 37.17 -10.63
CA CYS D 101 2.43 38.31 -10.01
C CYS D 101 3.73 38.71 -10.68
N GLN D 102 3.65 39.71 -11.57
CA GLN D 102 4.83 40.23 -12.25
C GLN D 102 5.28 41.47 -11.50
N ARG D 103 6.35 41.30 -10.66
CA ARG D 103 6.96 42.35 -9.81
C ARG D 103 5.90 43.08 -8.96
N GLU D 104 5.12 42.29 -8.22
CA GLU D 104 4.05 42.83 -7.39
C GLU D 104 4.23 42.41 -5.94
N THR D 105 4.50 43.41 -5.10
CA THR D 105 4.64 43.38 -3.64
C THR D 105 4.44 44.89 -3.34
N PRO D 106 3.18 45.37 -3.44
CA PRO D 106 2.93 46.81 -3.33
C PRO D 106 3.12 47.44 -1.93
N GLU D 107 4.21 48.22 -1.77
CA GLU D 107 4.53 48.94 -0.53
C GLU D 107 3.73 50.23 -0.50
N GLY D 108 2.94 50.42 0.56
CA GLY D 108 2.07 51.58 0.73
C GLY D 108 0.67 51.34 0.18
N ALA D 109 0.50 50.26 -0.61
CA ALA D 109 -0.76 49.84 -1.22
C ALA D 109 -1.36 48.58 -0.58
N GLU D 110 -2.67 48.39 -0.76
CA GLU D 110 -3.44 47.27 -0.20
C GLU D 110 -3.44 46.00 -1.06
N ALA D 111 -3.66 44.84 -0.41
CA ALA D 111 -3.73 43.55 -1.08
C ALA D 111 -5.13 43.41 -1.70
N LYS D 112 -5.18 43.37 -3.03
CA LYS D 112 -6.41 43.23 -3.79
C LYS D 112 -6.52 41.78 -4.28
N PRO D 113 -7.72 41.17 -4.36
CA PRO D 113 -7.81 39.79 -4.87
C PRO D 113 -7.50 39.66 -6.35
N TRP D 114 -6.81 38.59 -6.72
CA TRP D 114 -6.50 38.28 -8.10
C TRP D 114 -7.04 36.93 -8.43
N TYR D 115 -7.45 36.75 -9.69
CA TYR D 115 -8.01 35.50 -10.18
C TYR D 115 -7.36 35.12 -11.48
N GLU D 116 -7.03 33.84 -11.62
CA GLU D 116 -6.41 33.32 -12.83
C GLU D 116 -7.04 32.02 -13.31
N PRO D 117 -7.84 32.03 -14.41
CA PRO D 117 -8.38 30.77 -14.94
C PRO D 117 -7.39 30.08 -15.90
N ILE D 118 -7.38 28.75 -15.93
CA ILE D 118 -6.58 27.98 -16.86
C ILE D 118 -7.47 26.92 -17.50
N TYR D 119 -7.54 26.90 -18.83
CA TYR D 119 -8.30 25.90 -19.57
C TYR D 119 -7.38 25.05 -20.46
N LEU D 120 -7.60 23.74 -20.44
CA LEU D 120 -6.88 22.76 -21.25
C LEU D 120 -7.91 21.90 -21.96
N GLY D 121 -7.64 21.55 -23.21
CA GLY D 121 -8.52 20.70 -24.01
C GLY D 121 -7.84 20.15 -25.25
N GLY D 122 -8.09 18.90 -25.56
CA GLY D 122 -7.52 18.26 -26.74
C GLY D 122 -8.08 16.88 -27.01
N VAL D 123 -7.81 16.38 -28.23
CA VAL D 123 -8.25 15.05 -28.67
C VAL D 123 -7.04 14.11 -28.68
N PHE D 124 -7.18 12.97 -27.98
CA PHE D 124 -6.13 11.98 -27.82
C PHE D 124 -6.60 10.56 -28.01
N GLN D 125 -5.75 9.74 -28.63
CA GLN D 125 -5.99 8.32 -28.80
C GLN D 125 -5.52 7.69 -27.50
N LEU D 126 -6.46 7.09 -26.76
CA LEU D 126 -6.18 6.44 -25.48
C LEU D 126 -6.44 4.95 -25.54
N GLU D 127 -5.84 4.19 -24.61
CA GLU D 127 -5.95 2.74 -24.51
C GLU D 127 -6.76 2.37 -23.26
N LYS D 128 -7.42 1.21 -23.29
CA LYS D 128 -8.21 0.71 -22.16
C LYS D 128 -7.31 0.52 -20.92
N GLY D 129 -7.74 1.09 -19.80
CA GLY D 129 -6.99 1.03 -18.55
C GLY D 129 -6.14 2.26 -18.24
N ASP D 130 -5.92 3.14 -19.23
CA ASP D 130 -5.14 4.36 -19.05
C ASP D 130 -5.74 5.29 -18.00
N ARG D 131 -4.88 5.89 -17.17
CA ARG D 131 -5.32 6.80 -16.11
C ARG D 131 -4.93 8.24 -16.41
N LEU D 132 -5.93 9.13 -16.45
CA LEU D 132 -5.72 10.56 -16.68
C LEU D 132 -5.81 11.31 -15.37
N SER D 133 -4.87 12.23 -15.13
CA SER D 133 -4.86 13.07 -13.93
C SER D 133 -4.86 14.54 -14.33
N ALA D 134 -5.70 15.36 -13.67
CA ALA D 134 -5.69 16.79 -13.88
C ALA D 134 -4.99 17.31 -12.61
N GLU D 135 -3.72 17.71 -12.77
CA GLU D 135 -2.80 18.09 -11.69
C GLU D 135 -2.43 19.56 -11.67
N ILE D 136 -2.32 20.12 -10.45
CA ILE D 136 -1.88 21.49 -10.23
C ILE D 136 -0.72 21.49 -9.23
N ASN D 137 0.32 22.29 -9.48
CA ASN D 137 1.50 22.32 -8.60
C ASN D 137 1.22 23.00 -7.27
N ARG D 138 0.30 23.99 -7.28
CA ARG D 138 -0.09 24.78 -6.11
C ARG D 138 -1.59 24.69 -5.79
N PRO D 139 -2.03 23.58 -5.15
CA PRO D 139 -3.48 23.44 -4.82
C PRO D 139 -3.99 24.43 -3.80
N ASP D 140 -3.09 25.02 -2.99
CA ASP D 140 -3.43 26.03 -1.98
C ASP D 140 -3.93 27.35 -2.61
N TYR D 141 -3.67 27.56 -3.91
CA TYR D 141 -4.13 28.76 -4.62
C TYR D 141 -5.45 28.51 -5.36
N LEU D 142 -5.92 27.26 -5.37
CA LEU D 142 -7.16 26.83 -6.00
C LEU D 142 -8.42 27.47 -5.38
N ASP D 143 -9.37 27.86 -6.23
CA ASP D 143 -10.63 28.46 -5.81
C ASP D 143 -11.81 27.62 -6.25
N PHE D 144 -12.50 26.97 -5.30
CA PHE D 144 -13.71 26.21 -5.58
C PHE D 144 -14.88 26.75 -4.71
N ALA D 145 -14.86 28.07 -4.43
CA ALA D 145 -15.86 28.81 -3.64
C ALA D 145 -17.24 28.67 -4.28
N GLU D 146 -17.27 28.65 -5.61
CA GLU D 146 -18.51 28.53 -6.36
C GLU D 146 -18.40 27.43 -7.40
N SER D 147 -19.54 26.82 -7.76
CA SER D 147 -19.62 25.74 -8.76
C SER D 147 -19.28 26.23 -10.16
N GLY D 148 -18.70 25.31 -10.94
CA GLY D 148 -18.34 25.55 -12.34
C GLY D 148 -16.95 26.12 -12.57
N GLN D 149 -16.22 26.44 -11.50
CA GLN D 149 -14.89 27.05 -11.54
C GLN D 149 -13.76 26.06 -11.76
N VAL D 150 -13.90 24.83 -11.25
CA VAL D 150 -12.87 23.82 -11.40
C VAL D 150 -13.50 22.47 -11.76
N TYR D 151 -13.11 21.93 -12.93
CA TYR D 151 -13.65 20.69 -13.51
C TYR D 151 -12.62 19.98 -14.39
N PHE D 152 -12.92 18.73 -14.75
CA PHE D 152 -12.06 17.86 -15.54
C PHE D 152 -13.02 16.88 -16.22
N GLY D 153 -12.89 16.71 -17.53
CA GLY D 153 -13.76 15.79 -18.24
C GLY D 153 -13.17 15.11 -19.44
N ILE D 154 -13.78 13.99 -19.84
CA ILE D 154 -13.43 13.20 -21.03
C ILE D 154 -14.71 12.73 -21.71
N ILE D 155 -14.65 12.56 -23.04
CA ILE D 155 -15.75 12.01 -23.81
C ILE D 155 -15.20 11.26 -25.02
N ALA D 156 -15.65 10.01 -25.20
CA ALA D 156 -15.24 9.18 -26.35
C ALA D 156 -15.93 9.70 -27.60
N LEU D 157 -15.18 9.79 -28.71
CA LEU D 157 -15.72 10.29 -29.99
C LEU D 157 -15.75 9.23 -31.08
N ASP E 10 -12.32 5.82 -39.65
CA ASP E 10 -13.26 6.22 -38.60
C ASP E 10 -13.85 7.60 -38.87
N LYS E 11 -13.30 8.65 -38.24
CA LYS E 11 -13.79 10.03 -38.44
C LYS E 11 -12.61 11.04 -38.51
N PRO E 12 -12.68 12.03 -39.46
CA PRO E 12 -11.55 12.98 -39.64
C PRO E 12 -11.02 13.64 -38.36
N VAL E 13 -9.73 13.39 -38.05
CA VAL E 13 -9.08 13.86 -36.84
C VAL E 13 -7.75 14.53 -37.00
N ALA E 14 -7.46 15.41 -36.05
CA ALA E 14 -6.22 16.13 -35.96
C ALA E 14 -5.90 16.58 -34.53
N HIS E 15 -4.59 16.54 -34.20
CA HIS E 15 -3.97 17.03 -32.96
C HIS E 15 -2.47 17.16 -33.20
N VAL E 16 -2.11 18.19 -33.96
CA VAL E 16 -0.74 18.50 -34.29
C VAL E 16 -0.12 19.24 -33.12
N VAL E 17 1.17 19.00 -32.88
CA VAL E 17 1.92 19.60 -31.78
C VAL E 17 3.08 20.45 -32.37
N ALA E 18 3.55 21.46 -31.61
CA ALA E 18 4.66 22.29 -32.07
C ALA E 18 5.96 21.48 -32.08
N ASN E 19 6.74 21.65 -33.16
CA ASN E 19 8.03 20.99 -33.36
C ASN E 19 9.04 21.65 -32.40
N PRO E 20 9.57 20.91 -31.40
CA PRO E 20 10.57 21.50 -30.48
C PRO E 20 11.92 21.75 -31.17
N GLN E 21 12.20 21.02 -32.28
CA GLN E 21 13.42 21.14 -33.09
C GLN E 21 13.45 22.45 -33.88
N ALA E 22 12.26 23.00 -34.28
CA ALA E 22 12.13 24.26 -35.02
C ALA E 22 12.34 25.43 -34.07
N GLU E 23 13.45 26.14 -34.24
CA GLU E 23 13.88 27.27 -33.41
C GLU E 23 13.14 28.58 -33.73
N GLY E 24 12.49 29.17 -32.72
CA GLY E 24 11.76 30.45 -32.77
C GLY E 24 10.60 30.56 -33.76
N GLN E 25 10.03 29.41 -34.15
CA GLN E 25 8.94 29.38 -35.12
C GLN E 25 7.93 28.27 -34.82
N LEU E 26 6.67 28.49 -35.26
CA LEU E 26 5.58 27.55 -35.05
C LEU E 26 5.42 26.58 -36.23
N GLN E 27 6.00 25.38 -36.10
CA GLN E 27 5.91 24.33 -37.11
C GLN E 27 5.15 23.14 -36.53
N TRP E 28 3.98 22.84 -37.10
CA TRP E 28 3.12 21.73 -36.65
C TRP E 28 3.69 20.39 -37.04
N LEU E 29 3.52 19.43 -36.14
CA LEU E 29 4.07 18.08 -36.29
C LEU E 29 3.08 17.04 -35.79
N ASN E 30 2.92 15.95 -36.57
CA ASN E 30 2.04 14.84 -36.22
C ASN E 30 2.80 13.53 -35.95
N ARG E 31 4.00 13.38 -36.54
CA ARG E 31 4.86 12.20 -36.39
C ARG E 31 5.54 12.19 -35.01
N ARG E 32 4.70 12.03 -33.98
CA ARG E 32 5.05 12.02 -32.56
C ARG E 32 3.99 11.22 -31.81
N ALA E 33 4.34 10.69 -30.62
CA ALA E 33 3.45 9.98 -29.72
C ALA E 33 2.44 11.01 -29.16
N ASN E 34 1.17 10.59 -28.96
CA ASN E 34 0.05 11.40 -28.45
C ASN E 34 -0.33 12.56 -29.40
N ALA E 35 -0.07 12.38 -30.70
CA ALA E 35 -0.39 13.32 -31.78
C ALA E 35 -1.18 12.56 -32.84
N LEU E 36 -2.13 13.25 -33.49
CA LEU E 36 -3.01 12.63 -34.47
C LEU E 36 -3.08 13.39 -35.79
N LEU E 37 -3.36 12.64 -36.87
CA LEU E 37 -3.58 13.12 -38.24
C LEU E 37 -4.10 11.91 -39.02
N ALA E 38 -5.42 11.72 -39.03
CA ALA E 38 -6.05 10.56 -39.66
C ALA E 38 -7.42 10.84 -40.32
N ASN E 39 -7.87 9.87 -41.15
CA ASN E 39 -9.14 9.81 -41.87
C ASN E 39 -9.40 11.04 -42.79
N GLY E 40 -8.41 11.34 -43.64
CA GLY E 40 -8.52 12.43 -44.61
C GLY E 40 -7.79 13.72 -44.29
N VAL E 41 -7.82 14.15 -43.01
CA VAL E 41 -7.16 15.38 -42.53
C VAL E 41 -5.66 15.35 -42.87
N GLU E 42 -5.19 16.41 -43.53
CA GLU E 42 -3.80 16.51 -43.94
C GLU E 42 -3.16 17.79 -43.45
N LEU E 43 -1.84 17.73 -43.21
CA LEU E 43 -1.02 18.86 -42.78
C LEU E 43 -0.24 19.33 -44.02
N ARG E 44 -0.77 20.36 -44.70
CA ARG E 44 -0.26 20.92 -45.94
C ARG E 44 0.22 22.35 -45.72
N ASP E 45 1.54 22.57 -45.81
CA ASP E 45 2.20 23.87 -45.63
C ASP E 45 1.86 24.50 -44.26
N ASN E 46 1.88 23.65 -43.20
CA ASN E 46 1.64 23.97 -41.78
C ASN E 46 0.18 24.37 -41.45
N GLN E 47 -0.76 23.98 -42.32
CA GLN E 47 -2.19 24.24 -42.20
C GLN E 47 -2.94 22.91 -42.23
N LEU E 48 -4.19 22.91 -41.74
CA LEU E 48 -4.99 21.68 -41.81
C LEU E 48 -5.99 21.82 -42.95
N VAL E 49 -6.01 20.85 -43.86
CA VAL E 49 -6.94 20.84 -45.00
C VAL E 49 -8.14 19.97 -44.64
N VAL E 50 -9.35 20.53 -44.80
CA VAL E 50 -10.61 19.86 -44.51
C VAL E 50 -10.89 18.74 -45.56
N PRO E 51 -11.06 17.45 -45.17
CA PRO E 51 -11.27 16.41 -46.19
C PRO E 51 -12.67 16.30 -46.75
N SER E 52 -13.69 16.65 -45.96
CA SER E 52 -15.09 16.54 -46.34
C SER E 52 -15.96 17.59 -45.67
N GLU E 53 -17.10 17.91 -46.29
CA GLU E 53 -18.10 18.85 -45.78
C GLU E 53 -18.68 18.31 -44.47
N GLY E 54 -18.94 19.21 -43.52
CA GLY E 54 -19.55 18.85 -42.25
C GLY E 54 -19.19 19.74 -41.08
N LEU E 55 -19.70 19.36 -39.90
CA LEU E 55 -19.44 20.06 -38.66
C LEU E 55 -18.14 19.55 -38.08
N TYR E 56 -17.31 20.47 -37.61
CA TYR E 56 -16.03 20.13 -37.00
C TYR E 56 -15.85 20.90 -35.72
N LEU E 57 -15.31 20.22 -34.69
CA LEU E 57 -14.90 20.87 -33.46
C LEU E 57 -13.45 21.24 -33.76
N ILE E 58 -13.13 22.53 -33.65
CA ILE E 58 -11.80 23.03 -33.92
C ILE E 58 -11.26 23.55 -32.61
N TYR E 59 -9.97 23.32 -32.34
CA TYR E 59 -9.34 23.77 -31.12
C TYR E 59 -7.85 23.99 -31.31
N SER E 60 -7.27 24.86 -30.48
CA SER E 60 -5.85 25.14 -30.50
C SER E 60 -5.43 25.79 -29.19
N GLN E 61 -4.22 25.47 -28.76
CA GLN E 61 -3.61 26.09 -27.61
C GLN E 61 -2.21 26.49 -27.93
N VAL E 62 -1.86 27.65 -27.43
CA VAL E 62 -0.57 28.25 -27.58
C VAL E 62 -0.13 28.72 -26.16
N LEU E 63 1.17 28.62 -25.86
CA LEU E 63 1.72 29.06 -24.58
C LEU E 63 2.81 30.04 -24.95
N PHE E 64 2.74 31.24 -24.41
CA PHE E 64 3.73 32.27 -24.64
C PHE E 64 4.55 32.44 -23.36
N LYS E 65 5.83 32.77 -23.51
CA LYS E 65 6.76 33.00 -22.40
C LYS E 65 7.77 34.07 -22.82
N GLY E 66 8.23 34.82 -21.84
CA GLY E 66 9.25 35.84 -21.99
C GLY E 66 10.00 36.03 -20.70
N GLN E 67 11.22 36.58 -20.80
CA GLN E 67 12.07 36.87 -19.65
C GLN E 67 12.03 38.37 -19.41
N GLY E 68 11.13 38.79 -18.53
CA GLY E 68 10.92 40.20 -18.25
C GLY E 68 10.11 40.89 -19.34
N CYS E 69 10.06 42.21 -19.29
CA CYS E 69 9.27 43.04 -20.20
C CYS E 69 10.11 43.96 -21.09
N PRO E 70 9.79 44.10 -22.40
CA PRO E 70 10.58 44.99 -23.25
C PRO E 70 10.07 46.42 -23.27
N SER E 71 10.72 47.30 -24.08
CA SER E 71 10.33 48.70 -24.26
C SER E 71 9.43 48.83 -25.51
N THR E 72 8.43 47.94 -25.58
CA THR E 72 7.42 47.80 -26.65
C THR E 72 6.18 47.15 -26.03
N HIS E 73 5.00 47.80 -26.16
CA HIS E 73 3.77 47.25 -25.62
C HIS E 73 3.35 46.05 -26.46
N VAL E 74 3.74 44.87 -25.99
CA VAL E 74 3.49 43.60 -26.66
C VAL E 74 2.04 43.17 -26.54
N LEU E 75 1.48 42.76 -27.67
CA LEU E 75 0.13 42.23 -27.81
C LEU E 75 0.27 40.92 -28.54
N LEU E 76 -0.08 39.85 -27.84
CA LEU E 76 0.04 38.49 -28.31
C LEU E 76 -1.29 38.05 -28.83
N THR E 77 -1.34 37.66 -30.10
CA THR E 77 -2.60 37.20 -30.69
C THR E 77 -2.47 35.78 -31.19
N HIS E 78 -3.59 35.06 -31.15
CA HIS E 78 -3.68 33.70 -31.61
C HIS E 78 -5.04 33.54 -32.26
N THR E 79 -5.06 33.03 -33.50
CA THR E 79 -6.32 32.86 -34.21
C THR E 79 -6.34 31.60 -35.04
N ILE E 80 -7.55 31.07 -35.28
CA ILE E 80 -7.78 29.97 -36.21
C ILE E 80 -8.55 30.62 -37.38
N SER E 81 -7.90 30.70 -38.55
CA SER E 81 -8.52 31.29 -39.73
C SER E 81 -8.96 30.23 -40.71
N ARG E 82 -10.01 30.53 -41.51
CA ARG E 82 -10.55 29.64 -42.53
C ARG E 82 -10.38 30.27 -43.89
N ILE E 83 -9.74 29.53 -44.81
CA ILE E 83 -9.69 29.91 -46.21
C ILE E 83 -10.78 29.03 -46.83
N ALA E 84 -11.93 29.65 -47.17
CA ALA E 84 -13.06 28.95 -47.77
C ALA E 84 -12.80 28.90 -49.28
N VAL E 85 -12.45 27.71 -49.80
CA VAL E 85 -12.06 27.49 -51.20
C VAL E 85 -13.14 27.82 -52.21
N SER E 86 -14.43 27.64 -51.85
CA SER E 86 -15.59 27.93 -52.71
C SER E 86 -15.69 29.41 -53.07
N TYR E 87 -15.34 30.31 -52.14
CA TYR E 87 -15.43 31.76 -52.34
C TYR E 87 -14.07 32.47 -52.42
N GLN E 88 -12.96 31.73 -52.13
CA GLN E 88 -11.57 32.21 -52.08
C GLN E 88 -11.47 33.44 -51.16
N THR E 89 -12.05 33.26 -49.97
CA THR E 89 -12.17 34.20 -48.86
C THR E 89 -11.37 33.68 -47.67
N LYS E 90 -10.83 34.60 -46.83
CA LYS E 90 -10.09 34.26 -45.62
C LYS E 90 -10.70 35.04 -44.46
N VAL E 91 -11.14 34.34 -43.41
CA VAL E 91 -11.76 34.93 -42.22
C VAL E 91 -11.18 34.31 -40.95
N ASN E 92 -11.31 35.01 -39.83
CA ASN E 92 -10.89 34.53 -38.53
C ASN E 92 -12.10 33.89 -37.85
N LEU E 93 -12.04 32.57 -37.63
CA LEU E 93 -13.13 31.82 -36.98
C LEU E 93 -13.12 32.04 -35.48
N LEU E 94 -11.92 31.95 -34.88
CA LEU E 94 -11.69 32.07 -33.44
C LEU E 94 -10.47 32.94 -33.24
N SER E 95 -10.50 33.88 -32.30
CA SER E 95 -9.37 34.77 -32.05
C SER E 95 -9.33 35.17 -30.60
N ALA E 96 -8.12 35.37 -30.08
CA ALA E 96 -7.93 35.86 -28.72
C ALA E 96 -6.67 36.72 -28.69
N ILE E 97 -6.69 37.74 -27.83
CA ILE E 97 -5.59 38.70 -27.68
C ILE E 97 -5.20 38.70 -26.20
N LYS E 98 -3.89 38.81 -25.91
CA LYS E 98 -3.35 38.93 -24.56
C LYS E 98 -2.27 40.01 -24.52
N SER E 99 -2.25 40.79 -23.45
CA SER E 99 -1.27 41.85 -23.19
C SER E 99 -0.39 41.32 -22.03
N PRO E 100 0.81 40.74 -22.33
CA PRO E 100 1.61 40.13 -21.25
C PRO E 100 2.25 41.09 -20.27
N CYS E 101 2.61 42.30 -20.74
CA CYS E 101 3.31 43.30 -19.97
C CYS E 101 2.57 44.60 -19.83
N GLN E 102 2.05 44.86 -18.62
CA GLN E 102 1.39 46.11 -18.31
C GLN E 102 2.55 46.97 -17.82
N ARG E 103 3.08 47.84 -18.71
CA ARG E 103 4.27 48.68 -18.50
C ARG E 103 5.48 47.76 -18.23
N GLU E 104 6.37 48.12 -17.27
CA GLU E 104 7.57 47.37 -16.85
C GLU E 104 8.63 47.13 -17.96
N THR E 105 9.90 47.03 -17.53
CA THR E 105 11.12 46.77 -18.30
C THR E 105 12.23 46.29 -17.31
N PRO E 106 12.13 46.73 -16.02
CA PRO E 106 13.34 47.08 -15.25
C PRO E 106 14.44 45.99 -15.27
N ALA E 109 17.87 45.13 -13.16
CA ALA E 109 18.20 44.19 -14.24
C ALA E 109 17.41 42.88 -14.18
N GLU E 110 17.04 42.42 -12.97
CA GLU E 110 16.35 41.14 -12.70
C GLU E 110 15.11 40.88 -13.59
N ALA E 111 15.21 39.89 -14.49
CA ALA E 111 14.15 39.50 -15.40
C ALA E 111 13.40 38.24 -14.92
N LYS E 112 12.12 38.42 -14.55
CA LYS E 112 11.28 37.33 -14.08
C LYS E 112 10.55 36.71 -15.28
N PRO E 113 10.51 35.37 -15.40
CA PRO E 113 9.79 34.78 -16.54
C PRO E 113 8.27 34.87 -16.41
N TRP E 114 7.60 35.34 -17.48
CA TRP E 114 6.14 35.43 -17.48
C TRP E 114 5.58 34.37 -18.42
N TYR E 115 4.34 33.92 -18.19
CA TYR E 115 3.70 32.88 -19.01
C TYR E 115 2.26 33.27 -19.32
N GLU E 116 1.85 33.12 -20.58
CA GLU E 116 0.49 33.41 -20.99
C GLU E 116 -0.12 32.29 -21.86
N PRO E 117 -1.06 31.50 -21.33
CA PRO E 117 -1.71 30.48 -22.18
C PRO E 117 -2.92 31.06 -22.93
N ILE E 118 -3.17 30.60 -24.16
CA ILE E 118 -4.33 31.02 -24.95
C ILE E 118 -4.99 29.76 -25.49
N TYR E 119 -6.29 29.58 -25.20
CA TYR E 119 -7.06 28.45 -25.72
C TYR E 119 -8.21 28.94 -26.62
N LEU E 120 -8.37 28.30 -27.77
CA LEU E 120 -9.44 28.59 -28.73
C LEU E 120 -10.13 27.27 -29.03
N GLY E 121 -11.45 27.30 -29.13
CA GLY E 121 -12.25 26.12 -29.44
C GLY E 121 -13.67 26.47 -29.87
N GLY E 122 -14.18 25.78 -30.89
CA GLY E 122 -15.53 26.02 -31.38
C GLY E 122 -15.98 25.02 -32.42
N VAL E 123 -17.28 25.00 -32.70
CA VAL E 123 -17.91 24.13 -33.69
C VAL E 123 -18.29 24.95 -34.92
N PHE E 124 -17.82 24.50 -36.09
CA PHE E 124 -18.01 25.18 -37.37
C PHE E 124 -18.37 24.23 -38.49
N GLN E 125 -19.25 24.68 -39.38
CA GLN E 125 -19.61 23.96 -40.58
C GLN E 125 -18.53 24.33 -41.61
N LEU E 126 -17.75 23.32 -42.04
CA LEU E 126 -16.67 23.51 -43.00
C LEU E 126 -16.95 22.77 -44.30
N GLU E 127 -16.27 23.19 -45.39
CA GLU E 127 -16.40 22.60 -46.72
C GLU E 127 -15.11 21.87 -47.09
N LYS E 128 -15.22 20.83 -47.95
CA LYS E 128 -14.07 20.06 -48.41
C LYS E 128 -13.07 20.98 -49.14
N GLY E 129 -11.81 20.87 -48.75
CA GLY E 129 -10.72 21.65 -49.34
C GLY E 129 -10.36 22.91 -48.58
N ASP E 130 -11.22 23.34 -47.63
CA ASP E 130 -10.95 24.53 -46.82
C ASP E 130 -9.68 24.37 -46.02
N ARG E 131 -8.92 25.44 -45.87
CA ARG E 131 -7.65 25.44 -45.16
C ARG E 131 -7.75 26.22 -43.88
N LEU E 132 -7.38 25.57 -42.78
CA LEU E 132 -7.41 26.12 -41.44
C LEU E 132 -5.99 26.40 -41.00
N SER E 133 -5.77 27.61 -40.47
CA SER E 133 -4.46 28.01 -40.00
C SER E 133 -4.55 28.44 -38.57
N ALA E 134 -3.58 28.00 -37.75
CA ALA E 134 -3.43 28.42 -36.36
C ALA E 134 -2.31 29.45 -36.44
N GLU E 135 -2.68 30.73 -36.38
CA GLU E 135 -1.78 31.86 -36.57
C GLU E 135 -1.52 32.67 -35.34
N ILE E 136 -0.25 33.04 -35.14
CA ILE E 136 0.18 33.87 -34.04
C ILE E 136 0.97 35.06 -34.61
N ASN E 137 0.74 36.26 -34.10
CA ASN E 137 1.42 37.45 -34.62
C ASN E 137 2.89 37.47 -34.24
N ARG E 138 3.22 36.90 -33.05
CA ARG E 138 4.57 36.86 -32.47
C ARG E 138 5.04 35.43 -32.17
N PRO E 139 5.51 34.68 -33.19
CA PRO E 139 5.99 33.29 -32.95
C PRO E 139 7.22 33.17 -32.05
N ASP E 140 8.02 34.24 -31.96
CA ASP E 140 9.22 34.33 -31.14
C ASP E 140 8.92 34.26 -29.63
N TYR E 141 7.65 34.51 -29.23
CA TYR E 141 7.24 34.46 -27.83
C TYR E 141 6.70 33.09 -27.43
N LEU E 142 6.57 32.18 -28.39
CA LEU E 142 6.08 30.81 -28.19
C LEU E 142 7.03 29.94 -27.32
N ASP E 143 6.43 29.15 -26.42
CA ASP E 143 7.16 28.25 -25.54
C ASP E 143 6.78 26.81 -25.82
N PHE E 144 7.72 26.01 -26.34
CA PHE E 144 7.51 24.58 -26.59
C PHE E 144 8.60 23.76 -25.87
N ALA E 145 9.09 24.27 -24.73
CA ALA E 145 10.11 23.65 -23.87
C ALA E 145 9.65 22.29 -23.36
N GLU E 146 8.34 22.15 -23.11
CA GLU E 146 7.75 20.92 -22.62
C GLU E 146 6.56 20.52 -23.48
N SER E 147 6.28 19.21 -23.56
CA SER E 147 5.15 18.64 -24.31
C SER E 147 3.79 19.08 -23.73
N GLY E 148 2.80 19.23 -24.62
CA GLY E 148 1.43 19.58 -24.28
C GLY E 148 1.10 21.06 -24.18
N GLN E 149 2.11 21.92 -24.39
CA GLN E 149 1.97 23.37 -24.26
C GLN E 149 1.41 24.08 -25.50
N VAL E 150 1.72 23.57 -26.70
CA VAL E 150 1.26 24.18 -27.95
C VAL E 150 0.76 23.08 -28.90
N TYR E 151 -0.52 23.18 -29.32
CA TYR E 151 -1.22 22.21 -30.17
C TYR E 151 -2.36 22.86 -30.97
N PHE E 152 -2.85 22.16 -32.01
CA PHE E 152 -3.90 22.60 -32.92
C PHE E 152 -4.61 21.36 -33.48
N GLY E 153 -5.93 21.33 -33.42
CA GLY E 153 -6.68 20.18 -33.89
C GLY E 153 -8.11 20.39 -34.33
N ILE E 154 -8.63 19.39 -35.06
CA ILE E 154 -9.99 19.33 -35.58
C ILE E 154 -10.56 17.92 -35.46
N ILE E 155 -11.87 17.81 -35.30
CA ILE E 155 -12.54 16.53 -35.27
C ILE E 155 -13.94 16.67 -35.86
N ALA E 156 -14.26 15.84 -36.86
CA ALA E 156 -15.58 15.83 -37.49
C ALA E 156 -16.59 15.22 -36.51
N LEU E 157 -17.77 15.85 -36.40
CA LEU E 157 -18.84 15.40 -35.50
C LEU E 157 -20.07 14.90 -36.23
N ASP F 10 -29.13 14.89 -38.34
CA ASP F 10 -27.99 15.68 -37.88
C ASP F 10 -28.22 16.18 -36.44
N LYS F 11 -27.11 16.47 -35.77
CA LYS F 11 -27.06 16.84 -34.36
C LYS F 11 -27.60 18.25 -34.05
N PRO F 12 -28.32 18.44 -32.93
CA PRO F 12 -28.69 19.78 -32.50
C PRO F 12 -27.40 20.59 -32.30
N VAL F 13 -27.26 21.72 -33.04
CA VAL F 13 -26.09 22.60 -33.05
C VAL F 13 -26.42 24.05 -32.79
N ALA F 14 -25.41 24.77 -32.25
CA ALA F 14 -25.35 26.19 -32.02
C ALA F 14 -23.91 26.66 -31.88
N HIS F 15 -23.61 27.81 -32.51
CA HIS F 15 -22.39 28.61 -32.42
C HIS F 15 -22.85 30.01 -32.73
N VAL F 16 -23.20 30.73 -31.66
CA VAL F 16 -23.73 32.08 -31.76
C VAL F 16 -22.66 33.09 -31.36
N VAL F 17 -22.66 34.21 -32.04
CA VAL F 17 -21.63 35.22 -31.91
C VAL F 17 -22.22 36.50 -31.29
N ALA F 18 -21.36 37.32 -30.65
CA ALA F 18 -21.82 38.56 -30.04
C ALA F 18 -22.23 39.59 -31.11
N ASN F 19 -23.30 40.31 -30.80
CA ASN F 19 -23.89 41.37 -31.60
C ASN F 19 -23.08 42.63 -31.23
N PRO F 20 -22.07 43.05 -32.04
CA PRO F 20 -21.29 44.28 -31.71
C PRO F 20 -22.14 45.54 -31.90
N GLN F 21 -23.37 45.29 -32.38
CA GLN F 21 -24.47 46.16 -32.74
C GLN F 21 -25.22 46.62 -31.48
N ALA F 22 -25.30 45.74 -30.46
CA ALA F 22 -25.92 46.02 -29.18
C ALA F 22 -24.85 46.66 -28.30
N GLU F 23 -24.80 48.01 -28.32
CA GLU F 23 -23.83 48.80 -27.57
C GLU F 23 -23.87 48.51 -26.07
N GLY F 24 -22.69 48.19 -25.54
CA GLY F 24 -22.47 47.93 -24.13
C GLY F 24 -23.15 46.73 -23.52
N GLN F 25 -23.63 45.76 -24.35
CA GLN F 25 -24.31 44.56 -23.87
C GLN F 25 -24.10 43.33 -24.77
N LEU F 26 -24.00 42.14 -24.14
CA LEU F 26 -23.76 40.86 -24.79
C LEU F 26 -25.05 40.22 -25.28
N GLN F 27 -25.32 40.43 -26.56
CA GLN F 27 -26.50 39.90 -27.24
C GLN F 27 -26.01 38.87 -28.25
N TRP F 28 -26.55 37.65 -28.16
CA TRP F 28 -26.18 36.54 -29.05
C TRP F 28 -26.90 36.62 -30.41
N LEU F 29 -26.16 36.28 -31.49
CA LEU F 29 -26.64 36.37 -32.86
C LEU F 29 -26.21 35.16 -33.67
N ASN F 30 -27.13 34.62 -34.48
CA ASN F 30 -26.88 33.47 -35.35
C ASN F 30 -26.96 33.82 -36.83
N ARG F 31 -27.75 34.87 -37.19
CA ARG F 31 -27.94 35.33 -38.57
C ARG F 31 -26.71 36.08 -39.08
N ARG F 32 -25.63 35.30 -39.23
CA ARG F 32 -24.30 35.71 -39.67
C ARG F 32 -23.62 34.49 -40.29
N ALA F 33 -22.61 34.74 -41.17
CA ALA F 33 -21.79 33.71 -41.79
C ALA F 33 -20.89 33.13 -40.69
N ASN F 34 -20.57 31.81 -40.76
CA ASN F 34 -19.74 31.06 -39.79
C ASN F 34 -20.37 31.00 -38.37
N ALA F 35 -21.73 31.06 -38.32
CA ALA F 35 -22.53 30.98 -37.12
C ALA F 35 -23.60 29.90 -37.34
N LEU F 36 -23.97 29.17 -36.28
CA LEU F 36 -24.94 28.09 -36.37
C LEU F 36 -26.06 28.17 -35.35
N LEU F 37 -27.21 27.62 -35.72
CA LEU F 37 -28.43 27.45 -34.93
C LEU F 37 -29.29 26.53 -35.78
N ALA F 38 -29.11 25.22 -35.55
CA ALA F 38 -29.74 24.16 -36.34
C ALA F 38 -30.18 22.92 -35.54
N ASN F 39 -31.02 22.08 -36.19
CA ASN F 39 -31.55 20.80 -35.73
C ASN F 39 -32.23 20.88 -34.33
N GLY F 40 -33.13 21.84 -34.16
CA GLY F 40 -33.91 22.03 -32.95
C GLY F 40 -33.44 23.10 -31.99
N VAL F 41 -32.13 23.44 -31.99
CA VAL F 41 -31.60 24.47 -31.07
C VAL F 41 -32.19 25.83 -31.45
N GLU F 42 -32.70 26.53 -30.42
CA GLU F 42 -33.34 27.83 -30.59
C GLU F 42 -32.69 28.88 -29.71
N LEU F 43 -32.70 30.13 -30.19
CA LEU F 43 -32.18 31.28 -29.45
C LEU F 43 -33.39 32.13 -29.06
N ARG F 44 -33.78 32.06 -27.77
CA ARG F 44 -34.91 32.77 -27.19
C ARG F 44 -34.45 33.56 -25.97
N ASP F 45 -34.84 34.84 -25.89
CA ASP F 45 -34.48 35.77 -24.80
C ASP F 45 -32.96 35.70 -24.45
N ASN F 46 -32.09 35.69 -25.49
CA ASN F 46 -30.64 35.63 -25.41
C ASN F 46 -30.07 34.27 -24.93
N GLN F 47 -30.95 33.29 -24.77
CA GLN F 47 -30.59 31.98 -24.27
C GLN F 47 -30.69 30.91 -25.33
N LEU F 48 -29.87 29.86 -25.21
CA LEU F 48 -29.99 28.73 -26.11
C LEU F 48 -30.93 27.73 -25.47
N VAL F 49 -31.93 27.28 -26.23
CA VAL F 49 -32.91 26.33 -25.74
C VAL F 49 -32.58 24.93 -26.25
N VAL F 50 -32.45 23.98 -25.32
CA VAL F 50 -32.12 22.56 -25.58
C VAL F 50 -33.33 21.87 -26.25
N PRO F 51 -33.18 21.30 -27.46
CA PRO F 51 -34.34 20.66 -28.13
C PRO F 51 -34.70 19.26 -27.65
N SER F 52 -33.70 18.50 -27.17
CA SER F 52 -33.90 17.12 -26.75
C SER F 52 -32.93 16.74 -25.63
N GLU F 53 -33.30 15.72 -24.84
CA GLU F 53 -32.51 15.17 -23.75
C GLU F 53 -31.24 14.56 -24.32
N GLY F 54 -30.13 14.70 -23.60
CA GLY F 54 -28.86 14.13 -24.02
C GLY F 54 -27.63 14.85 -23.55
N LEU F 55 -26.48 14.34 -23.96
CA LEU F 55 -25.18 14.93 -23.65
C LEU F 55 -24.90 16.02 -24.65
N TYR F 56 -24.40 17.14 -24.16
CA TYR F 56 -24.05 18.28 -25.00
C TYR F 56 -22.69 18.80 -24.61
N LEU F 57 -21.89 19.17 -25.61
CA LEU F 57 -20.64 19.87 -25.38
C LEU F 57 -21.07 21.34 -25.41
N ILE F 58 -20.80 22.06 -24.34
CA ILE F 58 -21.16 23.46 -24.22
C ILE F 58 -19.86 24.24 -24.15
N TYR F 59 -19.79 25.37 -24.84
CA TYR F 59 -18.59 26.19 -24.84
C TYR F 59 -18.92 27.64 -25.08
N SER F 60 -18.03 28.52 -24.63
CA SER F 60 -18.18 29.95 -24.81
C SER F 60 -16.85 30.63 -24.62
N GLN F 61 -16.65 31.69 -25.40
CA GLN F 61 -15.48 32.53 -25.25
C GLN F 61 -15.90 33.96 -25.26
N VAL F 62 -15.26 34.72 -24.42
CA VAL F 62 -15.46 36.14 -24.24
C VAL F 62 -14.05 36.79 -24.24
N LEU F 63 -13.94 38.00 -24.79
CA LEU F 63 -12.70 38.76 -24.82
C LEU F 63 -13.01 40.09 -24.17
N PHE F 64 -12.25 40.43 -23.11
CA PHE F 64 -12.40 41.72 -22.44
C PHE F 64 -11.25 42.64 -22.82
N LYS F 65 -11.50 43.94 -22.85
CA LYS F 65 -10.50 44.94 -23.20
C LYS F 65 -10.78 46.21 -22.41
N GLY F 66 -9.72 46.93 -22.08
CA GLY F 66 -9.81 48.22 -21.42
C GLY F 66 -8.68 49.14 -21.80
N GLN F 67 -8.86 50.44 -21.55
CA GLN F 67 -7.80 51.41 -21.81
C GLN F 67 -7.35 51.91 -20.45
N GLY F 68 -6.30 51.30 -19.94
CA GLY F 68 -5.78 51.60 -18.61
C GLY F 68 -6.61 50.97 -17.51
N CYS F 69 -6.33 51.36 -16.26
CA CYS F 69 -6.99 50.83 -15.09
C CYS F 69 -7.73 51.88 -14.26
N PRO F 70 -8.99 51.63 -13.87
CA PRO F 70 -9.73 52.64 -13.08
C PRO F 70 -9.47 52.55 -11.58
N SER F 71 -10.09 53.44 -10.80
CA SER F 71 -9.95 53.45 -9.34
C SER F 71 -10.59 52.20 -8.73
N THR F 72 -11.73 51.73 -9.28
CA THR F 72 -12.40 50.54 -8.78
C THR F 72 -11.68 49.25 -9.21
N HIS F 73 -11.54 48.30 -8.26
CA HIS F 73 -10.91 47.02 -8.55
C HIS F 73 -11.92 46.15 -9.30
N VAL F 74 -11.77 46.12 -10.63
CA VAL F 74 -12.65 45.41 -11.54
C VAL F 74 -12.41 43.89 -11.51
N LEU F 75 -13.49 43.14 -11.38
CA LEU F 75 -13.43 41.68 -11.46
C LEU F 75 -14.33 41.31 -12.61
N LEU F 76 -13.78 40.59 -13.57
CA LEU F 76 -14.46 40.18 -14.79
C LEU F 76 -14.93 38.75 -14.66
N THR F 77 -16.25 38.51 -14.79
CA THR F 77 -16.73 37.14 -14.68
C THR F 77 -17.46 36.73 -15.94
N HIS F 78 -17.40 35.45 -16.26
CA HIS F 78 -18.04 34.85 -17.41
C HIS F 78 -18.55 33.49 -16.97
N THR F 79 -19.85 33.22 -17.18
CA THR F 79 -20.40 31.93 -16.80
C THR F 79 -21.41 31.43 -17.81
N ILE F 80 -21.57 30.08 -17.85
CA ILE F 80 -22.62 29.42 -18.63
C ILE F 80 -23.56 28.85 -17.57
N SER F 81 -24.78 29.39 -17.52
CA SER F 81 -25.78 28.95 -16.53
C SER F 81 -26.85 28.09 -17.17
N ARG F 82 -27.43 27.16 -16.39
CA ARG F 82 -28.51 26.29 -16.85
C ARG F 82 -29.78 26.57 -16.09
N ILE F 83 -30.88 26.85 -16.82
CA ILE F 83 -32.20 26.95 -16.23
C ILE F 83 -32.80 25.57 -16.55
N ALA F 84 -32.88 24.69 -15.53
CA ALA F 84 -33.44 23.36 -15.67
C ALA F 84 -34.97 23.49 -15.50
N VAL F 85 -35.72 23.34 -16.59
CA VAL F 85 -37.17 23.52 -16.63
C VAL F 85 -37.95 22.54 -15.73
N SER F 86 -37.45 21.31 -15.55
CA SER F 86 -38.09 20.28 -14.71
C SER F 86 -38.14 20.69 -13.23
N TYR F 87 -37.09 21.39 -12.75
CA TYR F 87 -36.99 21.80 -11.35
C TYR F 87 -37.16 23.31 -11.13
N GLN F 88 -37.20 24.10 -12.21
CA GLN F 88 -37.30 25.57 -12.24
C GLN F 88 -36.19 26.19 -11.36
N THR F 89 -34.99 25.69 -11.61
CA THR F 89 -33.74 26.01 -10.93
C THR F 89 -32.79 26.68 -11.93
N LYS F 90 -31.92 27.59 -11.45
CA LYS F 90 -30.88 28.23 -12.23
C LYS F 90 -29.53 28.04 -11.51
N VAL F 91 -28.56 27.39 -12.19
CA VAL F 91 -27.24 27.11 -11.65
C VAL F 91 -26.16 27.47 -12.65
N ASN F 92 -24.92 27.68 -12.16
CA ASN F 92 -23.75 27.95 -12.99
C ASN F 92 -23.05 26.65 -13.29
N LEU F 93 -23.05 26.24 -14.58
CA LEU F 93 -22.41 24.99 -15.03
C LEU F 93 -20.89 25.16 -15.14
N LEU F 94 -20.46 26.29 -15.73
CA LEU F 94 -19.05 26.64 -15.97
C LEU F 94 -18.90 28.10 -15.60
N SER F 95 -17.81 28.46 -14.89
CA SER F 95 -17.57 29.85 -14.47
C SER F 95 -16.09 30.15 -14.40
N ALA F 96 -15.72 31.38 -14.72
CA ALA F 96 -14.33 31.83 -14.62
C ALA F 96 -14.30 33.31 -14.26
N ILE F 97 -13.28 33.70 -13.49
CA ILE F 97 -13.10 35.07 -13.01
C ILE F 97 -11.70 35.49 -13.40
N LYS F 98 -11.54 36.77 -13.74
CA LYS F 98 -10.27 37.40 -14.11
C LYS F 98 -10.21 38.80 -13.52
N SER F 99 -9.06 39.18 -13.00
CA SER F 99 -8.80 40.51 -12.42
C SER F 99 -7.80 41.18 -13.36
N PRO F 100 -8.24 42.08 -14.27
CA PRO F 100 -7.28 42.64 -15.23
C PRO F 100 -6.30 43.69 -14.72
N CYS F 101 -6.56 44.25 -13.53
CA CYS F 101 -5.79 45.35 -12.92
C CYS F 101 -5.47 45.11 -11.47
N GLN F 102 -4.35 45.64 -10.99
CA GLN F 102 -3.97 45.55 -9.58
C GLN F 102 -3.82 46.96 -8.99
N ARG F 103 -3.51 47.93 -9.86
CA ARG F 103 -3.35 49.35 -9.53
C ARG F 103 -3.91 50.20 -10.67
N GLU F 104 -4.66 51.26 -10.33
CA GLU F 104 -5.21 52.19 -11.33
C GLU F 104 -4.09 52.92 -12.06
N THR F 105 -4.29 53.22 -13.35
CA THR F 105 -3.28 53.92 -14.15
C THR F 105 -2.90 55.24 -13.46
N PRO F 106 -1.63 55.42 -13.04
CA PRO F 106 -1.25 56.67 -12.37
C PRO F 106 -1.46 57.86 -13.30
N GLU F 107 -2.29 58.82 -12.85
CA GLU F 107 -2.70 60.02 -13.58
C GLU F 107 -1.51 60.78 -14.13
N GLY F 108 -1.37 60.76 -15.45
CA GLY F 108 -0.25 61.36 -16.15
C GLY F 108 0.34 60.35 -17.11
N ALA F 109 0.48 59.08 -16.66
CA ALA F 109 0.96 57.97 -17.47
C ALA F 109 -0.19 57.60 -18.38
N GLU F 110 0.05 57.43 -19.68
CA GLU F 110 -1.06 57.13 -20.56
C GLU F 110 -1.50 55.67 -20.47
N ALA F 111 -2.83 55.52 -20.39
CA ALA F 111 -3.60 54.29 -20.27
C ALA F 111 -3.37 53.31 -21.44
N LYS F 112 -2.54 52.28 -21.19
CA LYS F 112 -2.20 51.25 -22.17
C LYS F 112 -3.33 50.23 -22.27
N PRO F 113 -3.61 49.68 -23.48
CA PRO F 113 -4.70 48.70 -23.58
C PRO F 113 -4.36 47.35 -22.96
N TRP F 114 -5.34 46.72 -22.32
CA TRP F 114 -5.21 45.41 -21.76
C TRP F 114 -6.27 44.51 -22.39
N TYR F 115 -5.96 43.22 -22.55
CA TYR F 115 -6.86 42.24 -23.12
C TYR F 115 -6.90 41.01 -22.26
N GLU F 116 -8.10 40.48 -22.01
CA GLU F 116 -8.30 39.28 -21.20
C GLU F 116 -9.26 38.28 -21.85
N PRO F 117 -8.76 37.15 -22.41
CA PRO F 117 -9.69 36.14 -22.96
C PRO F 117 -10.15 35.17 -21.86
N ILE F 118 -11.39 34.70 -21.96
CA ILE F 118 -11.93 33.70 -21.03
C ILE F 118 -12.58 32.62 -21.87
N TYR F 119 -12.16 31.37 -21.69
CA TYR F 119 -12.76 30.23 -22.38
C TYR F 119 -13.40 29.27 -21.36
N LEU F 120 -14.62 28.83 -21.67
CA LEU F 120 -15.38 27.87 -20.86
C LEU F 120 -15.83 26.75 -21.79
N GLY F 121 -15.75 25.52 -21.33
CA GLY F 121 -16.17 24.37 -22.11
C GLY F 121 -16.31 23.12 -21.29
N GLY F 122 -17.37 22.36 -21.54
CA GLY F 122 -17.65 21.13 -20.82
C GLY F 122 -18.76 20.31 -21.39
N VAL F 123 -18.86 19.05 -20.96
CA VAL F 123 -19.89 18.10 -21.38
C VAL F 123 -20.91 17.95 -20.25
N PHE F 124 -22.18 18.16 -20.58
CA PHE F 124 -23.28 18.11 -19.63
C PHE F 124 -24.49 17.36 -20.16
N GLN F 125 -25.15 16.61 -19.28
CA GLN F 125 -26.40 15.93 -19.59
C GLN F 125 -27.49 16.99 -19.40
N LEU F 126 -28.20 17.32 -20.46
CA LEU F 126 -29.25 18.34 -20.44
C LEU F 126 -30.60 17.73 -20.79
N GLU F 127 -31.70 18.42 -20.41
CA GLU F 127 -33.08 17.99 -20.65
C GLU F 127 -33.74 18.90 -21.67
N LYS F 128 -34.75 18.38 -22.41
CA LYS F 128 -35.48 19.15 -23.40
C LYS F 128 -36.17 20.36 -22.75
N GLY F 129 -35.97 21.54 -23.34
CA GLY F 129 -36.53 22.79 -22.84
C GLY F 129 -35.60 23.60 -21.95
N ASP F 130 -34.46 23.01 -21.50
CA ASP F 130 -33.47 23.71 -20.66
C ASP F 130 -32.89 24.93 -21.38
N ARG F 131 -32.69 26.04 -20.65
CA ARG F 131 -32.16 27.26 -21.23
C ARG F 131 -30.74 27.56 -20.71
N LEU F 132 -29.80 27.69 -21.64
CA LEU F 132 -28.41 28.03 -21.33
C LEU F 132 -28.15 29.49 -21.61
N SER F 133 -27.48 30.17 -20.68
CA SER F 133 -27.10 31.57 -20.83
C SER F 133 -25.59 31.72 -20.68
N ALA F 134 -24.96 32.49 -21.55
CA ALA F 134 -23.54 32.82 -21.41
C ALA F 134 -23.56 34.27 -20.94
N GLU F 135 -23.28 34.46 -19.63
CA GLU F 135 -23.40 35.72 -18.90
C GLU F 135 -22.08 36.32 -18.44
N ILE F 136 -21.98 37.65 -18.54
CA ILE F 136 -20.84 38.41 -18.06
C ILE F 136 -21.33 39.52 -17.12
N ASN F 137 -20.63 39.75 -15.99
CA ASN F 137 -21.03 40.77 -15.01
C ASN F 137 -20.80 42.19 -15.53
N ARG F 138 -19.75 42.37 -16.36
CA ARG F 138 -19.32 43.67 -16.91
C ARG F 138 -19.31 43.67 -18.44
N PRO F 139 -20.49 43.78 -19.09
CA PRO F 139 -20.52 43.79 -20.56
C PRO F 139 -19.87 45.00 -21.20
N ASP F 140 -19.69 46.09 -20.44
CA ASP F 140 -19.04 47.33 -20.91
C ASP F 140 -17.55 47.13 -21.19
N TYR F 141 -16.95 46.04 -20.66
CA TYR F 141 -15.54 45.70 -20.88
C TYR F 141 -15.35 44.73 -22.03
N LEU F 142 -16.46 44.24 -22.59
CA LEU F 142 -16.47 43.29 -23.70
C LEU F 142 -15.93 43.89 -25.00
N ASP F 143 -15.14 43.11 -25.73
CA ASP F 143 -14.56 43.53 -27.00
C ASP F 143 -15.09 42.68 -28.13
N PHE F 144 -15.93 43.28 -28.98
CA PHE F 144 -16.48 42.66 -30.19
C PHE F 144 -16.06 43.45 -31.44
N ALA F 145 -14.92 44.19 -31.35
CA ALA F 145 -14.34 44.97 -32.46
C ALA F 145 -14.13 44.09 -33.68
N GLU F 146 -13.76 42.83 -33.47
CA GLU F 146 -13.48 41.90 -34.54
C GLU F 146 -14.23 40.59 -34.32
N SER F 147 -14.58 39.90 -35.42
CA SER F 147 -15.26 38.60 -35.35
C SER F 147 -14.34 37.49 -34.81
N GLY F 148 -14.92 36.49 -34.16
CA GLY F 148 -14.21 35.35 -33.59
C GLY F 148 -13.74 35.51 -32.15
N GLN F 149 -13.92 36.72 -31.59
CA GLN F 149 -13.49 37.08 -30.23
C GLN F 149 -14.50 36.69 -29.14
N VAL F 150 -15.80 36.70 -29.46
CA VAL F 150 -16.83 36.38 -28.48
C VAL F 150 -17.90 35.51 -29.12
N TYR F 151 -18.06 34.29 -28.57
CA TYR F 151 -18.98 33.27 -29.05
C TYR F 151 -19.50 32.36 -27.93
N PHE F 152 -20.54 31.58 -28.24
CA PHE F 152 -21.22 30.68 -27.31
C PHE F 152 -21.90 29.62 -28.15
N GLY F 153 -21.64 28.37 -27.85
CA GLY F 153 -22.27 27.30 -28.60
C GLY F 153 -22.48 26.02 -27.84
N ILE F 154 -23.25 25.11 -28.44
CA ILE F 154 -23.58 23.79 -27.94
C ILE F 154 -23.64 22.81 -29.09
N ILE F 155 -23.35 21.54 -28.81
CA ILE F 155 -23.47 20.48 -29.80
C ILE F 155 -23.83 19.18 -29.10
N ALA F 156 -24.89 18.51 -29.57
CA ALA F 156 -25.31 17.23 -29.03
C ALA F 156 -24.32 16.15 -29.46
N LEU F 157 -23.93 15.26 -28.53
CA LEU F 157 -22.98 14.19 -28.81
C LEU F 157 -23.60 12.79 -28.72
N VAL G 1 6.27 -44.47 45.78
CA VAL G 1 5.02 -45.22 45.69
C VAL G 1 5.20 -46.70 46.09
N GLN G 2 4.38 -47.15 47.04
CA GLN G 2 4.37 -48.53 47.53
C GLN G 2 3.06 -49.22 47.14
N LEU G 3 3.15 -50.46 46.64
CA LEU G 3 2.03 -51.25 46.16
C LEU G 3 1.93 -52.56 46.89
N VAL G 4 0.72 -52.93 47.36
CA VAL G 4 0.50 -54.19 48.09
C VAL G 4 -0.70 -54.94 47.52
N GLU G 5 -0.44 -56.13 46.95
CA GLU G 5 -1.48 -56.97 46.35
C GLU G 5 -2.11 -57.88 47.38
N SER G 6 -3.34 -58.34 47.08
CA SER G 6 -4.09 -59.35 47.84
C SER G 6 -5.01 -60.11 46.87
N GLY G 7 -5.47 -61.30 47.21
CA GLY G 7 -6.40 -62.00 46.34
C GLY G 7 -5.98 -63.27 45.62
N GLY G 8 -4.68 -63.49 45.50
CA GLY G 8 -4.17 -64.70 44.83
C GLY G 8 -4.53 -65.99 45.54
N GLY G 9 -4.29 -67.10 44.86
CA GLY G 9 -4.57 -68.43 45.42
C GLY G 9 -4.76 -69.52 44.38
N LEU G 10 -5.23 -70.66 44.85
CA LEU G 10 -5.54 -71.83 44.05
C LEU G 10 -6.99 -71.70 43.62
N VAL G 11 -7.24 -71.96 42.36
CA VAL G 11 -8.58 -71.91 41.78
C VAL G 11 -8.70 -73.04 40.73
N GLN G 12 -9.89 -73.66 40.66
CA GLN G 12 -10.16 -74.71 39.69
C GLN G 12 -10.40 -74.05 38.32
N ALA G 13 -9.96 -74.70 37.23
CA ALA G 13 -10.15 -74.25 35.85
C ALA G 13 -11.63 -74.00 35.59
N GLY G 14 -11.92 -72.88 34.94
CA GLY G 14 -13.28 -72.43 34.66
C GLY G 14 -13.80 -71.51 35.74
N GLY G 15 -13.05 -71.44 36.85
CA GLY G 15 -13.35 -70.61 38.00
C GLY G 15 -13.02 -69.14 37.84
N SER G 16 -13.29 -68.39 38.89
CA SER G 16 -13.16 -66.95 38.96
C SER G 16 -12.31 -66.52 40.13
N LEU G 17 -11.67 -65.37 40.01
CA LEU G 17 -10.86 -64.79 41.07
C LEU G 17 -10.76 -63.28 40.88
N SER G 18 -10.67 -62.52 41.98
CA SER G 18 -10.44 -61.08 41.92
C SER G 18 -9.21 -60.71 42.77
N LEU G 19 -8.30 -59.92 42.18
CA LEU G 19 -7.09 -59.46 42.86
C LEU G 19 -7.23 -57.99 43.18
N SER G 20 -6.67 -57.52 44.29
CA SER G 20 -6.69 -56.12 44.69
C SER G 20 -5.26 -55.62 44.82
N CYS G 21 -5.05 -54.30 44.68
CA CYS G 21 -3.76 -53.67 44.88
C CYS G 21 -3.97 -52.30 45.51
N SER G 22 -3.43 -52.10 46.71
CA SER G 22 -3.51 -50.83 47.43
C SER G 22 -2.22 -50.06 47.23
N ALA G 23 -2.34 -48.78 46.86
CA ALA G 23 -1.20 -47.90 46.65
C ALA G 23 -1.11 -46.89 47.75
N SER G 24 0.11 -46.53 48.13
CA SER G 24 0.40 -45.51 49.11
C SER G 24 1.53 -44.63 48.55
N GLY G 25 1.46 -43.34 48.85
CA GLY G 25 2.43 -42.35 48.40
C GLY G 25 1.80 -41.02 48.04
N ARG G 26 2.64 -40.09 47.55
CA ARG G 26 2.22 -38.75 47.16
C ARG G 26 1.66 -38.71 45.74
N SER G 27 0.60 -37.91 45.54
CA SER G 27 -0.12 -37.62 44.29
C SER G 27 -0.25 -38.85 43.36
N LEU G 28 -1.02 -39.84 43.83
CA LEU G 28 -1.27 -41.09 43.11
C LEU G 28 -2.14 -40.91 41.86
N SER G 29 -2.81 -39.75 41.74
CA SER G 29 -3.59 -39.34 40.56
C SER G 29 -2.70 -39.18 39.32
N ASN G 30 -1.38 -38.99 39.51
CA ASN G 30 -0.41 -38.87 38.40
C ASN G 30 -0.10 -40.20 37.74
N TYR G 31 -0.41 -41.31 38.43
CA TYR G 31 -0.01 -42.65 38.01
C TYR G 31 -1.03 -43.51 37.29
N TYR G 32 -0.57 -44.23 36.29
CA TYR G 32 -1.31 -45.29 35.63
C TYR G 32 -1.05 -46.46 36.60
N MET G 33 -2.05 -47.27 36.87
CA MET G 33 -1.90 -48.43 37.75
C MET G 33 -2.38 -49.63 36.99
N GLY G 34 -1.68 -50.74 37.12
CA GLY G 34 -2.06 -51.93 36.36
C GLY G 34 -1.45 -53.23 36.82
N TRP G 35 -1.58 -54.24 35.95
CA TRP G 35 -1.20 -55.61 36.26
C TRP G 35 -0.35 -56.23 35.19
N PHE G 36 0.67 -56.95 35.65
CA PHE G 36 1.60 -57.78 34.87
C PHE G 36 1.48 -59.17 35.46
N ARG G 37 1.91 -60.18 34.71
CA ARG G 37 1.98 -61.56 35.15
C ARG G 37 3.23 -62.20 34.53
N GLN G 38 3.82 -63.16 35.25
CA GLN G 38 4.96 -63.90 34.75
C GLN G 38 4.90 -65.33 35.27
N ALA G 39 4.85 -66.30 34.37
CA ALA G 39 4.83 -67.72 34.75
C ALA G 39 6.28 -68.25 34.75
N PRO G 40 6.63 -69.27 35.58
CA PRO G 40 8.00 -69.81 35.56
C PRO G 40 8.40 -70.36 34.19
N GLY G 41 9.54 -69.91 33.70
CA GLY G 41 10.07 -70.27 32.39
C GLY G 41 9.38 -69.58 31.22
N LYS G 42 8.42 -68.66 31.51
CA LYS G 42 7.67 -67.93 30.49
C LYS G 42 7.93 -66.41 30.56
N GLU G 43 7.71 -65.69 29.45
CA GLU G 43 7.93 -64.25 29.36
C GLU G 43 6.94 -63.41 30.16
N ARG G 44 7.42 -62.33 30.78
CA ARG G 44 6.66 -61.33 31.52
C ARG G 44 5.70 -60.68 30.55
N GLU G 45 4.50 -60.38 31.03
CA GLU G 45 3.56 -59.71 30.13
C GLU G 45 2.66 -58.73 30.84
N LEU G 46 2.39 -57.60 30.19
CA LEU G 46 1.46 -56.60 30.71
C LEU G 46 0.05 -57.03 30.36
N LEU G 47 -0.83 -57.12 31.36
CA LEU G 47 -2.22 -57.52 31.16
C LEU G 47 -3.13 -56.34 30.91
N GLY G 48 -2.82 -55.23 31.55
CA GLY G 48 -3.60 -54.01 31.40
C GLY G 48 -3.31 -52.96 32.42
N ASN G 49 -3.87 -51.77 32.21
CA ASN G 49 -3.72 -50.63 33.11
C ASN G 49 -4.92 -49.71 33.08
N ILE G 50 -5.02 -48.86 34.10
CA ILE G 50 -6.07 -47.88 34.29
C ILE G 50 -5.46 -46.61 34.91
N SER G 51 -5.69 -45.45 34.29
CA SER G 51 -5.19 -44.21 34.86
C SER G 51 -6.24 -43.59 35.79
N TRP G 52 -5.92 -42.46 36.44
CA TRP G 52 -6.80 -41.76 37.36
C TRP G 52 -8.15 -41.46 36.73
N ARG G 53 -9.25 -41.80 37.44
CA ARG G 53 -10.65 -41.62 37.01
C ARG G 53 -11.02 -42.47 35.79
N GLY G 54 -10.20 -43.50 35.51
CA GLY G 54 -10.38 -44.46 34.43
C GLY G 54 -10.33 -43.95 33.00
N TYR G 55 -9.67 -42.79 32.77
CA TYR G 55 -9.57 -42.12 31.45
C TYR G 55 -8.83 -42.91 30.37
N ASN G 56 -7.88 -43.75 30.78
CA ASN G 56 -7.12 -44.62 29.90
C ASN G 56 -7.30 -46.01 30.46
N ILE G 57 -7.65 -46.97 29.59
CA ILE G 57 -7.81 -48.38 29.94
C ILE G 57 -7.16 -49.19 28.82
N TYR G 58 -6.37 -50.18 29.20
CA TYR G 58 -5.76 -51.09 28.23
C TYR G 58 -5.90 -52.51 28.74
N TYR G 59 -6.17 -53.44 27.82
CA TYR G 59 -6.25 -54.87 28.07
C TYR G 59 -5.44 -55.55 27.00
N LYS G 60 -4.58 -56.51 27.38
CA LYS G 60 -3.84 -57.32 26.41
C LYS G 60 -4.90 -58.18 25.72
N ASP G 61 -4.82 -58.39 24.39
CA ASP G 61 -5.82 -59.14 23.60
C ASP G 61 -6.20 -60.49 24.18
N SER G 62 -5.22 -61.26 24.69
CA SER G 62 -5.40 -62.59 25.27
C SER G 62 -6.31 -62.65 26.52
N VAL G 63 -6.52 -61.52 27.21
CA VAL G 63 -7.34 -61.46 28.43
C VAL G 63 -8.59 -60.57 28.27
N LYS G 64 -8.69 -59.89 27.12
CA LYS G 64 -9.79 -59.01 26.75
C LYS G 64 -11.08 -59.83 26.67
N GLY G 65 -12.10 -59.38 27.40
CA GLY G 65 -13.39 -60.07 27.45
C GLY G 65 -13.60 -61.00 28.62
N ARG G 66 -12.52 -61.33 29.35
CA ARG G 66 -12.58 -62.21 30.52
C ARG G 66 -12.01 -61.53 31.76
N PHE G 67 -11.07 -60.60 31.57
CA PHE G 67 -10.45 -59.85 32.65
C PHE G 67 -11.00 -58.42 32.64
N THR G 68 -11.32 -57.88 33.82
CA THR G 68 -11.78 -56.51 33.99
C THR G 68 -10.92 -55.79 35.03
N ILE G 69 -10.48 -54.58 34.71
CA ILE G 69 -9.67 -53.76 35.59
C ILE G 69 -10.52 -52.56 36.04
N SER G 70 -10.51 -52.27 37.33
CA SER G 70 -11.26 -51.15 37.91
C SER G 70 -10.41 -50.42 38.94
N ARG G 71 -10.76 -49.15 39.21
CA ARG G 71 -10.00 -48.32 40.12
C ARG G 71 -10.89 -47.47 41.03
N ASP G 72 -10.55 -47.45 42.32
CA ASP G 72 -11.21 -46.64 43.32
C ASP G 72 -10.19 -45.56 43.72
N ASP G 73 -10.42 -44.33 43.27
CA ASP G 73 -9.51 -43.21 43.53
C ASP G 73 -9.58 -42.65 44.94
N ALA G 74 -10.69 -42.92 45.65
CA ALA G 74 -10.85 -42.50 47.04
C ALA G 74 -10.01 -43.44 47.94
N LYS G 75 -9.90 -44.72 47.55
CA LYS G 75 -9.16 -45.74 48.30
C LYS G 75 -7.75 -45.97 47.75
N ASN G 76 -7.45 -45.44 46.54
CA ASN G 76 -6.17 -45.61 45.84
C ASN G 76 -5.88 -47.10 45.66
N THR G 77 -6.90 -47.82 45.18
CA THR G 77 -6.88 -49.24 44.98
C THR G 77 -7.35 -49.62 43.58
N ILE G 78 -6.70 -50.62 42.99
CA ILE G 78 -7.08 -51.18 41.69
C ILE G 78 -7.49 -52.63 41.90
N TYR G 79 -8.34 -53.14 41.02
CA TYR G 79 -8.86 -54.50 41.11
C TYR G 79 -8.74 -55.18 39.77
N LEU G 80 -8.45 -56.48 39.79
CA LEU G 80 -8.37 -57.27 38.57
C LEU G 80 -9.36 -58.44 38.72
N GLN G 81 -10.50 -58.36 38.03
CA GLN G 81 -11.53 -59.38 38.03
C GLN G 81 -11.15 -60.34 36.91
N MET G 82 -10.97 -61.63 37.23
CA MET G 82 -10.56 -62.66 36.28
C MET G 82 -11.60 -63.78 36.19
N ASN G 83 -12.25 -63.89 35.03
CA ASN G 83 -13.28 -64.92 34.83
C ASN G 83 -12.81 -66.03 33.95
N ARG G 84 -13.49 -67.20 34.01
CA ARG G 84 -13.25 -68.39 33.19
C ARG G 84 -11.76 -68.70 33.10
N LEU G 85 -11.10 -68.77 34.28
CA LEU G 85 -9.67 -69.04 34.43
C LEU G 85 -9.26 -70.34 33.80
N LYS G 86 -8.11 -70.34 33.13
CA LYS G 86 -7.59 -71.52 32.44
C LYS G 86 -6.20 -71.87 32.95
N PRO G 87 -5.69 -73.13 32.79
CA PRO G 87 -4.33 -73.45 33.29
C PRO G 87 -3.24 -72.49 32.85
N GLU G 88 -3.35 -71.91 31.64
CA GLU G 88 -2.39 -70.93 31.10
C GLU G 88 -2.38 -69.61 31.86
N ASP G 89 -3.35 -69.38 32.77
CA ASP G 89 -3.37 -68.16 33.58
C ASP G 89 -2.54 -68.33 34.85
N THR G 90 -1.98 -69.53 35.08
CA THR G 90 -1.11 -69.79 36.23
C THR G 90 0.15 -68.95 36.07
N ALA G 91 0.38 -68.07 37.07
CA ALA G 91 1.51 -67.14 37.11
C ALA G 91 1.49 -66.40 38.44
N VAL G 92 2.52 -65.58 38.63
CA VAL G 92 2.58 -64.63 39.72
C VAL G 92 2.14 -63.32 39.05
N TYR G 93 1.14 -62.68 39.65
CA TYR G 93 0.53 -61.44 39.17
C TYR G 93 1.10 -60.30 39.98
N TYR G 94 1.60 -59.28 39.28
CA TYR G 94 2.25 -58.12 39.89
C TYR G 94 1.51 -56.88 39.58
N CYS G 95 1.27 -56.10 40.64
CA CYS G 95 0.69 -54.78 40.51
C CYS G 95 1.87 -53.83 40.16
N ALA G 96 1.62 -52.85 39.26
CA ALA G 96 2.61 -51.85 38.85
C ALA G 96 1.98 -50.49 38.75
N ALA G 97 2.81 -49.46 38.89
CA ALA G 97 2.39 -48.07 38.80
C ALA G 97 3.50 -47.24 38.14
N SER G 98 3.12 -46.31 37.25
CA SER G 98 4.05 -45.44 36.55
C SER G 98 3.30 -44.17 36.13
N ILE G 99 4.00 -43.03 36.07
CA ILE G 99 3.39 -41.79 35.58
C ILE G 99 3.21 -41.87 34.06
N LEU G 100 3.87 -42.86 33.43
CA LEU G 100 3.76 -43.14 31.99
C LEU G 100 2.91 -44.39 31.81
N PRO G 101 2.23 -44.57 30.65
CA PRO G 101 1.45 -45.80 30.47
C PRO G 101 2.36 -47.01 30.68
N LEU G 102 1.83 -48.06 31.31
CA LEU G 102 2.66 -49.25 31.54
C LEU G 102 2.98 -49.88 30.21
N SER G 103 4.10 -50.56 30.14
CA SER G 103 4.48 -51.16 28.87
C SER G 103 5.14 -52.51 29.03
N ASP G 104 5.21 -53.28 27.93
CA ASP G 104 5.85 -54.56 27.90
C ASP G 104 7.39 -54.40 27.94
N ASP G 105 7.87 -53.16 27.90
CA ASP G 105 9.27 -52.78 28.09
C ASP G 105 9.31 -51.79 29.29
N PRO G 106 9.03 -52.23 30.56
CA PRO G 106 9.01 -51.26 31.68
C PRO G 106 10.40 -50.73 32.05
N GLY G 107 10.45 -49.48 32.48
CA GLY G 107 11.70 -48.83 32.87
C GLY G 107 11.85 -48.60 34.35
N TRP G 108 12.77 -47.70 34.72
CA TRP G 108 13.07 -47.40 36.13
C TRP G 108 12.08 -46.44 36.78
N ASN G 109 11.11 -45.97 36.01
CA ASN G 109 10.09 -45.11 36.56
C ASN G 109 8.76 -45.88 36.76
N THR G 110 8.86 -47.20 36.94
CA THR G 110 7.69 -48.03 37.24
C THR G 110 7.94 -48.73 38.56
N TYR G 111 6.95 -48.66 39.45
CA TYR G 111 6.97 -49.22 40.80
C TYR G 111 6.22 -50.52 40.79
N TRP G 112 6.64 -51.45 41.64
CA TRP G 112 6.11 -52.80 41.67
C TRP G 112 5.61 -53.25 43.04
N GLY G 113 4.63 -54.14 43.00
CA GLY G 113 4.10 -54.80 44.18
C GLY G 113 4.99 -55.97 44.56
N GLN G 114 4.55 -56.77 45.53
CA GLN G 114 5.28 -57.93 46.04
C GLN G 114 5.00 -59.17 45.20
N GLY G 115 3.92 -59.12 44.41
CA GLY G 115 3.48 -60.24 43.58
C GLY G 115 2.51 -61.16 44.33
N THR G 116 1.51 -61.71 43.62
CA THR G 116 0.56 -62.66 44.20
C THR G 116 0.42 -63.87 43.28
N GLN G 117 0.57 -65.07 43.85
CA GLN G 117 0.50 -66.31 43.09
C GLN G 117 -0.93 -66.70 42.81
N VAL G 118 -1.22 -67.06 41.55
CA VAL G 118 -2.50 -67.57 41.07
C VAL G 118 -2.18 -68.90 40.39
N THR G 119 -2.78 -69.99 40.89
CA THR G 119 -2.59 -71.32 40.34
C THR G 119 -3.94 -71.82 39.88
N VAL G 120 -4.02 -72.24 38.61
CA VAL G 120 -5.25 -72.74 38.03
C VAL G 120 -5.14 -74.26 37.77
N SER G 121 -6.20 -75.01 38.18
CA SER G 121 -6.45 -76.46 38.09
C SER G 121 -5.79 -77.29 39.19
N VAL H 1 -9.97 -9.16 30.34
CA VAL H 1 -9.76 -8.04 29.44
C VAL H 1 -11.09 -7.46 28.91
N GLN H 2 -11.30 -6.15 29.14
CA GLN H 2 -12.51 -5.43 28.71
C GLN H 2 -12.18 -4.46 27.57
N LEU H 3 -13.01 -4.46 26.52
CA LEU H 3 -12.84 -3.61 25.32
C LEU H 3 -14.04 -2.72 25.09
N VAL H 4 -13.80 -1.43 24.82
CA VAL H 4 -14.88 -0.49 24.58
C VAL H 4 -14.57 0.33 23.32
N GLU H 5 -15.43 0.18 22.29
CA GLU H 5 -15.31 0.90 21.01
C GLU H 5 -15.96 2.26 21.09
N SER H 6 -15.50 3.16 20.22
CA SER H 6 -16.04 4.51 20.04
C SER H 6 -15.88 4.90 18.57
N GLY H 7 -16.73 5.82 18.15
CA GLY H 7 -16.81 6.29 16.77
C GLY H 7 -17.93 5.56 16.06
N GLY H 8 -17.96 5.67 14.75
CA GLY H 8 -19.00 5.00 13.97
C GLY H 8 -20.21 5.86 13.77
N GLY H 9 -21.22 5.25 13.19
CA GLY H 9 -22.45 5.95 12.85
C GLY H 9 -22.71 5.94 11.37
N LEU H 10 -22.68 7.12 10.75
CA LEU H 10 -22.98 7.33 9.35
C LEU H 10 -21.90 8.08 8.63
N VAL H 11 -21.69 7.69 7.38
CA VAL H 11 -20.79 8.35 6.43
C VAL H 11 -21.34 8.13 5.03
N GLN H 12 -21.18 9.14 4.19
CA GLN H 12 -21.56 9.07 2.78
C GLN H 12 -20.50 8.25 2.04
N ALA H 13 -20.91 7.48 1.01
CA ALA H 13 -20.02 6.63 0.22
C ALA H 13 -18.88 7.47 -0.37
N GLY H 14 -17.68 6.91 -0.29
CA GLY H 14 -16.45 7.57 -0.70
C GLY H 14 -15.82 8.34 0.46
N GLY H 15 -16.54 8.44 1.56
CA GLY H 15 -16.10 9.15 2.75
C GLY H 15 -15.18 8.37 3.65
N SER H 16 -14.83 9.00 4.78
CA SER H 16 -13.89 8.47 5.76
C SER H 16 -14.48 8.40 7.14
N LEU H 17 -13.94 7.50 7.97
CA LEU H 17 -14.36 7.30 9.34
C LEU H 17 -13.25 6.62 10.14
N SER H 18 -13.13 6.98 11.43
CA SER H 18 -12.16 6.43 12.35
C SER H 18 -12.80 5.85 13.60
N LEU H 19 -12.46 4.59 13.92
CA LEU H 19 -12.97 3.90 15.11
C LEU H 19 -11.85 3.75 16.11
N SER H 20 -12.15 3.82 17.40
CA SER H 20 -11.18 3.62 18.49
C SER H 20 -11.65 2.45 19.36
N CYS H 21 -10.72 1.81 20.07
CA CYS H 21 -11.03 0.76 21.02
C CYS H 21 -10.09 0.85 22.19
N SER H 22 -10.63 1.09 23.40
CA SER H 22 -9.86 1.17 24.64
C SER H 22 -9.91 -0.15 25.38
N ALA H 23 -8.74 -0.67 25.76
CA ALA H 23 -8.63 -1.93 26.51
C ALA H 23 -8.26 -1.66 27.94
N SER H 24 -8.80 -2.49 28.83
CA SER H 24 -8.52 -2.44 30.27
C SER H 24 -8.29 -3.86 30.76
N GLY H 25 -7.36 -3.99 31.70
CA GLY H 25 -6.99 -5.29 32.25
C GLY H 25 -5.51 -5.45 32.51
N ARG H 26 -5.11 -6.63 32.97
CA ARG H 26 -3.73 -6.96 33.29
C ARG H 26 -2.94 -7.40 32.06
N SER H 27 -1.65 -7.01 32.01
CA SER H 27 -0.64 -7.31 30.98
C SER H 27 -1.21 -7.36 29.54
N LEU H 28 -1.67 -6.19 29.05
CA LEU H 28 -2.27 -6.02 27.73
C LEU H 28 -1.24 -6.15 26.61
N SER H 29 0.06 -6.09 26.95
CA SER H 29 1.20 -6.29 26.05
C SER H 29 1.23 -7.74 25.49
N ASN H 30 0.58 -8.69 26.19
CA ASN H 30 0.48 -10.10 25.76
C ASN H 30 -0.51 -10.28 24.62
N TYR H 31 -1.41 -9.31 24.40
CA TYR H 31 -2.51 -9.44 23.45
C TYR H 31 -2.33 -8.82 22.09
N TYR H 32 -2.84 -9.54 21.07
CA TYR H 32 -3.02 -9.04 19.72
C TYR H 32 -4.36 -8.32 19.87
N MET H 33 -4.50 -7.14 19.28
CA MET H 33 -5.74 -6.40 19.32
C MET H 33 -6.14 -6.12 17.89
N GLY H 34 -7.43 -6.23 17.60
CA GLY H 34 -7.87 -6.02 16.23
C GLY H 34 -9.33 -5.78 16.01
N TRP H 35 -9.72 -5.87 14.75
CA TRP H 35 -11.07 -5.58 14.32
C TRP H 35 -11.68 -6.67 13.47
N PHE H 36 -12.94 -6.93 13.74
CA PHE H 36 -13.84 -7.82 13.02
C PHE H 36 -15.02 -6.96 12.61
N ARG H 37 -15.78 -7.43 11.63
CA ARG H 37 -17.03 -6.80 11.19
C ARG H 37 -18.00 -7.89 10.78
N GLN H 38 -19.29 -7.61 10.92
CA GLN H 38 -20.32 -8.51 10.49
C GLN H 38 -21.47 -7.72 9.93
N ALA H 39 -21.72 -7.90 8.64
CA ALA H 39 -22.79 -7.26 7.88
C ALA H 39 -24.09 -8.04 8.02
N PRO H 40 -25.27 -7.37 7.96
CA PRO H 40 -26.55 -8.11 8.10
C PRO H 40 -26.70 -9.26 7.11
N GLY H 41 -26.93 -10.46 7.64
CA GLY H 41 -27.08 -11.69 6.87
C GLY H 41 -25.80 -12.24 6.29
N LYS H 42 -24.64 -11.65 6.65
CA LYS H 42 -23.32 -12.06 6.18
C LYS H 42 -22.46 -12.59 7.34
N GLU H 43 -21.49 -13.48 7.02
CA GLU H 43 -20.57 -14.08 7.99
C GLU H 43 -19.59 -13.05 8.56
N ARG H 44 -19.35 -13.16 9.90
CA ARG H 44 -18.39 -12.36 10.67
C ARG H 44 -17.00 -12.60 10.05
N GLU H 45 -16.25 -11.52 9.77
CA GLU H 45 -14.93 -11.55 9.15
C GLU H 45 -13.90 -10.74 9.92
N LEU H 46 -12.67 -11.26 9.98
CA LEU H 46 -11.55 -10.58 10.62
C LEU H 46 -10.95 -9.61 9.60
N LEU H 47 -10.84 -8.32 9.99
CA LEU H 47 -10.29 -7.27 9.12
C LEU H 47 -8.81 -7.12 9.28
N GLY H 48 -8.35 -7.32 10.51
CA GLY H 48 -6.94 -7.20 10.81
C GLY H 48 -6.63 -7.13 12.28
N ASN H 49 -5.34 -7.15 12.61
CA ASN H 49 -4.86 -7.08 13.97
C ASN H 49 -3.48 -6.47 14.08
N ILE H 50 -3.14 -6.05 15.29
CA ILE H 50 -1.86 -5.44 15.62
C ILE H 50 -1.44 -5.90 17.03
N SER H 51 -0.23 -6.41 17.15
CA SER H 51 0.24 -6.83 18.47
C SER H 51 1.00 -5.69 19.16
N TRP H 52 1.47 -5.91 20.39
CA TRP H 52 2.18 -4.90 21.19
C TRP H 52 3.37 -4.32 20.44
N ARG H 53 3.47 -2.97 20.43
CA ARG H 53 4.49 -2.18 19.75
C ARG H 53 4.44 -2.32 18.19
N GLY H 54 3.30 -2.81 17.68
CA GLY H 54 3.03 -2.99 16.26
C GLY H 54 3.88 -3.99 15.49
N TYR H 55 4.48 -4.97 16.19
CA TYR H 55 5.39 -5.98 15.62
C TYR H 55 4.75 -6.94 14.62
N ASN H 56 3.45 -7.21 14.77
CA ASN H 56 2.69 -8.07 13.87
C ASN H 56 1.55 -7.22 13.42
N ILE H 57 1.29 -7.18 12.11
CA ILE H 57 0.18 -6.46 11.49
C ILE H 57 -0.41 -7.34 10.42
N TYR H 58 -1.74 -7.47 10.41
CA TYR H 58 -2.43 -8.23 9.40
C TYR H 58 -3.61 -7.42 8.92
N TYR H 59 -3.86 -7.46 7.61
CA TYR H 59 -4.99 -6.84 6.96
C TYR H 59 -5.61 -7.87 6.06
N LYS H 60 -6.94 -8.02 6.10
CA LYS H 60 -7.66 -8.90 5.18
C LYS H 60 -7.49 -8.21 3.81
N ASP H 61 -7.24 -9.00 2.75
CA ASP H 61 -6.99 -8.51 1.39
C ASP H 61 -7.98 -7.45 0.89
N SER H 62 -9.29 -7.65 1.17
CA SER H 62 -10.39 -6.78 0.76
C SER H 62 -10.36 -5.36 1.33
N VAL H 63 -9.61 -5.12 2.42
CA VAL H 63 -9.53 -3.80 3.09
C VAL H 63 -8.11 -3.20 3.04
N LYS H 64 -7.15 -3.99 2.54
CA LYS H 64 -5.73 -3.65 2.40
C LYS H 64 -5.61 -2.45 1.45
N GLY H 65 -4.96 -1.40 1.92
CA GLY H 65 -4.75 -0.18 1.15
C GLY H 65 -5.75 0.94 1.40
N ARG H 66 -6.87 0.64 2.08
CA ARG H 66 -7.88 1.64 2.42
C ARG H 66 -8.11 1.74 3.91
N PHE H 67 -7.92 0.62 4.63
CA PHE H 67 -8.06 0.55 6.08
C PHE H 67 -6.69 0.49 6.71
N THR H 68 -6.49 1.27 7.79
CA THR H 68 -5.23 1.30 8.54
C THR H 68 -5.51 1.05 10.01
N ILE H 69 -4.74 0.15 10.61
CA ILE H 69 -4.83 -0.18 12.02
C ILE H 69 -3.58 0.34 12.72
N SER H 70 -3.75 1.04 13.85
CA SER H 70 -2.66 1.58 14.65
C SER H 70 -2.91 1.33 16.13
N ARG H 71 -1.84 1.37 16.95
CA ARG H 71 -1.92 1.10 18.37
C ARG H 71 -1.08 2.06 19.21
N ASP H 72 -1.68 2.56 20.30
CA ASP H 72 -1.05 3.42 21.29
C ASP H 72 -0.93 2.56 22.55
N ASP H 73 0.29 2.09 22.86
CA ASP H 73 0.52 1.21 24.00
C ASP H 73 0.51 1.94 25.34
N ALA H 74 0.70 3.27 25.35
CA ALA H 74 0.64 4.07 26.56
C ALA H 74 -0.82 4.23 26.99
N LYS H 75 -1.74 4.31 26.01
CA LYS H 75 -3.18 4.48 26.22
C LYS H 75 -3.95 3.15 26.16
N ASN H 76 -3.30 2.08 25.67
CA ASN H 76 -3.89 0.74 25.49
C ASN H 76 -5.12 0.84 24.60
N THR H 77 -4.95 1.58 23.49
CA THR H 77 -5.98 1.89 22.52
C THR H 77 -5.53 1.54 21.10
N ILE H 78 -6.44 0.98 20.31
CA ILE H 78 -6.23 0.68 18.90
C ILE H 78 -7.18 1.54 18.09
N TYR H 79 -6.80 1.83 16.84
CA TYR H 79 -7.58 2.68 15.96
C TYR H 79 -7.77 2.01 14.61
N LEU H 80 -8.93 2.25 13.99
CA LEU H 80 -9.23 1.75 12.65
C LEU H 80 -9.61 2.94 11.78
N GLN H 81 -8.70 3.37 10.90
CA GLN H 81 -8.88 4.47 9.96
C GLN H 81 -9.41 3.86 8.67
N MET H 82 -10.64 4.21 8.28
CA MET H 82 -11.32 3.64 7.12
C MET H 82 -11.53 4.70 6.06
N ASN H 83 -10.88 4.55 4.90
CA ASN H 83 -10.98 5.50 3.79
C ASN H 83 -11.78 4.92 2.65
N ARG H 84 -12.28 5.81 1.79
CA ARG H 84 -13.03 5.47 0.58
C ARG H 84 -14.08 4.38 0.85
N LEU H 85 -14.89 4.59 1.92
CA LEU H 85 -15.93 3.65 2.35
C LEU H 85 -16.95 3.41 1.24
N LYS H 86 -17.37 2.16 1.10
CA LYS H 86 -18.35 1.76 0.07
C LYS H 86 -19.58 1.13 0.75
N PRO H 87 -20.77 1.07 0.10
CA PRO H 87 -21.95 0.45 0.77
C PRO H 87 -21.71 -0.93 1.39
N GLU H 88 -20.82 -1.75 0.79
CA GLU H 88 -20.45 -3.08 1.28
C GLU H 88 -19.69 -3.05 2.64
N ASP H 89 -19.25 -1.85 3.07
CA ASP H 89 -18.59 -1.70 4.37
C ASP H 89 -19.59 -1.50 5.51
N THR H 90 -20.91 -1.41 5.17
CA THR H 90 -21.97 -1.27 6.17
C THR H 90 -21.99 -2.57 6.98
N ALA H 91 -21.76 -2.44 8.29
CA ALA H 91 -21.68 -3.55 9.22
C ALA H 91 -21.54 -3.03 10.63
N VAL H 92 -21.57 -3.95 11.59
CA VAL H 92 -21.24 -3.68 12.97
C VAL H 92 -19.76 -4.12 13.09
N TYR H 93 -18.94 -3.21 13.59
CA TYR H 93 -17.50 -3.38 13.74
C TYR H 93 -17.22 -3.70 15.19
N TYR H 94 -16.46 -4.78 15.41
CA TYR H 94 -16.14 -5.27 16.75
C TYR H 94 -14.68 -5.26 16.98
N CYS H 95 -14.31 -4.73 18.14
CA CYS H 95 -12.94 -4.76 18.61
C CYS H 95 -12.76 -6.12 19.30
N ALA H 96 -11.61 -6.75 19.09
CA ALA H 96 -11.29 -8.05 19.69
C ALA H 96 -9.83 -8.11 20.16
N ALA H 97 -9.56 -8.96 21.18
CA ALA H 97 -8.25 -9.15 21.76
C ALA H 97 -8.03 -10.61 22.13
N SER H 98 -6.82 -11.12 21.88
CA SER H 98 -6.47 -12.51 22.15
C SER H 98 -4.96 -12.58 22.26
N ILE H 99 -4.45 -13.46 23.12
CA ILE H 99 -3.00 -13.66 23.27
C ILE H 99 -2.41 -14.39 22.04
N LEU H 100 -3.31 -14.96 21.22
CA LEU H 100 -2.98 -15.64 19.98
C LEU H 100 -3.41 -14.71 18.83
N PRO H 101 -2.79 -14.82 17.62
CA PRO H 101 -3.25 -13.97 16.51
C PRO H 101 -4.76 -14.17 16.31
N LEU H 102 -5.49 -13.08 16.01
CA LEU H 102 -6.93 -13.22 15.83
C LEU H 102 -7.20 -14.09 14.62
N SER H 103 -8.33 -14.78 14.61
CA SER H 103 -8.64 -15.63 13.48
C SER H 103 -10.10 -15.56 13.07
N ASP H 104 -10.40 -16.01 11.84
CA ASP H 104 -11.76 -16.06 11.30
C ASP H 104 -12.56 -17.18 11.97
N ASP H 105 -11.87 -18.00 12.80
CA ASP H 105 -12.48 -19.05 13.61
C ASP H 105 -12.11 -18.71 15.08
N PRO H 106 -12.68 -17.62 15.68
CA PRO H 106 -12.27 -17.27 17.06
C PRO H 106 -12.79 -18.24 18.11
N GLY H 107 -11.97 -18.44 19.13
CA GLY H 107 -12.27 -19.35 20.23
C GLY H 107 -12.66 -18.67 21.51
N TRP H 108 -12.58 -19.43 22.61
CA TRP H 108 -12.97 -18.94 23.93
C TRP H 108 -11.88 -18.12 24.60
N ASN H 109 -10.72 -18.00 23.96
CA ASN H 109 -9.65 -17.18 24.48
C ASN H 109 -9.55 -15.84 23.72
N THR H 110 -10.68 -15.37 23.13
CA THR H 110 -10.72 -14.06 22.48
C THR H 110 -11.82 -13.25 23.14
N TYR H 111 -11.47 -12.01 23.51
CA TYR H 111 -12.33 -11.04 24.18
C TYR H 111 -12.90 -10.08 23.17
N TRP H 112 -14.11 -9.61 23.42
CA TRP H 112 -14.83 -8.76 22.47
C TRP H 112 -15.35 -7.46 23.04
N GLY H 113 -15.44 -6.47 22.17
CA GLY H 113 -16.05 -5.19 22.47
C GLY H 113 -17.56 -5.32 22.36
N GLN H 114 -18.28 -4.21 22.55
CA GLN H 114 -19.75 -4.17 22.50
C GLN H 114 -20.26 -4.07 21.04
N GLY H 115 -19.37 -3.66 20.11
CA GLY H 115 -19.71 -3.47 18.71
C GLY H 115 -20.16 -2.06 18.42
N THR H 116 -19.79 -1.53 17.24
CA THR H 116 -20.17 -0.17 16.81
C THR H 116 -20.69 -0.24 15.37
N GLN H 117 -21.88 0.32 15.14
CA GLN H 117 -22.50 0.33 13.83
C GLN H 117 -21.89 1.40 12.94
N VAL H 118 -21.60 1.02 11.68
CA VAL H 118 -21.11 1.89 10.61
C VAL H 118 -22.05 1.68 9.42
N THR H 119 -22.73 2.75 8.99
CA THR H 119 -23.62 2.71 7.85
C THR H 119 -23.05 3.61 6.78
N VAL H 120 -22.82 3.05 5.59
CA VAL H 120 -22.30 3.79 4.44
C VAL H 120 -23.38 4.01 3.36
N SER H 121 -23.55 5.29 2.92
CA SER H 121 -24.44 5.85 1.87
C SER H 121 -25.77 6.31 2.42
N VAL I 1 31.16 -14.71 31.60
CA VAL I 1 32.31 -15.62 31.55
C VAL I 1 33.53 -14.95 30.93
N GLN I 2 34.65 -14.98 31.66
CA GLN I 2 35.93 -14.41 31.22
C GLN I 2 36.92 -15.54 30.98
N LEU I 3 37.63 -15.46 29.86
CA LEU I 3 38.62 -16.46 29.42
C LEU I 3 40.00 -15.83 29.26
N VAL I 4 41.03 -16.48 29.82
CA VAL I 4 42.40 -15.97 29.73
C VAL I 4 43.32 -17.08 29.26
N GLU I 5 43.92 -16.91 28.07
CA GLU I 5 44.88 -17.87 27.49
C GLU I 5 46.28 -17.61 28.04
N SER I 6 47.10 -18.65 28.01
CA SER I 6 48.52 -18.59 28.36
C SER I 6 49.26 -19.60 27.51
N GLY I 7 50.55 -19.33 27.33
CA GLY I 7 51.42 -20.11 26.45
C GLY I 7 51.56 -19.41 25.13
N GLY I 8 52.11 -20.10 24.16
CA GLY I 8 52.30 -19.52 22.83
C GLY I 8 53.61 -18.79 22.67
N GLY I 9 53.69 -18.02 21.58
CA GLY I 9 54.86 -17.26 21.17
C GLY I 9 55.66 -17.99 20.12
N LEU I 10 56.97 -17.76 20.09
CA LEU I 10 57.88 -18.37 19.11
C LEU I 10 58.21 -19.79 19.50
N VAL I 11 58.09 -20.71 18.54
CA VAL I 11 58.32 -22.14 18.71
C VAL I 11 58.97 -22.72 17.48
N GLN I 12 59.78 -23.76 17.65
CA GLN I 12 60.52 -24.42 16.58
C GLN I 12 59.59 -25.42 15.86
N ALA I 13 59.69 -25.48 14.52
CA ALA I 13 58.91 -26.44 13.70
C ALA I 13 59.31 -27.85 14.11
N GLY I 14 58.32 -28.72 14.22
CA GLY I 14 58.49 -30.12 14.58
C GLY I 14 58.37 -30.32 16.08
N GLY I 15 58.40 -29.20 16.81
CA GLY I 15 58.30 -29.20 18.26
C GLY I 15 56.90 -29.34 18.80
N SER I 16 56.76 -29.09 20.10
CA SER I 16 55.51 -29.18 20.84
C SER I 16 55.24 -27.91 21.59
N LEU I 17 53.96 -27.64 21.81
CA LEU I 17 53.51 -26.49 22.55
C LEU I 17 52.17 -26.83 23.20
N SER I 18 51.97 -26.31 24.42
CA SER I 18 50.73 -26.47 25.16
C SER I 18 50.17 -25.08 25.50
N LEU I 19 48.91 -24.86 25.14
CA LEU I 19 48.23 -23.62 25.46
C LEU I 19 47.23 -23.93 26.57
N SER I 20 47.01 -23.00 27.48
CA SER I 20 46.05 -23.15 28.56
C SER I 20 45.02 -22.05 28.44
N CYS I 21 43.82 -22.29 28.98
CA CYS I 21 42.77 -21.29 29.04
C CYS I 21 42.02 -21.43 30.34
N SER I 22 42.06 -20.41 31.18
CA SER I 22 41.39 -20.36 32.47
C SER I 22 40.08 -19.61 32.33
N ALA I 23 39.00 -20.21 32.82
CA ALA I 23 37.69 -19.59 32.80
C ALA I 23 37.30 -19.14 34.20
N SER I 24 36.61 -18.00 34.27
CA SER I 24 36.07 -17.44 35.50
C SER I 24 34.63 -17.02 35.23
N GLY I 25 33.77 -17.20 36.23
CA GLY I 25 32.34 -16.89 36.14
C GLY I 25 31.47 -17.90 36.86
N ARG I 26 30.16 -17.73 36.73
CA ARG I 26 29.15 -18.59 37.35
C ARG I 26 28.85 -19.82 36.51
N SER I 27 28.64 -20.97 37.18
CA SER I 27 28.29 -22.30 36.65
C SER I 27 28.97 -22.63 35.29
N LEU I 28 30.29 -22.77 35.32
CA LEU I 28 31.11 -23.07 34.16
C LEU I 28 30.92 -24.51 33.63
N SER I 29 30.28 -25.38 34.42
CA SER I 29 29.90 -26.74 34.06
C SER I 29 28.85 -26.73 32.90
N ASN I 30 28.13 -25.61 32.71
CA ASN I 30 27.15 -25.46 31.64
C ASN I 30 27.82 -25.24 30.27
N TYR I 31 29.11 -24.89 30.26
CA TYR I 31 29.81 -24.49 29.03
C TYR I 31 30.66 -25.51 28.36
N TYR I 32 30.60 -25.51 27.03
CA TYR I 32 31.54 -26.23 26.16
C TYR I 32 32.70 -25.26 26.11
N MET I 33 33.93 -25.75 26.19
CA MET I 33 35.10 -24.89 26.12
C MET I 33 35.99 -25.43 25.02
N GLY I 34 36.58 -24.54 24.24
CA GLY I 34 37.40 -24.99 23.12
C GLY I 34 38.32 -23.97 22.52
N TRP I 35 38.86 -24.32 21.36
CA TRP I 35 39.86 -23.53 20.66
C TRP I 35 39.53 -23.29 19.22
N PHE I 36 39.80 -22.06 18.81
CA PHE I 36 39.72 -21.56 17.45
C PHE I 36 41.12 -21.05 17.12
N ARG I 37 41.41 -20.89 15.83
CA ARG I 37 42.63 -20.27 15.33
C ARG I 37 42.29 -19.49 14.08
N GLN I 38 43.11 -18.50 13.79
CA GLN I 38 42.95 -17.73 12.57
C GLN I 38 44.36 -17.38 12.06
N ALA I 39 44.76 -18.13 11.00
CA ALA I 39 46.06 -18.05 10.34
C ALA I 39 46.02 -16.97 9.29
N PRO I 40 47.17 -16.31 8.98
CA PRO I 40 47.15 -15.23 7.98
C PRO I 40 46.57 -15.66 6.64
N GLY I 41 45.52 -14.96 6.19
CA GLY I 41 44.88 -15.25 4.92
C GLY I 41 43.95 -16.46 4.95
N LYS I 42 43.80 -17.10 6.12
CA LYS I 42 42.95 -18.28 6.27
C LYS I 42 41.75 -18.00 7.16
N GLU I 43 40.56 -18.51 6.80
CA GLU I 43 39.34 -18.22 7.58
C GLU I 43 39.41 -18.72 9.02
N ARG I 44 38.79 -18.00 9.97
CA ARG I 44 38.77 -18.41 11.36
C ARG I 44 38.15 -19.80 11.42
N GLU I 45 38.81 -20.73 12.13
CA GLU I 45 38.38 -22.11 12.19
C GLU I 45 38.33 -22.64 13.58
N LEU I 46 37.30 -23.46 13.84
CA LEU I 46 37.15 -24.15 15.12
C LEU I 46 38.01 -25.40 15.07
N LEU I 47 38.93 -25.55 16.06
CA LEU I 47 39.83 -26.70 16.12
C LEU I 47 39.22 -27.84 16.92
N GLY I 48 38.45 -27.48 17.93
CA GLY I 48 37.77 -28.47 18.77
C GLY I 48 37.22 -27.90 20.04
N ASN I 49 36.50 -28.75 20.78
CA ASN I 49 35.87 -28.39 22.04
C ASN I 49 35.69 -29.59 22.95
N ILE I 50 35.47 -29.29 24.23
CA ILE I 50 35.28 -30.27 25.30
C ILE I 50 34.25 -29.72 26.29
N SER I 51 33.21 -30.51 26.60
CA SER I 51 32.23 -30.05 27.57
C SER I 51 32.62 -30.54 28.98
N TRP I 52 31.83 -30.18 30.00
CA TRP I 52 32.07 -30.54 31.40
C TRP I 52 32.24 -32.04 31.57
N ARG I 53 33.32 -32.46 32.29
CA ARG I 53 33.71 -33.84 32.56
C ARG I 53 34.10 -34.62 31.27
N GLY I 54 34.38 -33.88 30.20
CA GLY I 54 34.81 -34.40 28.89
C GLY I 54 33.83 -35.27 28.13
N TYR I 55 32.51 -35.12 28.40
CA TYR I 55 31.44 -35.94 27.80
C TYR I 55 31.25 -35.76 26.29
N ASN I 56 31.60 -34.57 25.77
CA ASN I 56 31.53 -34.27 24.35
C ASN I 56 32.92 -33.79 24.00
N ILE I 57 33.50 -34.32 22.92
CA ILE I 57 34.82 -33.94 22.42
C ILE I 57 34.71 -33.85 20.90
N TYR I 58 35.24 -32.77 20.34
CA TYR I 58 35.27 -32.61 18.89
C TYR I 58 36.64 -32.13 18.50
N TYR I 59 37.15 -32.66 17.39
CA TYR I 59 38.40 -32.23 16.77
C TYR I 59 38.12 -32.02 15.30
N LYS I 60 38.61 -30.91 14.74
CA LYS I 60 38.54 -30.67 13.31
C LYS I 60 39.50 -31.74 12.70
N ASP I 61 39.10 -32.36 11.57
CA ASP I 61 39.86 -33.43 10.91
C ASP I 61 41.35 -33.11 10.70
N SER I 62 41.68 -31.88 10.29
CA SER I 62 43.04 -31.40 9.99
C SER I 62 44.03 -31.41 11.17
N VAL I 63 43.53 -31.43 12.43
CA VAL I 63 44.39 -31.41 13.62
C VAL I 63 44.24 -32.68 14.44
N LYS I 64 43.27 -33.56 14.08
CA LYS I 64 42.99 -34.84 14.71
C LYS I 64 44.24 -35.73 14.63
N GLY I 65 44.68 -36.24 15.76
CA GLY I 65 45.88 -37.07 15.83
C GLY I 65 47.16 -36.36 16.22
N ARG I 66 47.15 -35.01 16.24
CA ARG I 66 48.32 -34.20 16.63
C ARG I 66 47.98 -33.21 17.70
N PHE I 67 46.72 -32.74 17.72
CA PHE I 67 46.23 -31.81 18.73
C PHE I 67 45.33 -32.57 19.70
N THR I 68 45.51 -32.30 20.99
CA THR I 68 44.71 -32.91 22.05
C THR I 68 44.13 -31.81 22.94
N ILE I 69 42.85 -31.92 23.24
CA ILE I 69 42.17 -30.99 24.13
C ILE I 69 41.82 -31.76 25.42
N SER I 70 42.12 -31.14 26.56
CA SER I 70 41.82 -31.73 27.87
C SER I 70 41.22 -30.66 28.77
N ARG I 71 40.50 -31.09 29.82
CA ARG I 71 39.84 -30.18 30.74
C ARG I 71 39.98 -30.59 32.19
N ASP I 72 40.31 -29.61 33.04
CA ASP I 72 40.41 -29.77 34.49
C ASP I 72 39.23 -28.98 35.06
N ASP I 73 38.19 -29.69 35.52
CA ASP I 73 36.97 -29.07 36.04
C ASP I 73 37.12 -28.48 37.43
N ALA I 74 38.16 -28.91 38.19
CA ALA I 74 38.45 -28.35 39.51
C ALA I 74 39.10 -26.96 39.35
N LYS I 75 39.90 -26.79 38.26
CA LYS I 75 40.61 -25.55 37.94
C LYS I 75 39.87 -24.68 36.93
N ASN I 76 38.84 -25.25 36.26
CA ASN I 76 38.05 -24.59 35.20
C ASN I 76 38.97 -24.12 34.07
N THR I 77 39.87 -25.02 33.68
CA THR I 77 40.93 -24.80 32.71
C THR I 77 40.91 -25.86 31.63
N ILE I 78 41.12 -25.43 30.38
CA ILE I 78 41.27 -26.32 29.23
C ILE I 78 42.68 -26.17 28.70
N TYR I 79 43.18 -27.23 28.05
CA TYR I 79 44.53 -27.25 27.53
C TYR I 79 44.49 -27.70 26.10
N LEU I 80 45.38 -27.14 25.28
CA LEU I 80 45.52 -27.52 23.89
C LEU I 80 46.94 -27.96 23.70
N GLN I 81 47.12 -29.28 23.58
CA GLN I 81 48.41 -29.90 23.35
C GLN I 81 48.61 -30.00 21.85
N MET I 82 49.61 -29.29 21.36
CA MET I 82 49.89 -29.25 19.93
C MET I 82 51.22 -29.91 19.65
N ASN I 83 51.19 -31.06 18.99
CA ASN I 83 52.41 -31.80 18.67
C ASN I 83 52.80 -31.64 17.21
N ARG I 84 54.08 -31.90 16.91
CA ARG I 84 54.66 -31.91 15.56
C ARG I 84 54.26 -30.67 14.78
N LEU I 85 54.53 -29.50 15.38
CA LEU I 85 54.29 -28.13 14.92
C LEU I 85 54.75 -27.90 13.51
N LYS I 86 53.89 -27.40 12.64
CA LYS I 86 54.34 -27.12 11.28
C LYS I 86 54.21 -25.62 10.98
N PRO I 87 54.96 -25.02 10.03
CA PRO I 87 54.79 -23.57 9.76
C PRO I 87 53.34 -23.12 9.54
N GLU I 88 52.47 -23.99 8.97
CA GLU I 88 51.03 -23.72 8.75
C GLU I 88 50.22 -23.59 10.04
N ASP I 89 50.83 -23.94 11.20
CA ASP I 89 50.15 -23.76 12.48
C ASP I 89 50.37 -22.35 13.03
N THR I 90 51.19 -21.51 12.33
CA THR I 90 51.39 -20.09 12.68
C THR I 90 50.04 -19.38 12.53
N ALA I 91 49.51 -18.89 13.65
CA ALA I 91 48.19 -18.24 13.76
C ALA I 91 48.03 -17.63 15.12
N VAL I 92 46.90 -16.93 15.31
CA VAL I 92 46.49 -16.46 16.62
C VAL I 92 45.42 -17.48 17.05
N TYR I 93 45.62 -18.05 18.23
CA TYR I 93 44.78 -19.08 18.83
C TYR I 93 43.89 -18.42 19.85
N TYR I 94 42.60 -18.72 19.76
CA TYR I 94 41.61 -18.14 20.66
C TYR I 94 40.87 -19.20 21.43
N CYS I 95 40.78 -18.97 22.72
CA CYS I 95 39.98 -19.81 23.59
C CYS I 95 38.54 -19.30 23.48
N ALA I 96 37.55 -20.22 23.49
CA ALA I 96 36.15 -19.86 23.42
C ALA I 96 35.30 -20.75 24.33
N ALA I 97 34.15 -20.23 24.77
CA ALA I 97 33.21 -20.92 25.64
C ALA I 97 31.79 -20.55 25.27
N SER I 98 30.90 -21.53 25.29
CA SER I 98 29.48 -21.33 24.97
C SER I 98 28.70 -22.44 25.63
N ILE I 99 27.43 -22.18 25.99
CA ILE I 99 26.56 -23.20 26.58
C ILE I 99 26.10 -24.17 25.47
N LEU I 100 26.28 -23.77 24.21
CA LEU I 100 25.97 -24.58 23.04
C LEU I 100 27.30 -25.10 22.47
N PRO I 101 27.31 -26.24 21.73
CA PRO I 101 28.57 -26.68 21.11
C PRO I 101 29.14 -25.55 20.28
N LEU I 102 30.47 -25.38 20.31
CA LEU I 102 31.11 -24.31 19.54
C LEU I 102 30.92 -24.61 18.07
N SER I 103 30.89 -23.56 17.27
CA SER I 103 30.70 -23.77 15.85
C SER I 103 31.58 -22.86 15.01
N ASP I 104 31.74 -23.21 13.72
CA ASP I 104 32.50 -22.43 12.76
C ASP I 104 31.78 -21.13 12.41
N ASP I 105 30.52 -21.00 12.87
CA ASP I 105 29.70 -19.79 12.74
C ASP I 105 29.31 -19.37 14.19
N PRO I 106 30.26 -18.86 15.01
CA PRO I 106 29.90 -18.52 16.39
C PRO I 106 29.03 -17.27 16.52
N GLY I 107 28.12 -17.29 17.48
CA GLY I 107 27.18 -16.20 17.71
C GLY I 107 27.48 -15.36 18.93
N TRP I 108 26.45 -14.63 19.40
CA TRP I 108 26.50 -13.71 20.53
C TRP I 108 26.53 -14.43 21.88
N ASN I 109 26.29 -15.76 21.89
CA ASN I 109 26.32 -16.52 23.12
C ASN I 109 27.65 -17.30 23.27
N THR I 110 28.72 -16.83 22.60
CA THR I 110 30.03 -17.44 22.74
C THR I 110 31.00 -16.38 23.21
N TYR I 111 31.76 -16.73 24.26
CA TYR I 111 32.73 -15.87 24.93
C TYR I 111 34.09 -16.18 24.44
N TRP I 112 34.95 -15.17 24.38
CA TRP I 112 36.29 -15.30 23.81
C TRP I 112 37.39 -14.87 24.73
N GLY I 113 38.54 -15.49 24.52
CA GLY I 113 39.78 -15.13 25.19
C GLY I 113 40.39 -13.95 24.46
N GLN I 114 41.58 -13.50 24.89
CA GLN I 114 42.24 -12.34 24.26
C GLN I 114 43.01 -12.71 22.98
N GLY I 115 43.23 -14.00 22.79
CA GLY I 115 44.00 -14.53 21.67
C GLY I 115 45.46 -14.63 22.02
N THR I 116 46.13 -15.70 21.56
CA THR I 116 47.53 -15.91 21.82
C THR I 116 48.22 -16.21 20.48
N GLN I 117 49.28 -15.46 20.19
CA GLN I 117 50.03 -15.67 18.95
C GLN I 117 50.97 -16.85 19.10
N VAL I 118 50.98 -17.73 18.08
CA VAL I 118 51.88 -18.89 17.98
C VAL I 118 52.58 -18.72 16.64
N THR I 119 53.91 -18.60 16.67
CA THR I 119 54.73 -18.44 15.46
C THR I 119 55.65 -19.62 15.37
N VAL I 120 55.50 -20.40 14.28
CA VAL I 120 56.32 -21.59 14.07
C VAL I 120 57.51 -21.29 13.14
N SER I 121 58.67 -21.85 13.49
CA SER I 121 59.98 -21.83 12.81
C SER I 121 60.61 -20.45 12.91
N VAL J 1 -2.17 53.59 -35.09
CA VAL J 1 -1.40 53.24 -36.28
C VAL J 1 -1.89 54.00 -37.52
N GLN J 2 -0.97 54.69 -38.21
CA GLN J 2 -1.24 55.46 -39.44
C GLN J 2 -0.52 54.80 -40.62
N LEU J 3 -1.21 54.67 -41.76
CA LEU J 3 -0.72 54.01 -42.96
C LEU J 3 -0.79 54.94 -44.15
N VAL J 4 0.30 55.03 -44.93
CA VAL J 4 0.34 55.89 -46.12
C VAL J 4 0.86 55.10 -47.33
N GLU J 5 0.00 54.92 -48.34
CA GLU J 5 0.33 54.21 -49.57
C GLU J 5 0.93 55.13 -50.60
N SER J 6 1.71 54.54 -51.52
CA SER J 6 2.29 55.21 -52.70
C SER J 6 2.41 54.21 -53.83
N GLY J 7 2.51 54.67 -55.07
CA GLY J 7 2.77 53.77 -56.21
C GLY J 7 1.69 53.48 -57.23
N GLY J 8 0.44 53.79 -56.93
CA GLY J 8 -0.65 53.56 -57.89
C GLY J 8 -0.54 54.46 -59.11
N GLY J 9 -1.35 54.15 -60.11
CA GLY J 9 -1.39 54.92 -61.35
C GLY J 9 -1.98 54.14 -62.52
N LEU J 10 -1.82 54.70 -63.73
CA LEU J 10 -2.27 54.13 -64.98
C LEU J 10 -1.17 53.21 -65.49
N VAL J 11 -1.56 52.00 -65.87
CA VAL J 11 -0.64 51.01 -66.41
C VAL J 11 -1.34 50.26 -67.56
N GLN J 12 -0.56 49.91 -68.59
CA GLN J 12 -1.07 49.17 -69.74
C GLN J 12 -1.20 47.70 -69.35
N ALA J 13 -2.24 47.01 -69.85
CA ALA J 13 -2.49 45.58 -69.63
C ALA J 13 -1.25 44.77 -70.02
N GLY J 14 -0.89 43.83 -69.16
CA GLY J 14 0.30 43.01 -69.32
C GLY J 14 1.50 43.61 -68.60
N GLY J 15 1.35 44.85 -68.15
CA GLY J 15 2.36 45.61 -67.43
C GLY J 15 2.51 45.25 -65.97
N SER J 16 3.42 45.96 -65.32
CA SER J 16 3.83 45.72 -63.94
C SER J 16 3.74 46.98 -63.14
N LEU J 17 3.52 46.84 -61.83
CA LEU J 17 3.45 47.96 -60.90
C LEU J 17 3.81 47.49 -59.50
N SER J 18 4.43 48.37 -58.70
CA SER J 18 4.70 48.09 -57.29
C SER J 18 4.11 49.18 -56.40
N LEU J 19 3.38 48.75 -55.35
CA LEU J 19 2.78 49.68 -54.38
C LEU J 19 3.54 49.57 -53.07
N SER J 20 3.68 50.68 -52.33
CA SER J 20 4.34 50.72 -51.04
C SER J 20 3.36 51.22 -49.99
N CYS J 21 3.58 50.87 -48.72
CA CYS J 21 2.79 51.36 -47.59
C CYS J 21 3.69 51.55 -46.40
N SER J 22 3.81 52.79 -45.90
CA SER J 22 4.60 53.13 -44.73
C SER J 22 3.70 53.23 -43.51
N ALA J 23 4.08 52.53 -42.43
CA ALA J 23 3.33 52.55 -41.19
C ALA J 23 4.06 53.35 -40.15
N SER J 24 3.29 54.05 -39.31
CA SER J 24 3.80 54.82 -38.20
C SER J 24 2.93 54.50 -36.96
N GLY J 25 3.56 54.47 -35.81
CA GLY J 25 2.89 54.17 -34.54
C GLY J 25 3.73 53.32 -33.62
N ARG J 26 3.14 52.95 -32.47
CA ARG J 26 3.80 52.15 -31.45
C ARG J 26 3.67 50.67 -31.75
N SER J 27 4.77 49.91 -31.45
CA SER J 27 4.95 48.47 -31.56
C SER J 27 4.28 47.85 -32.81
N LEU J 28 4.78 48.22 -33.99
CA LEU J 28 4.28 47.77 -35.27
C LEU J 28 4.57 46.28 -35.55
N SER J 29 5.47 45.67 -34.78
CA SER J 29 5.80 44.24 -34.80
C SER J 29 4.58 43.39 -34.39
N ASN J 30 3.60 43.97 -33.67
CA ASN J 30 2.38 43.28 -33.25
C ASN J 30 1.40 43.08 -34.40
N TYR J 31 1.56 43.85 -35.48
CA TYR J 31 0.59 43.91 -36.57
C TYR J 31 0.87 43.09 -37.80
N TYR J 32 -0.18 42.50 -38.35
CA TYR J 32 -0.19 41.88 -39.67
C TYR J 32 -0.41 43.12 -40.56
N MET J 33 0.27 43.21 -41.68
CA MET J 33 0.10 44.33 -42.61
C MET J 33 -0.21 43.74 -43.96
N GLY J 34 -1.14 44.36 -44.67
CA GLY J 34 -1.54 43.80 -45.96
C GLY J 34 -2.30 44.73 -46.87
N TRP J 35 -2.90 44.13 -47.90
CA TRP J 35 -3.57 44.84 -48.97
C TRP J 35 -4.94 44.31 -49.27
N PHE J 36 -5.85 45.24 -49.48
CA PHE J 36 -7.23 45.06 -49.92
C PHE J 36 -7.37 45.86 -51.20
N ARG J 37 -8.38 45.55 -51.99
CA ARG J 37 -8.75 46.30 -53.19
C ARG J 37 -10.27 46.31 -53.32
N GLN J 38 -10.81 47.37 -53.89
CA GLN J 38 -12.22 47.49 -54.14
C GLN J 38 -12.43 48.29 -55.42
N ALA J 39 -13.09 47.69 -56.41
CA ALA J 39 -13.41 48.35 -57.67
C ALA J 39 -14.81 48.98 -57.56
N PRO J 40 -15.10 50.09 -58.29
CA PRO J 40 -16.45 50.69 -58.21
C PRO J 40 -17.55 49.71 -58.64
N GLY J 41 -18.55 49.56 -57.78
CA GLY J 41 -19.67 48.64 -57.98
C GLY J 41 -19.33 47.19 -57.73
N LYS J 42 -18.09 46.88 -57.27
CA LYS J 42 -17.64 45.52 -56.98
C LYS J 42 -17.30 45.35 -55.50
N GLU J 43 -17.34 44.10 -55.00
CA GLU J 43 -17.07 43.75 -53.60
C GLU J 43 -15.61 43.91 -53.20
N ARG J 44 -15.40 44.39 -51.96
CA ARG J 44 -14.11 44.57 -51.33
C ARG J 44 -13.46 43.21 -51.20
N GLU J 45 -12.16 43.16 -51.38
CA GLU J 45 -11.49 41.88 -51.22
C GLU J 45 -10.10 41.98 -50.64
N LEU J 46 -9.75 41.03 -49.76
CA LEU J 46 -8.42 40.96 -49.17
C LEU J 46 -7.51 40.24 -50.16
N LEU J 47 -6.39 40.87 -50.53
CA LEU J 47 -5.44 40.30 -51.50
C LEU J 47 -4.36 39.48 -50.81
N GLY J 48 -3.98 39.92 -49.63
CA GLY J 48 -2.96 39.24 -48.86
C GLY J 48 -2.42 40.03 -47.70
N ASN J 49 -1.64 39.36 -46.86
CA ASN J 49 -1.00 39.98 -45.70
C ASN J 49 0.33 39.32 -45.34
N ILE J 50 1.13 40.02 -44.53
CA ILE J 50 2.41 39.59 -44.04
C ILE J 50 2.59 40.08 -42.58
N SER J 51 2.93 39.18 -41.67
CA SER J 51 3.16 39.60 -40.29
C SER J 51 4.64 39.93 -40.08
N TRP J 52 5.01 40.37 -38.87
CA TRP J 52 6.38 40.76 -38.53
C TRP J 52 7.37 39.64 -38.83
N ARG J 53 8.48 40.00 -39.53
CA ARG J 53 9.55 39.08 -39.97
C ARG J 53 9.07 38.03 -40.99
N GLY J 54 7.92 38.28 -41.60
CA GLY J 54 7.32 37.44 -42.63
C GLY J 54 6.87 36.06 -42.25
N TYR J 55 6.61 35.81 -40.95
CA TYR J 55 6.22 34.49 -40.39
C TYR J 55 4.89 33.95 -40.90
N ASN J 56 3.95 34.83 -41.25
CA ASN J 56 2.65 34.48 -41.80
C ASN J 56 2.56 35.25 -43.10
N ILE J 57 2.14 34.56 -44.18
CA ILE J 57 1.92 35.16 -45.50
C ILE J 57 0.64 34.55 -46.07
N TYR J 58 -0.22 35.39 -46.63
CA TYR J 58 -1.43 34.94 -47.28
C TYR J 58 -1.59 35.67 -48.59
N TYR J 59 -2.07 34.95 -49.62
CA TYR J 59 -2.39 35.48 -50.94
C TYR J 59 -3.74 34.95 -51.32
N LYS J 60 -4.65 35.82 -51.80
CA LYS J 60 -5.95 35.38 -52.32
C LYS J 60 -5.62 34.58 -53.59
N ASP J 61 -6.31 33.44 -53.83
CA ASP J 61 -6.05 32.54 -54.97
C ASP J 61 -5.93 33.23 -56.32
N SER J 62 -6.82 34.22 -56.59
CA SER J 62 -6.89 34.98 -57.84
C SER J 62 -5.64 35.81 -58.18
N VAL J 63 -4.78 36.11 -57.18
CA VAL J 63 -3.57 36.91 -57.37
C VAL J 63 -2.28 36.13 -57.08
N LYS J 64 -2.42 34.90 -56.57
CA LYS J 64 -1.33 33.98 -56.24
C LYS J 64 -0.56 33.66 -57.52
N GLY J 65 0.76 33.84 -57.47
CA GLY J 65 1.63 33.59 -58.62
C GLY J 65 1.96 34.81 -59.45
N ARG J 66 1.23 35.92 -59.27
CA ARG J 66 1.47 37.17 -60.01
C ARG J 66 1.73 38.33 -59.07
N PHE J 67 1.16 38.28 -57.86
CA PHE J 67 1.34 39.30 -56.84
C PHE J 67 2.27 38.78 -55.75
N THR J 68 3.22 39.62 -55.31
CA THR J 68 4.15 39.31 -54.23
C THR J 68 4.11 40.40 -53.16
N ILE J 69 4.03 39.97 -51.90
CA ILE J 69 4.00 40.88 -50.76
C ILE J 69 5.31 40.72 -49.98
N SER J 70 5.92 41.83 -49.61
CA SER J 70 7.17 41.84 -48.84
C SER J 70 7.10 42.91 -47.76
N ARG J 71 7.96 42.76 -46.73
CA ARG J 71 7.96 43.65 -45.59
C ARG J 71 9.38 43.98 -45.12
N ASP J 72 9.63 45.26 -44.87
CA ASP J 72 10.87 45.79 -44.33
C ASP J 72 10.53 46.25 -42.91
N ASP J 73 10.98 45.48 -41.91
CA ASP J 73 10.69 45.77 -40.50
C ASP J 73 11.52 46.91 -39.93
N ALA J 74 12.64 47.25 -40.56
CA ALA J 74 13.49 48.36 -40.14
C ALA J 74 12.82 49.69 -40.59
N LYS J 75 12.14 49.66 -41.75
CA LYS J 75 11.45 50.81 -42.32
C LYS J 75 9.97 50.86 -41.99
N ASN J 76 9.40 49.73 -41.47
CA ASN J 76 7.98 49.57 -41.16
C ASN J 76 7.14 49.83 -42.42
N THR J 77 7.58 49.21 -43.52
CA THR J 77 6.99 49.37 -44.84
C THR J 77 6.69 48.01 -45.46
N ILE J 78 5.56 47.91 -46.16
CA ILE J 78 5.15 46.74 -46.91
C ILE J 78 5.08 47.11 -48.38
N TYR J 79 5.28 46.12 -49.25
CA TYR J 79 5.28 46.33 -50.70
C TYR J 79 4.40 45.32 -51.38
N LEU J 80 3.73 45.73 -52.44
CA LEU J 80 2.89 44.84 -53.23
C LEU J 80 3.39 44.90 -54.67
N GLN J 81 4.11 43.86 -55.09
CA GLN J 81 4.62 43.72 -56.44
C GLN J 81 3.52 43.04 -57.27
N MET J 82 3.08 43.70 -58.34
CA MET J 82 1.98 43.21 -59.17
C MET J 82 2.44 43.03 -60.61
N ASN J 83 2.47 41.78 -61.08
CA ASN J 83 2.92 41.47 -62.44
C ASN J 83 1.77 41.07 -63.33
N ARG J 84 1.99 41.17 -64.67
CA ARG J 84 1.05 40.78 -65.72
C ARG J 84 -0.37 41.28 -65.41
N LEU J 85 -0.46 42.57 -65.09
CA LEU J 85 -1.70 43.25 -64.76
C LEU J 85 -2.74 43.08 -65.84
N LYS J 86 -4.00 42.95 -65.42
CA LYS J 86 -5.12 42.77 -66.34
C LYS J 86 -6.21 43.80 -66.07
N PRO J 87 -7.11 44.13 -67.03
CA PRO J 87 -8.17 45.13 -66.73
C PRO J 87 -8.96 44.89 -65.46
N GLU J 88 -9.17 43.63 -65.08
CA GLU J 88 -9.89 43.25 -63.84
C GLU J 88 -9.13 43.63 -62.56
N ASP J 89 -7.86 44.06 -62.67
CA ASP J 89 -7.10 44.52 -61.52
C ASP J 89 -7.34 46.00 -61.22
N THR J 90 -8.16 46.68 -62.07
CA THR J 90 -8.51 48.08 -61.87
C THR J 90 -9.34 48.17 -60.58
N ALA J 91 -8.83 48.96 -59.62
CA ALA J 91 -9.45 49.18 -58.33
C ALA J 91 -8.65 50.21 -57.56
N VAL J 92 -9.16 50.57 -56.38
CA VAL J 92 -8.39 51.36 -55.46
C VAL J 92 -7.89 50.36 -54.41
N TYR J 93 -6.57 50.34 -54.25
CA TYR J 93 -5.82 49.42 -53.39
C TYR J 93 -5.59 50.11 -52.07
N TYR J 94 -5.94 49.41 -50.98
CA TYR J 94 -5.85 49.92 -49.62
C TYR J 94 -4.93 49.10 -48.80
N CYS J 95 -4.03 49.80 -48.11
CA CYS J 95 -3.14 49.19 -47.16
C CYS J 95 -3.93 49.06 -45.85
N ALA J 96 -3.75 47.94 -45.15
CA ALA J 96 -4.43 47.69 -43.87
C ALA J 96 -3.48 47.04 -42.88
N ALA J 97 -3.76 47.25 -41.57
CA ALA J 97 -2.97 46.70 -40.48
C ALA J 97 -3.90 46.29 -39.33
N SER J 98 -3.61 45.15 -38.69
CA SER J 98 -4.36 44.63 -37.56
C SER J 98 -3.49 43.68 -36.74
N ILE J 99 -3.73 43.62 -35.43
CA ILE J 99 -2.97 42.67 -34.58
C ILE J 99 -3.48 41.24 -34.84
N LEU J 100 -4.63 41.12 -35.51
CA LEU J 100 -5.22 39.84 -35.92
C LEU J 100 -5.00 39.68 -37.43
N PRO J 101 -4.97 38.43 -37.96
CA PRO J 101 -4.82 38.28 -39.41
C PRO J 101 -5.90 39.09 -40.12
N LEU J 102 -5.57 39.71 -41.24
CA LEU J 102 -6.58 40.48 -41.96
C LEU J 102 -7.63 39.54 -42.49
N SER J 103 -8.85 40.02 -42.65
CA SER J 103 -9.89 39.13 -43.14
C SER J 103 -10.84 39.83 -44.10
N ASP J 104 -11.60 39.04 -44.85
CA ASP J 104 -12.60 39.51 -45.76
C ASP J 104 -13.84 40.06 -45.00
N ASP J 105 -13.84 39.89 -43.67
CA ASP J 105 -14.82 40.48 -42.76
C ASP J 105 -14.01 41.38 -41.75
N PRO J 106 -13.41 42.52 -42.18
CA PRO J 106 -12.60 43.31 -41.23
C PRO J 106 -13.43 44.04 -40.17
N GLY J 107 -12.87 44.17 -38.97
CA GLY J 107 -13.56 44.84 -37.88
C GLY J 107 -12.99 46.19 -37.49
N TRP J 108 -13.31 46.62 -36.26
CA TRP J 108 -12.88 47.92 -35.76
C TRP J 108 -11.44 47.92 -35.23
N ASN J 109 -10.79 46.76 -35.25
CA ASN J 109 -9.40 46.68 -34.83
C ASN J 109 -8.46 46.59 -36.06
N THR J 110 -8.93 47.10 -37.22
CA THR J 110 -8.09 47.14 -38.42
C THR J 110 -7.99 48.60 -38.87
N TYR J 111 -6.76 49.03 -39.11
CA TYR J 111 -6.39 50.39 -39.52
C TYR J 111 -6.21 50.41 -41.02
N TRP J 112 -6.54 51.54 -41.64
CA TRP J 112 -6.52 51.69 -43.09
C TRP J 112 -5.71 52.85 -43.58
N GLY J 113 -5.19 52.68 -44.80
CA GLY J 113 -4.50 53.74 -45.51
C GLY J 113 -5.50 54.65 -46.20
N GLN J 114 -5.01 55.58 -47.02
CA GLN J 114 -5.83 56.55 -47.76
C GLN J 114 -6.35 55.95 -49.07
N GLY J 115 -5.75 54.84 -49.51
CA GLY J 115 -6.08 54.19 -50.77
C GLY J 115 -5.29 54.74 -51.96
N THR J 116 -4.95 53.89 -52.92
CA THR J 116 -4.23 54.29 -54.13
C THR J 116 -4.89 53.68 -55.36
N GLN J 117 -5.21 54.52 -56.34
CA GLN J 117 -5.89 54.07 -57.55
C GLN J 117 -4.90 53.41 -58.50
N VAL J 118 -5.30 52.25 -59.05
CA VAL J 118 -4.58 51.49 -60.07
C VAL J 118 -5.59 51.27 -61.19
N THR J 119 -5.25 51.74 -62.40
CA THR J 119 -6.10 51.61 -63.58
C THR J 119 -5.31 50.83 -64.62
N VAL J 120 -5.89 49.74 -65.14
CA VAL J 120 -5.24 48.91 -66.12
C VAL J 120 -5.97 48.96 -67.48
N SER J 121 -5.19 49.25 -68.55
CA SER J 121 -5.49 49.38 -69.99
C SER J 121 -5.87 50.80 -70.41
N VAL K 1 17.55 26.21 -10.46
CA VAL K 1 17.34 25.20 -9.42
C VAL K 1 18.42 24.09 -9.45
N GLN K 2 19.21 24.00 -8.35
CA GLN K 2 20.27 23.02 -8.18
C GLN K 2 19.81 21.88 -7.25
N LEU K 3 20.09 20.63 -7.64
CA LEU K 3 19.72 19.43 -6.90
C LEU K 3 20.97 18.61 -6.59
N VAL K 4 21.10 18.18 -5.34
CA VAL K 4 22.25 17.38 -4.92
C VAL K 4 21.77 16.16 -4.13
N GLU K 5 22.03 14.96 -4.68
CA GLU K 5 21.67 13.69 -4.06
C GLU K 5 22.72 13.25 -3.06
N SER K 6 22.30 12.42 -2.10
CA SER K 6 23.15 11.78 -1.11
C SER K 6 22.56 10.40 -0.78
N GLY K 7 23.40 9.53 -0.27
CA GLY K 7 23.06 8.14 0.01
C GLY K 7 23.49 7.28 -1.15
N GLY K 8 23.03 6.03 -1.16
CA GLY K 8 23.36 5.13 -2.23
C GLY K 8 24.62 4.35 -1.91
N GLY K 9 25.06 3.57 -2.87
CA GLY K 9 26.22 2.72 -2.68
C GLY K 9 25.86 1.29 -2.99
N LEU K 10 26.10 0.44 -2.02
CA LEU K 10 25.93 -1.00 -2.09
C LEU K 10 24.98 -1.46 -1.05
N VAL K 11 24.15 -2.42 -1.44
CA VAL K 11 23.20 -3.05 -0.55
C VAL K 11 22.98 -4.50 -0.97
N GLN K 12 22.82 -5.39 0.01
CA GLN K 12 22.54 -6.82 -0.24
C GLN K 12 21.08 -6.98 -0.62
N ALA K 13 20.77 -7.91 -1.55
CA ALA K 13 19.40 -8.17 -2.03
C ALA K 13 18.49 -8.50 -0.86
N GLY K 14 17.30 -7.89 -0.89
CA GLY K 14 16.30 -7.98 0.17
C GLY K 14 16.47 -6.87 1.20
N GLY K 15 17.56 -6.11 1.08
CA GLY K 15 17.89 -5.04 1.99
C GLY K 15 17.17 -3.73 1.73
N SER K 16 17.50 -2.73 2.52
CA SER K 16 16.91 -1.39 2.49
C SER K 16 17.94 -0.30 2.31
N LEU K 17 17.52 0.80 1.70
CA LEU K 17 18.36 1.96 1.46
C LEU K 17 17.50 3.23 1.32
N SER K 18 18.04 4.36 1.77
CA SER K 18 17.38 5.65 1.70
C SER K 18 18.24 6.69 1.01
N LEU K 19 17.66 7.37 -0.01
CA LEU K 19 18.34 8.43 -0.77
C LEU K 19 17.74 9.76 -0.39
N SER K 20 18.55 10.83 -0.37
CA SER K 20 18.09 12.19 -0.09
C SER K 20 18.43 13.07 -1.28
N CYS K 21 17.71 14.17 -1.45
CA CYS K 21 17.99 15.16 -2.47
C CYS K 21 17.68 16.54 -1.94
N SER K 22 18.70 17.40 -1.87
CA SER K 22 18.57 18.78 -1.38
C SER K 22 18.46 19.72 -2.57
N ALA K 23 17.44 20.59 -2.55
CA ALA K 23 17.22 21.58 -3.59
C ALA K 23 17.60 22.96 -3.11
N SER K 24 18.14 23.77 -4.02
CA SER K 24 18.50 25.17 -3.78
C SER K 24 17.99 25.99 -4.96
N GLY K 25 17.54 27.19 -4.66
CA GLY K 25 16.98 28.09 -5.68
C GLY K 25 15.79 28.88 -5.19
N ARG K 26 15.21 29.68 -6.11
CA ARG K 26 14.06 30.54 -5.82
C ARG K 26 12.74 29.78 -5.96
N SER K 27 11.78 30.09 -5.05
CA SER K 27 10.41 29.55 -4.97
C SER K 27 10.28 28.06 -5.36
N LEU K 28 10.90 27.20 -4.53
CA LEU K 28 10.93 25.75 -4.70
C LEU K 28 9.56 25.11 -4.47
N SER K 29 8.61 25.85 -3.87
CA SER K 29 7.22 25.45 -3.65
C SER K 29 6.47 25.26 -4.99
N ASN K 30 6.96 25.88 -6.07
CA ASN K 30 6.38 25.78 -7.43
C ASN K 30 6.70 24.43 -8.07
N TYR K 31 7.69 23.71 -7.56
CA TYR K 31 8.21 22.50 -8.18
C TYR K 31 7.73 21.18 -7.65
N TYR K 32 7.51 20.23 -8.58
CA TYR K 32 7.29 18.83 -8.28
C TYR K 32 8.73 18.36 -8.16
N MET K 33 9.02 17.50 -7.18
CA MET K 33 10.36 16.95 -7.01
C MET K 33 10.22 15.45 -7.01
N GLY K 34 11.15 14.76 -7.66
CA GLY K 34 11.04 13.32 -7.71
C GLY K 34 12.27 12.57 -8.08
N TRP K 35 12.08 11.29 -8.41
CA TRP K 35 13.16 10.38 -8.71
C TRP K 35 12.97 9.63 -10.00
N PHE K 36 14.06 9.51 -10.74
CA PHE K 36 14.23 8.74 -11.96
C PHE K 36 15.36 7.77 -11.66
N ARG K 37 15.48 6.73 -12.47
CA ARG K 37 16.58 5.77 -12.42
C ARG K 37 16.88 5.30 -13.84
N GLN K 38 18.12 4.93 -14.08
CA GLN K 38 18.53 4.40 -15.35
C GLN K 38 19.57 3.32 -15.11
N ALA K 39 19.25 2.09 -15.49
CA ALA K 39 20.11 0.92 -15.38
C ALA K 39 21.00 0.80 -16.61
N PRO K 40 22.23 0.23 -16.50
CA PRO K 40 23.11 0.10 -17.67
C PRO K 40 22.45 -0.63 -18.84
N GLY K 41 22.43 0.04 -20.00
CA GLY K 41 21.83 -0.49 -21.23
C GLY K 41 20.31 -0.46 -21.25
N LYS K 42 19.67 0.13 -20.21
CA LYS K 42 18.21 0.23 -20.10
C LYS K 42 17.73 1.69 -20.14
N GLU K 43 16.49 1.90 -20.59
CA GLU K 43 15.86 3.23 -20.69
C GLU K 43 15.60 3.88 -19.31
N ARG K 44 15.84 5.22 -19.25
CA ARG K 44 15.60 6.07 -18.07
C ARG K 44 14.10 6.04 -17.78
N GLU K 45 13.72 5.74 -16.51
CA GLU K 45 12.34 5.64 -16.06
C GLU K 45 12.04 6.51 -14.85
N LEU K 46 10.84 7.10 -14.82
CA LEU K 46 10.37 7.91 -13.72
C LEU K 46 9.80 6.98 -12.65
N LEU K 47 10.30 7.10 -11.40
CA LEU K 47 9.84 6.26 -10.30
C LEU K 47 8.69 6.89 -9.55
N GLY K 48 8.73 8.22 -9.46
CA GLY K 48 7.68 8.95 -8.77
C GLY K 48 8.05 10.38 -8.47
N ASN K 49 7.07 11.13 -7.96
CA ASN K 49 7.24 12.52 -7.62
C ASN K 49 6.31 12.97 -6.50
N ILE K 50 6.64 14.11 -5.90
CA ILE K 50 5.91 14.70 -4.80
C ILE K 50 5.95 16.23 -4.97
N SER K 51 4.80 16.88 -4.93
CA SER K 51 4.78 18.34 -5.04
C SER K 51 4.81 18.96 -3.64
N TRP K 52 4.83 20.31 -3.56
CA TRP K 52 4.89 21.06 -2.31
C TRP K 52 3.78 20.64 -1.35
N ARG K 53 4.16 20.38 -0.08
CA ARG K 53 3.30 19.93 1.03
C ARG K 53 2.69 18.53 0.76
N GLY K 54 3.27 17.77 -0.17
CA GLY K 54 2.87 16.42 -0.54
C GLY K 54 1.50 16.23 -1.16
N TYR K 55 0.92 17.29 -1.77
CA TYR K 55 -0.43 17.29 -2.36
C TYR K 55 -0.62 16.38 -3.56
N ASN K 56 0.44 16.14 -4.33
CA ASN K 56 0.43 15.26 -5.48
C ASN K 56 1.52 14.26 -5.21
N ILE K 57 1.22 12.96 -5.37
CA ILE K 57 2.17 11.87 -5.19
C ILE K 57 1.94 10.88 -6.32
N TYR K 58 3.02 10.45 -6.97
CA TYR K 58 2.94 9.45 -8.02
C TYR K 58 4.01 8.43 -7.77
N TYR K 59 3.68 7.15 -8.00
CA TYR K 59 4.60 6.04 -7.92
C TYR K 59 4.41 5.23 -9.19
N LYS K 60 5.52 4.84 -9.86
CA LYS K 60 5.47 3.94 -11.00
C LYS K 60 5.01 2.60 -10.40
N ASP K 61 4.11 1.88 -11.10
CA ASP K 61 3.52 0.62 -10.63
C ASP K 61 4.52 -0.40 -10.10
N SER K 62 5.67 -0.55 -10.80
CA SER K 62 6.75 -1.49 -10.47
C SER K 62 7.44 -1.27 -9.11
N VAL K 63 7.32 -0.07 -8.52
CA VAL K 63 7.97 0.27 -7.24
C VAL K 63 6.95 0.59 -6.14
N LYS K 64 5.66 0.64 -6.50
CA LYS K 64 4.52 0.92 -5.63
C LYS K 64 4.45 -0.17 -4.56
N GLY K 65 4.44 0.26 -3.29
CA GLY K 65 4.38 -0.66 -2.15
C GLY K 65 5.70 -1.01 -1.52
N ARG K 66 6.82 -0.70 -2.19
CA ARG K 66 8.17 -0.96 -1.67
C ARG K 66 9.00 0.30 -1.57
N PHE K 67 8.73 1.27 -2.46
CA PHE K 67 9.41 2.57 -2.48
C PHE K 67 8.47 3.64 -1.94
N THR K 68 9.00 4.51 -1.06
CA THR K 68 8.25 5.61 -0.47
C THR K 68 8.98 6.92 -0.70
N ILE K 69 8.26 7.92 -1.18
CA ILE K 69 8.80 9.25 -1.41
C ILE K 69 8.19 10.20 -0.38
N SER K 70 9.04 11.01 0.26
CA SER K 70 8.61 12.01 1.24
C SER K 70 9.33 13.35 1.00
N ARG K 71 8.76 14.44 1.53
CA ARG K 71 9.30 15.78 1.34
C ARG K 71 9.27 16.63 2.61
N ASP K 72 10.40 17.31 2.89
CA ASP K 72 10.55 18.25 4.01
C ASP K 72 10.66 19.62 3.35
N ASP K 73 9.59 20.42 3.43
CA ASP K 73 9.54 21.74 2.79
C ASP K 73 10.33 22.81 3.54
N ALA K 74 10.63 22.58 4.82
CA ALA K 74 11.46 23.50 5.61
C ALA K 74 12.93 23.35 5.19
N LYS K 75 13.34 22.11 4.83
CA LYS K 75 14.70 21.79 4.41
C LYS K 75 14.86 21.76 2.89
N ASN K 76 13.73 21.77 2.13
CA ASN K 76 13.69 21.69 0.66
C ASN K 76 14.42 20.43 0.20
N THR K 77 14.09 19.32 0.88
CA THR K 77 14.69 18.01 0.69
C THR K 77 13.61 16.94 0.46
N ILE K 78 13.88 16.04 -0.49
CA ILE K 78 13.03 14.88 -0.76
C ILE K 78 13.81 13.63 -0.41
N TYR K 79 13.10 12.56 -0.07
CA TYR K 79 13.70 11.31 0.35
C TYR K 79 13.08 10.16 -0.43
N LEU K 80 13.90 9.13 -0.73
CA LEU K 80 13.43 7.92 -1.39
C LEU K 80 13.83 6.73 -0.50
N GLN K 81 12.87 6.16 0.22
CA GLN K 81 13.04 5.01 1.10
C GLN K 81 12.71 3.78 0.26
N MET K 82 13.72 2.92 0.01
CA MET K 82 13.63 1.75 -0.86
C MET K 82 13.75 0.49 -0.05
N ASN K 83 12.69 -0.33 -0.02
CA ASN K 83 12.66 -1.58 0.74
C ASN K 83 12.71 -2.76 -0.18
N ARG K 84 13.09 -3.91 0.38
CA ARG K 84 13.15 -5.20 -0.31
C ARG K 84 13.80 -5.08 -1.69
N LEU K 85 14.99 -4.46 -1.73
CA LEU K 85 15.77 -4.20 -2.96
C LEU K 85 16.13 -5.49 -3.67
N LYS K 86 15.97 -5.51 -4.99
CA LYS K 86 16.26 -6.68 -5.83
C LYS K 86 17.37 -6.35 -6.84
N PRO K 87 18.11 -7.33 -7.42
CA PRO K 87 19.16 -6.99 -8.39
C PRO K 87 18.73 -6.05 -9.52
N GLU K 88 17.46 -6.12 -9.97
CA GLU K 88 16.89 -5.25 -11.01
C GLU K 88 16.79 -3.77 -10.58
N ASP K 89 17.00 -3.48 -9.28
CA ASP K 89 16.98 -2.09 -8.79
C ASP K 89 18.36 -1.44 -8.95
N THR K 90 19.38 -2.21 -9.41
CA THR K 90 20.73 -1.68 -9.66
C THR K 90 20.62 -0.67 -10.80
N ALA K 91 20.98 0.58 -10.52
CA ALA K 91 20.90 1.70 -11.43
C ALA K 91 21.51 2.92 -10.81
N VAL K 92 21.59 4.01 -11.60
CA VAL K 92 21.94 5.32 -11.13
C VAL K 92 20.59 6.03 -10.94
N TYR K 93 20.39 6.56 -9.74
CA TYR K 93 19.17 7.22 -9.32
C TYR K 93 19.38 8.71 -9.41
N TYR K 94 18.46 9.40 -10.09
CA TYR K 94 18.55 10.82 -10.31
C TYR K 94 17.39 11.54 -9.69
N CYS K 95 17.71 12.61 -8.98
CA CYS K 95 16.72 13.51 -8.43
C CYS K 95 16.36 14.49 -9.57
N ALA K 96 15.06 14.81 -9.71
CA ALA K 96 14.59 15.75 -10.72
C ALA K 96 13.52 16.70 -10.18
N ALA K 97 13.44 17.92 -10.75
CA ALA K 97 12.50 18.94 -10.34
C ALA K 97 11.96 19.65 -11.57
N SER K 98 10.66 19.96 -11.57
CA SER K 98 9.98 20.60 -12.68
C SER K 98 8.71 21.24 -12.15
N ILE K 99 8.34 22.43 -12.67
CA ILE K 99 7.10 23.10 -12.26
C ILE K 99 5.88 22.32 -12.76
N LEU K 100 6.10 21.40 -13.71
CA LEU K 100 5.10 20.52 -14.28
C LEU K 100 5.32 19.13 -13.69
N PRO K 101 4.28 18.26 -13.61
CA PRO K 101 4.51 16.89 -13.10
C PRO K 101 5.63 16.24 -13.90
N LEU K 102 6.50 15.47 -13.23
CA LEU K 102 7.61 14.84 -13.94
C LEU K 102 7.05 13.82 -14.91
N SER K 103 7.78 13.58 -16.00
CA SER K 103 7.29 12.62 -16.98
C SER K 103 8.39 11.73 -17.52
N ASP K 104 8.00 10.61 -18.13
CA ASP K 104 8.90 9.65 -18.77
C ASP K 104 9.45 10.24 -20.08
N ASP K 105 8.93 11.40 -20.49
CA ASP K 105 9.41 12.17 -21.63
C ASP K 105 9.81 13.56 -21.07
N PRO K 106 10.90 13.69 -20.26
CA PRO K 106 11.24 15.00 -19.69
C PRO K 106 11.77 16.00 -20.72
N GLY K 107 11.41 17.26 -20.51
CA GLY K 107 11.81 18.35 -21.40
C GLY K 107 12.88 19.26 -20.84
N TRP K 108 12.97 20.47 -21.43
CA TRP K 108 13.98 21.44 -21.04
C TRP K 108 13.59 22.24 -19.82
N ASN K 109 12.39 22.00 -19.29
CA ASN K 109 11.97 22.66 -18.06
C ASN K 109 12.06 21.72 -16.85
N THR K 110 12.95 20.70 -16.92
CA THR K 110 13.19 19.80 -15.78
C THR K 110 14.67 19.85 -15.45
N TYR K 111 14.94 20.05 -14.15
CA TYR K 111 16.28 20.17 -13.57
C TYR K 111 16.68 18.84 -12.99
N TRP K 112 17.98 18.55 -13.03
CA TRP K 112 18.50 17.26 -12.60
C TRP K 112 19.60 17.32 -11.58
N GLY K 113 19.66 16.27 -10.77
CA GLY K 113 20.75 16.08 -9.81
C GLY K 113 21.91 15.42 -10.54
N GLN K 114 23.04 15.22 -9.82
CA GLN K 114 24.28 14.63 -10.34
C GLN K 114 24.16 13.12 -10.56
N GLY K 115 23.17 12.49 -9.89
CA GLY K 115 22.95 11.04 -9.94
C GLY K 115 23.73 10.32 -8.85
N THR K 116 23.13 9.25 -8.30
CA THR K 116 23.76 8.45 -7.25
C THR K 116 23.62 6.97 -7.61
N GLN K 117 24.75 6.24 -7.60
CA GLN K 117 24.76 4.82 -7.91
C GLN K 117 24.25 3.98 -6.75
N VAL K 118 23.37 3.01 -7.06
CA VAL K 118 22.82 2.02 -6.13
C VAL K 118 23.08 0.66 -6.78
N THR K 119 23.83 -0.20 -6.08
CA THR K 119 24.15 -1.54 -6.55
C THR K 119 23.54 -2.52 -5.56
N VAL K 120 22.74 -3.46 -6.07
CA VAL K 120 22.08 -4.48 -5.25
C VAL K 120 22.68 -5.87 -5.54
N SER K 121 23.05 -6.61 -4.46
CA SER K 121 23.58 -7.98 -4.36
C SER K 121 25.10 -8.03 -4.45
N VAL L 1 -18.52 42.78 1.16
CA VAL L 1 -19.83 43.33 0.81
C VAL L 1 -20.86 43.04 1.90
N GLN L 2 -21.53 44.09 2.38
CA GLN L 2 -22.57 44.01 3.40
C GLN L 2 -23.91 44.39 2.78
N LEU L 3 -24.96 43.61 3.08
CA LEU L 3 -26.31 43.83 2.56
C LEU L 3 -27.32 44.01 3.68
N VAL L 4 -28.15 45.05 3.56
CA VAL L 4 -29.17 45.32 4.57
C VAL L 4 -30.53 45.48 3.91
N GLU L 5 -31.44 44.58 4.25
CA GLU L 5 -32.80 44.60 3.73
C GLU L 5 -33.65 45.53 4.55
N SER L 6 -34.77 45.94 3.97
CA SER L 6 -35.80 46.74 4.62
C SER L 6 -37.14 46.44 3.94
N GLY L 7 -38.22 46.66 4.68
CA GLY L 7 -39.58 46.37 4.26
C GLY L 7 -40.01 45.05 4.84
N GLY L 8 -41.12 44.54 4.36
CA GLY L 8 -41.63 43.27 4.85
C GLY L 8 -42.57 43.41 6.03
N GLY L 9 -42.85 42.27 6.67
CA GLY L 9 -43.75 42.17 7.81
C GLY L 9 -45.11 41.61 7.40
N LEU L 10 -46.16 41.97 8.16
CA LEU L 10 -47.54 41.53 7.88
C LEU L 10 -48.15 42.31 6.75
N VAL L 11 -48.72 41.62 5.79
CA VAL L 11 -49.35 42.19 4.60
C VAL L 11 -50.61 41.42 4.23
N GLN L 12 -51.56 42.09 3.60
CA GLN L 12 -52.85 41.54 3.22
C GLN L 12 -52.74 40.79 1.88
N ALA L 13 -53.39 39.62 1.77
CA ALA L 13 -53.43 38.86 0.51
C ALA L 13 -54.09 39.69 -0.58
N GLY L 14 -53.50 39.63 -1.77
CA GLY L 14 -53.94 40.37 -2.95
C GLY L 14 -53.29 41.73 -3.02
N GLY L 15 -52.62 42.13 -1.95
CA GLY L 15 -51.97 43.43 -1.86
C GLY L 15 -50.62 43.48 -2.52
N SER L 16 -49.89 44.56 -2.26
CA SER L 16 -48.56 44.81 -2.79
C SER L 16 -47.57 45.09 -1.68
N LEU L 17 -46.30 44.80 -1.94
CA LEU L 17 -45.22 45.05 -1.00
C LEU L 17 -43.93 45.26 -1.81
N SER L 18 -43.08 46.16 -1.31
CA SER L 18 -41.77 46.45 -1.87
C SER L 18 -40.67 46.25 -0.83
N LEU L 19 -39.66 45.45 -1.18
CA LEU L 19 -38.51 45.21 -0.32
C LEU L 19 -37.35 45.94 -0.92
N SER L 20 -36.46 46.47 -0.07
CA SER L 20 -35.25 47.17 -0.53
C SER L 20 -34.05 46.44 0.04
N CYS L 21 -32.90 46.59 -0.63
CA CYS L 21 -31.62 46.04 -0.16
C CYS L 21 -30.52 47.00 -0.51
N SER L 22 -29.84 47.53 0.51
CA SER L 22 -28.73 48.46 0.37
C SER L 22 -27.42 47.70 0.51
N ALA L 23 -26.52 47.90 -0.45
CA ALA L 23 -25.22 47.27 -0.44
C ALA L 23 -24.15 48.28 -0.09
N SER L 24 -23.15 47.83 0.65
CA SER L 24 -21.98 48.63 1.04
C SER L 24 -20.72 47.79 0.79
N GLY L 25 -19.66 48.44 0.36
CA GLY L 25 -18.39 47.81 0.04
C GLY L 25 -17.73 48.40 -1.20
N ARG L 26 -16.58 47.82 -1.59
CA ARG L 26 -15.82 48.27 -2.77
C ARG L 26 -16.32 47.61 -4.05
N SER L 27 -16.28 48.40 -5.15
CA SER L 27 -16.63 48.06 -6.54
C SER L 27 -17.88 47.14 -6.65
N LEU L 28 -19.03 47.69 -6.23
CA LEU L 28 -20.31 46.99 -6.25
C LEU L 28 -20.86 46.77 -7.67
N SER L 29 -20.28 47.47 -8.66
CA SER L 29 -20.56 47.32 -10.10
C SER L 29 -20.17 45.90 -10.61
N ASN L 30 -19.27 45.21 -9.89
CA ASN L 30 -18.85 43.85 -10.24
C ASN L 30 -19.91 42.80 -9.87
N TYR L 31 -20.88 43.16 -9.02
CA TYR L 31 -21.83 42.21 -8.46
C TYR L 31 -23.18 42.14 -9.10
N TYR L 32 -23.70 40.91 -9.21
CA TYR L 32 -25.09 40.62 -9.53
C TYR L 32 -25.75 40.77 -8.17
N MET L 33 -26.92 41.39 -8.10
CA MET L 33 -27.64 41.55 -6.85
C MET L 33 -29.03 40.97 -7.05
N GLY L 34 -29.53 40.26 -6.06
CA GLY L 34 -30.84 39.64 -6.21
C GLY L 34 -31.51 39.19 -4.94
N TRP L 35 -32.57 38.39 -5.13
CA TRP L 35 -33.44 37.91 -4.05
C TRP L 35 -33.70 36.44 -4.08
N PHE L 36 -33.66 35.88 -2.89
CA PHE L 36 -33.98 34.49 -2.57
C PHE L 36 -35.12 34.55 -1.56
N ARG L 37 -35.83 33.44 -1.39
CA ARG L 37 -36.85 33.27 -0.37
C ARG L 37 -36.81 31.82 0.09
N GLN L 38 -37.28 31.60 1.31
CA GLN L 38 -37.39 30.26 1.85
C GLN L 38 -38.66 30.20 2.70
N ALA L 39 -39.68 29.53 2.12
CA ALA L 39 -41.01 29.36 2.66
C ALA L 39 -41.04 28.15 3.54
N PRO L 40 -41.90 28.12 4.60
CA PRO L 40 -41.94 26.93 5.49
C PRO L 40 -42.16 25.62 4.75
N GLY L 41 -41.24 24.68 4.92
CA GLY L 41 -41.30 23.37 4.29
C GLY L 41 -40.94 23.36 2.82
N LYS L 42 -40.52 24.52 2.27
CA LYS L 42 -40.15 24.65 0.86
C LYS L 42 -38.67 24.98 0.71
N GLU L 43 -37.99 24.39 -0.27
CA GLU L 43 -36.54 24.59 -0.45
C GLU L 43 -36.17 26.03 -0.76
N ARG L 44 -35.07 26.54 -0.20
CA ARG L 44 -34.58 27.89 -0.50
C ARG L 44 -34.52 28.03 -2.04
N GLU L 45 -35.10 29.13 -2.59
CA GLU L 45 -35.20 29.37 -4.02
C GLU L 45 -34.76 30.74 -4.42
N LEU L 46 -34.06 30.82 -5.56
CA LEU L 46 -33.65 32.09 -6.15
C LEU L 46 -34.84 32.64 -6.94
N LEU L 47 -35.26 33.89 -6.63
CA LEU L 47 -36.38 34.54 -7.30
C LEU L 47 -35.92 35.30 -8.54
N GLY L 48 -34.73 35.87 -8.45
CA GLY L 48 -34.15 36.61 -9.55
C GLY L 48 -32.97 37.46 -9.17
N ASN L 49 -32.35 38.07 -10.18
CA ASN L 49 -31.18 38.92 -10.01
C ASN L 49 -31.07 39.97 -11.10
N ILE L 50 -30.26 40.99 -10.83
CA ILE L 50 -30.01 42.12 -11.71
C ILE L 50 -28.53 42.53 -11.56
N SER L 51 -27.81 42.62 -12.68
CA SER L 51 -26.42 43.05 -12.60
C SER L 51 -26.34 44.57 -12.78
N TRP L 52 -25.12 45.13 -12.70
CA TRP L 52 -24.88 46.58 -12.81
C TRP L 52 -25.47 47.14 -14.09
N ARG L 53 -26.21 48.26 -13.96
CA ARG L 53 -26.92 48.98 -15.05
C ARG L 53 -28.04 48.13 -15.69
N GLY L 54 -28.47 47.07 -14.99
CA GLY L 54 -29.54 46.17 -15.40
C GLY L 54 -29.32 45.33 -16.66
N TYR L 55 -28.06 45.08 -17.03
CA TYR L 55 -27.67 44.34 -18.25
C TYR L 55 -28.08 42.87 -18.28
N ASN L 56 -28.19 42.25 -17.11
CA ASN L 56 -28.62 40.87 -16.96
C ASN L 56 -29.77 40.94 -15.98
N ILE L 57 -30.89 40.28 -16.31
CA ILE L 57 -32.07 40.18 -15.46
C ILE L 57 -32.57 38.75 -15.54
N TYR L 58 -32.88 38.17 -14.39
CA TYR L 58 -33.43 36.82 -14.33
C TYR L 58 -34.58 36.83 -13.36
N TYR L 59 -35.65 36.12 -13.72
CA TYR L 59 -36.81 35.90 -12.87
C TYR L 59 -37.11 34.41 -12.91
N LYS L 60 -37.35 33.80 -11.73
CA LYS L 60 -37.80 32.42 -11.66
C LYS L 60 -39.22 32.45 -12.28
N ASP L 61 -39.56 31.43 -13.10
CA ASP L 61 -40.85 31.34 -13.80
C ASP L 61 -42.08 31.58 -12.90
N SER L 62 -42.09 31.05 -11.67
CA SER L 62 -43.20 31.13 -10.71
C SER L 62 -43.56 32.55 -10.23
N VAL L 63 -42.63 33.52 -10.36
CA VAL L 63 -42.84 34.89 -9.89
C VAL L 63 -42.82 35.90 -11.04
N LYS L 64 -42.46 35.42 -12.26
CA LYS L 64 -42.40 36.20 -13.51
C LYS L 64 -43.80 36.75 -13.80
N GLY L 65 -43.88 38.07 -14.00
CA GLY L 65 -45.14 38.75 -14.27
C GLY L 65 -45.81 39.38 -13.07
N ARG L 66 -45.35 39.06 -11.84
CA ARG L 66 -45.90 39.65 -10.60
C ARG L 66 -44.83 40.28 -9.76
N PHE L 67 -43.59 39.76 -9.85
CA PHE L 67 -42.45 40.29 -9.12
C PHE L 67 -41.55 41.04 -10.10
N THR L 68 -41.07 42.21 -9.68
CA THR L 68 -40.18 43.06 -10.47
C THR L 68 -38.95 43.40 -9.63
N ILE L 69 -37.78 43.26 -10.24
CA ILE L 69 -36.53 43.61 -9.61
C ILE L 69 -35.96 44.84 -10.34
N SER L 70 -35.54 45.85 -9.57
CA SER L 70 -34.95 47.07 -10.11
C SER L 70 -33.71 47.44 -9.32
N ARG L 71 -32.82 48.24 -9.94
CA ARG L 71 -31.55 48.62 -9.32
C ARG L 71 -31.20 50.09 -9.53
N ASP L 72 -30.79 50.74 -8.44
CA ASP L 72 -30.31 52.13 -8.42
C ASP L 72 -28.80 52.03 -8.15
N ASP L 73 -27.99 52.25 -9.19
CA ASP L 73 -26.54 52.15 -9.08
C ASP L 73 -25.89 53.33 -8.38
N ALA L 74 -26.58 54.48 -8.30
CA ALA L 74 -26.09 55.65 -7.57
C ALA L 74 -26.22 55.40 -6.05
N LYS L 75 -27.27 54.66 -5.65
CA LYS L 75 -27.57 54.35 -4.26
C LYS L 75 -27.08 52.97 -3.85
N ASN L 76 -26.69 52.13 -4.83
CA ASN L 76 -26.24 50.72 -4.64
C ASN L 76 -27.33 49.93 -3.91
N THR L 77 -28.56 50.11 -4.39
CA THR L 77 -29.78 49.54 -3.83
C THR L 77 -30.60 48.80 -4.89
N ILE L 78 -31.14 47.65 -4.50
CA ILE L 78 -32.04 46.86 -5.33
C ILE L 78 -33.40 46.84 -4.66
N TYR L 79 -34.44 46.66 -5.46
CA TYR L 79 -35.80 46.65 -4.97
C TYR L 79 -36.53 45.45 -5.50
N LEU L 80 -37.42 44.88 -4.69
CA LEU L 80 -38.25 43.76 -5.08
C LEU L 80 -39.68 44.18 -4.91
N GLN L 81 -40.33 44.40 -6.05
CA GLN L 81 -41.72 44.80 -6.13
C GLN L 81 -42.56 43.54 -6.27
N MET L 82 -43.36 43.28 -5.25
CA MET L 82 -44.19 42.07 -5.21
C MET L 82 -45.65 42.41 -5.28
N ASN L 83 -46.30 42.05 -6.38
CA ASN L 83 -47.71 42.35 -6.60
C ASN L 83 -48.56 41.12 -6.41
N ARG L 84 -49.87 41.35 -6.17
CA ARG L 84 -50.90 40.32 -6.04
C ARG L 84 -50.46 39.20 -5.14
N LEU L 85 -50.08 39.58 -3.91
CA LEU L 85 -49.58 38.74 -2.83
C LEU L 85 -50.49 37.57 -2.53
N LYS L 86 -49.93 36.36 -2.46
CA LYS L 86 -50.77 35.22 -2.13
C LYS L 86 -50.25 34.56 -0.84
N PRO L 87 -51.08 33.81 -0.06
CA PRO L 87 -50.55 33.16 1.16
C PRO L 87 -49.26 32.36 0.98
N GLU L 88 -49.03 31.76 -0.22
CA GLU L 88 -47.82 31.00 -0.58
C GLU L 88 -46.56 31.88 -0.69
N ASP L 89 -46.73 33.22 -0.66
CA ASP L 89 -45.57 34.11 -0.69
C ASP L 89 -45.05 34.34 0.73
N THR L 90 -45.74 33.81 1.77
CA THR L 90 -45.27 33.86 3.16
C THR L 90 -43.94 33.09 3.24
N ALA L 91 -42.87 33.79 3.56
CA ALA L 91 -41.48 33.29 3.61
C ALA L 91 -40.58 34.33 4.20
N VAL L 92 -39.33 33.94 4.40
CA VAL L 92 -38.27 34.87 4.76
C VAL L 92 -37.56 35.12 3.45
N TYR L 93 -37.43 36.41 3.11
CA TYR L 93 -36.82 36.90 1.88
C TYR L 93 -35.43 37.36 2.19
N TYR L 94 -34.47 36.90 1.39
CA TYR L 94 -33.07 37.22 1.58
C TYR L 94 -32.51 37.94 0.37
N CYS L 95 -31.81 39.03 0.62
CA CYS L 95 -31.04 39.74 -0.39
C CYS L 95 -29.73 38.95 -0.51
N ALA L 96 -29.12 38.94 -1.71
CA ALA L 96 -27.87 38.26 -2.00
C ALA L 96 -27.12 38.98 -3.12
N ALA L 97 -25.78 38.91 -3.09
CA ALA L 97 -24.88 39.52 -4.04
C ALA L 97 -23.72 38.59 -4.33
N SER L 98 -23.31 38.50 -5.60
CA SER L 98 -22.17 37.68 -6.04
C SER L 98 -21.62 38.26 -7.32
N ILE L 99 -20.32 38.07 -7.58
CA ILE L 99 -19.70 38.53 -8.83
C ILE L 99 -20.09 37.58 -9.98
N LEU L 100 -20.65 36.42 -9.64
CA LEU L 100 -21.15 35.43 -10.60
C LEU L 100 -22.69 35.50 -10.55
N PRO L 101 -23.39 35.10 -11.64
CA PRO L 101 -24.86 35.10 -11.56
C PRO L 101 -25.32 34.27 -10.36
N LEU L 102 -26.34 34.75 -9.64
CA LEU L 102 -26.81 34.01 -8.47
C LEU L 102 -27.36 32.67 -8.90
N SER L 103 -27.30 31.70 -8.01
CA SER L 103 -27.79 30.40 -8.37
C SER L 103 -28.57 29.74 -7.25
N ASP L 104 -29.36 28.70 -7.60
CA ASP L 104 -30.14 27.91 -6.64
C ASP L 104 -29.23 27.03 -5.80
N ASP L 105 -27.94 26.99 -6.14
CA ASP L 105 -26.89 26.29 -5.37
C ASP L 105 -25.81 27.37 -5.05
N PRO L 106 -26.11 28.33 -4.14
CA PRO L 106 -25.12 29.40 -3.87
C PRO L 106 -23.92 28.91 -3.06
N GLY L 107 -22.76 29.44 -3.40
CA GLY L 107 -21.49 29.08 -2.79
C GLY L 107 -20.94 30.10 -1.82
N TRP L 108 -19.63 30.01 -1.56
CA TRP L 108 -18.89 30.83 -0.63
C TRP L 108 -18.59 32.23 -1.18
N ASN L 109 -18.85 32.45 -2.48
CA ASN L 109 -18.63 33.76 -3.06
C ASN L 109 -19.95 34.53 -3.23
N THR L 110 -20.96 34.21 -2.41
CA THR L 110 -22.23 34.95 -2.40
C THR L 110 -22.47 35.48 -1.00
N TYR L 111 -22.79 36.78 -0.93
CA TYR L 111 -23.02 37.54 0.30
C TYR L 111 -24.49 37.64 0.55
N TRP L 112 -24.89 37.69 1.81
CA TRP L 112 -26.29 37.66 2.18
C TRP L 112 -26.71 38.78 3.10
N GLY L 113 -27.99 39.15 2.98
CA GLY L 113 -28.65 40.10 3.87
C GLY L 113 -29.04 39.36 5.13
N GLN L 114 -29.71 40.05 6.08
CA GLN L 114 -30.09 39.42 7.36
C GLN L 114 -31.38 38.55 7.27
N GLY L 115 -32.11 38.72 6.18
CA GLY L 115 -33.40 38.08 5.96
C GLY L 115 -34.53 38.94 6.47
N THR L 116 -35.63 39.02 5.72
CA THR L 116 -36.79 39.82 6.12
C THR L 116 -38.03 38.93 6.01
N GLN L 117 -38.79 38.84 7.09
CA GLN L 117 -40.01 38.04 7.11
C GLN L 117 -41.14 38.78 6.42
N VAL L 118 -41.87 38.06 5.56
CA VAL L 118 -43.08 38.55 4.87
C VAL L 118 -44.17 37.53 5.21
N THR L 119 -45.25 37.99 5.86
CA THR L 119 -46.37 37.14 6.25
C THR L 119 -47.59 37.65 5.53
N VAL L 120 -48.19 36.79 4.69
CA VAL L 120 -49.36 37.16 3.90
C VAL L 120 -50.64 36.64 4.54
N SER L 121 -51.67 37.49 4.56
CA SER L 121 -53.05 37.26 5.03
C SER L 121 -53.12 37.23 6.55
#